data_2QDO
# 
_entry.id   2QDO 
# 
_audit_conform.dict_name       mmcif_pdbx.dic 
_audit_conform.dict_version    5.377 
_audit_conform.dict_location   http://mmcif.pdb.org/dictionaries/ascii/mmcif_pdbx.dic 
# 
loop_
_database_2.database_id 
_database_2.database_code 
_database_2.pdbx_database_accession 
_database_2.pdbx_DOI 
PDB   2QDO         pdb_00002qdo 10.2210/pdb2qdo/pdb 
RCSB  RCSB043467   ?            ?                   
WWPDB D_1000043467 ?            ?                   
# 
_pdbx_database_related.db_name        PDB 
_pdbx_database_related.db_id          2Q8V 
_pdbx_database_related.details        'NblA from T. vulcanus crystallized with urea' 
_pdbx_database_related.content_type   unspecified 
# 
_pdbx_database_status.entry_id                        2QDO 
_pdbx_database_status.status_code                     REL 
_pdbx_database_status.status_code_sf                  REL 
_pdbx_database_status.deposit_site                    RCSB 
_pdbx_database_status.process_site                    RCSB 
_pdbx_database_status.recvd_initial_deposition_date   2007-06-21 
_pdbx_database_status.SG_entry                        N 
_pdbx_database_status.status_code_mr                  ? 
_pdbx_database_status.status_code_cs                  ? 
_pdbx_database_status.methods_development_category    ? 
_pdbx_database_status.pdb_format_compatible           Y 
_pdbx_database_status.status_code_nmr_data            ? 
# 
loop_
_audit_author.name 
_audit_author.pdbx_ordinal 
'Dines, M.' 1 
'Adir, N.'  2 
# 
_citation.id                        primary 
_citation.title                     
;Structural, Functional, and Mutational Analysis of the NblA Protein Provides Insight into Possible Modes of Interaction with the Phycobilisome
;
_citation.journal_abbrev            J.Biol.Chem. 
_citation.journal_volume            283 
_citation.page_first                30330 
_citation.page_last                 30340 
_citation.year                      2008 
_citation.journal_id_ASTM           JBCHA3 
_citation.country                   US 
_citation.journal_id_ISSN           0021-9258 
_citation.journal_id_CSD            0071 
_citation.book_publisher            ? 
_citation.pdbx_database_id_PubMed   18718907 
_citation.pdbx_database_id_DOI      10.1074/jbc.M804241200 
# 
loop_
_citation_author.citation_id 
_citation_author.name 
_citation_author.ordinal 
_citation_author.identifier_ORCID 
primary 'Dines, M.'     1 ? 
primary 'Sendersky, E.' 2 ? 
primary 'David, L.'     3 ? 
primary 'Schwarz, R.'   4 ? 
primary 'Adir, N.'      5 ? 
# 
_cell.entry_id           2QDO 
_cell.length_a           42.190 
_cell.length_b           42.390 
_cell.length_c           50.560 
_cell.angle_alpha        69.00 
_cell.angle_beta         83.36 
_cell.angle_gamma        61.25 
_cell.Z_PDB              4 
_cell.pdbx_unique_axis   ? 
_cell.length_a_esd       ? 
_cell.length_b_esd       ? 
_cell.length_c_esd       ? 
_cell.angle_alpha_esd    ? 
_cell.angle_beta_esd     ? 
_cell.angle_gamma_esd    ? 
# 
_symmetry.entry_id                         2QDO 
_symmetry.space_group_name_H-M             'P 1' 
_symmetry.pdbx_full_space_group_name_H-M   ? 
_symmetry.Int_Tables_number                1 
_symmetry.cell_setting                     ? 
_symmetry.space_group_name_Hall            ? 
# 
loop_
_entity.id 
_entity.type 
_entity.src_method 
_entity.pdbx_description 
_entity.formula_weight 
_entity.pdbx_number_of_molecules 
_entity.pdbx_ec 
_entity.pdbx_mutation 
_entity.pdbx_fragment 
_entity.details 
1 polymer man 'NblA protein' 6347.477 4  ? ? ? ? 
2 water   nat water          18.015   18 ? ? ? ? 
# 
_entity_name_com.entity_id   1 
_entity_name_com.name        'Phycobilisome degradation protein' 
# 
_entity_poly.entity_id                      1 
_entity_poly.type                           'polypeptide(L)' 
_entity_poly.nstd_linkage                   no 
_entity_poly.nstd_monomer                   no 
_entity_poly.pdbx_seq_one_letter_code       LVDLSFEQEFQMRVMEEQVSAMSLQEARELLLQASRLLMMKDNVIRSLVKRAAR 
_entity_poly.pdbx_seq_one_letter_code_can   LVDLSFEQEFQMRVMEEQVSAMSLQEARELLLQASRLLMMKDNVIRSLVKRAAR 
_entity_poly.pdbx_strand_id                 A,B,C,D 
_entity_poly.pdbx_target_identifier         ? 
# 
loop_
_entity_poly_seq.entity_id 
_entity_poly_seq.num 
_entity_poly_seq.mon_id 
_entity_poly_seq.hetero 
1 1  LEU n 
1 2  VAL n 
1 3  ASP n 
1 4  LEU n 
1 5  SER n 
1 6  PHE n 
1 7  GLU n 
1 8  GLN n 
1 9  GLU n 
1 10 PHE n 
1 11 GLN n 
1 12 MET n 
1 13 ARG n 
1 14 VAL n 
1 15 MET n 
1 16 GLU n 
1 17 GLU n 
1 18 GLN n 
1 19 VAL n 
1 20 SER n 
1 21 ALA n 
1 22 MET n 
1 23 SER n 
1 24 LEU n 
1 25 GLN n 
1 26 GLU n 
1 27 ALA n 
1 28 ARG n 
1 29 GLU n 
1 30 LEU n 
1 31 LEU n 
1 32 LEU n 
1 33 GLN n 
1 34 ALA n 
1 35 SER n 
1 36 ARG n 
1 37 LEU n 
1 38 LEU n 
1 39 MET n 
1 40 MET n 
1 41 LYS n 
1 42 ASP n 
1 43 ASN n 
1 44 VAL n 
1 45 ILE n 
1 46 ARG n 
1 47 SER n 
1 48 LEU n 
1 49 VAL n 
1 50 LYS n 
1 51 ARG n 
1 52 ALA n 
1 53 ALA n 
1 54 ARG n 
# 
_entity_src_gen.entity_id                          1 
_entity_src_gen.pdbx_src_id                        1 
_entity_src_gen.pdbx_alt_source_flag               sample 
_entity_src_gen.pdbx_seq_type                      ? 
_entity_src_gen.pdbx_beg_seq_num                   ? 
_entity_src_gen.pdbx_end_seq_num                   ? 
_entity_src_gen.gene_src_common_name               ? 
_entity_src_gen.gene_src_genus                     ? 
_entity_src_gen.pdbx_gene_src_gene                 nbla 
_entity_src_gen.gene_src_species                   ? 
_entity_src_gen.gene_src_strain                    ? 
_entity_src_gen.gene_src_tissue                    ? 
_entity_src_gen.gene_src_tissue_fraction           ? 
_entity_src_gen.gene_src_details                   ? 
_entity_src_gen.pdbx_gene_src_fragment             ? 
_entity_src_gen.pdbx_gene_src_scientific_name      'Thermosynechococcus vulcanus' 
_entity_src_gen.pdbx_gene_src_ncbi_taxonomy_id     ? 
_entity_src_gen.pdbx_gene_src_variant              ? 
_entity_src_gen.pdbx_gene_src_cell_line            ? 
_entity_src_gen.pdbx_gene_src_atcc                 ? 
_entity_src_gen.pdbx_gene_src_organ                ? 
_entity_src_gen.pdbx_gene_src_organelle            ? 
_entity_src_gen.pdbx_gene_src_cell                 ? 
_entity_src_gen.pdbx_gene_src_cellular_location    ? 
_entity_src_gen.host_org_common_name               ? 
_entity_src_gen.pdbx_host_org_scientific_name      'Escherichia coli' 
_entity_src_gen.pdbx_host_org_ncbi_taxonomy_id     ? 
_entity_src_gen.host_org_genus                     ? 
_entity_src_gen.pdbx_host_org_gene                 ? 
_entity_src_gen.pdbx_host_org_organ                ? 
_entity_src_gen.host_org_species                   ? 
_entity_src_gen.pdbx_host_org_tissue               ? 
_entity_src_gen.pdbx_host_org_tissue_fraction      ? 
_entity_src_gen.pdbx_host_org_strain               ? 
_entity_src_gen.pdbx_host_org_variant              ? 
_entity_src_gen.pdbx_host_org_cell_line            ? 
_entity_src_gen.pdbx_host_org_atcc                 ? 
_entity_src_gen.pdbx_host_org_culture_collection   ? 
_entity_src_gen.pdbx_host_org_cell                 ? 
_entity_src_gen.pdbx_host_org_organelle            ? 
_entity_src_gen.pdbx_host_org_cellular_location    ? 
_entity_src_gen.pdbx_host_org_vector_type          plasmid 
_entity_src_gen.pdbx_host_org_vector               ? 
_entity_src_gen.host_org_details                   ? 
_entity_src_gen.expression_system_id               ? 
_entity_src_gen.plasmid_name                       pQE60 
_entity_src_gen.plasmid_details                    ? 
_entity_src_gen.pdbx_description                   ? 
# 
_struct_ref.id                         1 
_struct_ref.db_name                    PDB 
_struct_ref.db_code                    2QDO 
_struct_ref.pdbx_db_accession          2QDO 
_struct_ref.entity_id                  1 
_struct_ref.pdbx_align_begin           ? 
_struct_ref.pdbx_seq_one_letter_code   ? 
_struct_ref.pdbx_db_isoform            ? 
# 
loop_
_struct_ref_seq.align_id 
_struct_ref_seq.ref_id 
_struct_ref_seq.pdbx_PDB_id_code 
_struct_ref_seq.pdbx_strand_id 
_struct_ref_seq.seq_align_beg 
_struct_ref_seq.pdbx_seq_align_beg_ins_code 
_struct_ref_seq.seq_align_end 
_struct_ref_seq.pdbx_seq_align_end_ins_code 
_struct_ref_seq.pdbx_db_accession 
_struct_ref_seq.db_align_beg 
_struct_ref_seq.pdbx_db_align_beg_ins_code 
_struct_ref_seq.db_align_end 
_struct_ref_seq.pdbx_db_align_end_ins_code 
_struct_ref_seq.pdbx_auth_seq_align_beg 
_struct_ref_seq.pdbx_auth_seq_align_end 
1 1 2QDO A 1 ? 54 ? 2QDO 9 ? 62 ? 9 62 
2 1 2QDO B 1 ? 54 ? 2QDO 9 ? 62 ? 9 62 
3 1 2QDO C 1 ? 54 ? 2QDO 9 ? 62 ? 9 62 
4 1 2QDO D 1 ? 54 ? 2QDO 9 ? 62 ? 9 62 
# 
loop_
_chem_comp.id 
_chem_comp.type 
_chem_comp.mon_nstd_flag 
_chem_comp.name 
_chem_comp.pdbx_synonyms 
_chem_comp.formula 
_chem_comp.formula_weight 
ALA 'L-peptide linking' y ALANINE         ? 'C3 H7 N O2'     89.093  
ARG 'L-peptide linking' y ARGININE        ? 'C6 H15 N4 O2 1' 175.209 
ASN 'L-peptide linking' y ASPARAGINE      ? 'C4 H8 N2 O3'    132.118 
ASP 'L-peptide linking' y 'ASPARTIC ACID' ? 'C4 H7 N O4'     133.103 
GLN 'L-peptide linking' y GLUTAMINE       ? 'C5 H10 N2 O3'   146.144 
GLU 'L-peptide linking' y 'GLUTAMIC ACID' ? 'C5 H9 N O4'     147.129 
HOH non-polymer         . WATER           ? 'H2 O'           18.015  
ILE 'L-peptide linking' y ISOLEUCINE      ? 'C6 H13 N O2'    131.173 
LEU 'L-peptide linking' y LEUCINE         ? 'C6 H13 N O2'    131.173 
LYS 'L-peptide linking' y LYSINE          ? 'C6 H15 N2 O2 1' 147.195 
MET 'L-peptide linking' y METHIONINE      ? 'C5 H11 N O2 S'  149.211 
PHE 'L-peptide linking' y PHENYLALANINE   ? 'C9 H11 N O2'    165.189 
SER 'L-peptide linking' y SERINE          ? 'C3 H7 N O3'     105.093 
VAL 'L-peptide linking' y VALINE          ? 'C5 H11 N O2'    117.146 
# 
_exptl.entry_id          2QDO 
_exptl.method            'X-RAY DIFFRACTION' 
_exptl.crystals_number   1 
# 
_exptl_crystal.id                    1 
_exptl_crystal.density_meas          ? 
_exptl_crystal.density_Matthews      2.91 
_exptl_crystal.density_percent_sol   57.70 
_exptl_crystal.description           ? 
_exptl_crystal.F_000                 ? 
_exptl_crystal.preparation           ? 
# 
_exptl_crystal_grow.crystal_id      1 
_exptl_crystal_grow.method          'VAPOR DIFFUSION, HANGING DROP' 
_exptl_crystal_grow.temp            293 
_exptl_crystal_grow.pH              8.0 
_exptl_crystal_grow.pdbx_details    '25% ethylene glycol, pH 8.0, VAPOR DIFFUSION, HANGING DROP, temperature 293K' 
_exptl_crystal_grow.temp_details    ? 
_exptl_crystal_grow.pdbx_pH_range   . 
# 
_diffrn.id                     1 
_diffrn.ambient_temp           100 
_diffrn.ambient_temp_details   ? 
_diffrn.crystal_id             1 
# 
_diffrn_detector.diffrn_id              1 
_diffrn_detector.detector               CCD 
_diffrn_detector.type                   'ADSC QUANTUM 4' 
_diffrn_detector.pdbx_collection_date   ? 
_diffrn_detector.details                ? 
# 
_diffrn_radiation.diffrn_id                        1 
_diffrn_radiation.wavelength_id                    1 
_diffrn_radiation.pdbx_monochromatic_or_laue_m_l   M 
_diffrn_radiation.monochromator                    ? 
_diffrn_radiation.pdbx_diffrn_protocol             'SINGLE WAVELENGTH' 
_diffrn_radiation.pdbx_scattering_type             x-ray 
# 
_diffrn_radiation_wavelength.id           1 
_diffrn_radiation_wavelength.wavelength   0.9792 
_diffrn_radiation_wavelength.wt           1.0 
# 
_diffrn_source.diffrn_id                   1 
_diffrn_source.source                      SYNCHROTRON 
_diffrn_source.type                        'ESRF BEAMLINE ID14-1' 
_diffrn_source.pdbx_synchrotron_site       ESRF 
_diffrn_source.pdbx_synchrotron_beamline   ID14-1 
_diffrn_source.pdbx_wavelength             ? 
_diffrn_source.pdbx_wavelength_list        0.9792 
# 
_reflns.entry_id                     2QDO 
_reflns.observed_criterion_sigma_F   ? 
_reflns.observed_criterion_sigma_I   0 
_reflns.d_resolution_high            2.5 
_reflns.d_resolution_low             47 
_reflns.number_all                   9900 
_reflns.number_obs                   9900 
_reflns.percent_possible_obs         96.7 
_reflns.pdbx_Rmerge_I_obs            0.09 
_reflns.pdbx_Rsym_value              ? 
_reflns.pdbx_netI_over_sigmaI        19.5 
_reflns.B_iso_Wilson_estimate        ? 
_reflns.pdbx_redundancy              2 
_reflns.R_free_details               ? 
_reflns.limit_h_max                  ? 
_reflns.limit_h_min                  ? 
_reflns.limit_k_max                  ? 
_reflns.limit_k_min                  ? 
_reflns.limit_l_max                  ? 
_reflns.limit_l_min                  ? 
_reflns.observed_criterion_F_max     ? 
_reflns.observed_criterion_F_min     ? 
_reflns.pdbx_chi_squared             ? 
_reflns.pdbx_scaling_rejects         ? 
_reflns.pdbx_diffrn_id               1 
_reflns.pdbx_ordinal                 1 
# 
_refine.entry_id                                 2QDO 
_refine.ls_d_res_high                            2.5 
_refine.ls_d_res_low                             20 
_refine.pdbx_ls_sigma_F                          3 
_refine.pdbx_ls_sigma_I                          ? 
_refine.ls_number_reflns_all                     9878 
_refine.ls_number_reflns_obs                     8366 
_refine.ls_number_reflns_R_free                  871 
_refine.ls_percent_reflns_obs                    84.7 
_refine.ls_R_factor_all                          ? 
_refine.ls_R_factor_obs                          ? 
_refine.ls_R_factor_R_work                       0.248 
_refine.ls_R_factor_R_free                       0.279 
_refine.ls_redundancy_reflns_obs                 ? 
_refine.pdbx_data_cutoff_high_absF               ? 
_refine.pdbx_data_cutoff_low_absF                ? 
_refine.ls_number_parameters                     ? 
_refine.ls_number_restraints                     ? 
_refine.ls_percent_reflns_R_free                 ? 
_refine.ls_R_factor_R_free_error                 ? 
_refine.ls_R_factor_R_free_error_details         ? 
_refine.pdbx_method_to_determine_struct          'MOLECULAR REPLACEMENT' 
_refine.pdbx_starting_model                      2Q8V 
_refine.pdbx_ls_cross_valid_method               THROUGHOUT 
_refine.pdbx_R_Free_selection_details            random 
_refine.pdbx_stereochem_target_val_spec_case     ? 
_refine.pdbx_stereochemistry_target_values       'Engh & Huber' 
_refine.solvent_model_details                    ? 
_refine.solvent_model_param_bsol                 ? 
_refine.solvent_model_param_ksol                 ? 
_refine.occupancy_max                            ? 
_refine.occupancy_min                            ? 
_refine.pdbx_isotropic_thermal_model             Isotropic 
_refine.B_iso_mean                               41.9 
_refine.aniso_B[1][1]                            ? 
_refine.aniso_B[1][2]                            ? 
_refine.aniso_B[1][3]                            ? 
_refine.aniso_B[2][2]                            ? 
_refine.aniso_B[2][3]                            ? 
_refine.aniso_B[3][3]                            ? 
_refine.details                                  ? 
_refine.overall_SU_B                             ? 
_refine.overall_SU_ML                            ? 
_refine.pdbx_overall_ESU_R_Free                  ? 
_refine.pdbx_data_cutoff_high_rms_absF           ? 
_refine.B_iso_min                                ? 
_refine.B_iso_max                                ? 
_refine.correlation_coeff_Fo_to_Fc               ? 
_refine.correlation_coeff_Fo_to_Fc_free          ? 
_refine.pdbx_solvent_vdw_probe_radii             ? 
_refine.pdbx_solvent_ion_probe_radii             ? 
_refine.pdbx_solvent_shrinkage_radii             ? 
_refine.overall_SU_R_Cruickshank_DPI             ? 
_refine.overall_SU_R_free                        ? 
_refine.ls_wR_factor_R_free                      ? 
_refine.ls_wR_factor_R_work                      ? 
_refine.overall_FOM_free_R_set                   ? 
_refine.overall_FOM_work_R_set                   ? 
_refine.pdbx_overall_phase_error                 ? 
_refine.pdbx_refine_id                           'X-RAY DIFFRACTION' 
_refine.pdbx_overall_ESU_R                       ? 
_refine.pdbx_diffrn_id                           1 
_refine.pdbx_TLS_residual_ADP_flag               ? 
_refine.pdbx_overall_SU_R_free_Cruickshank_DPI   ? 
_refine.pdbx_overall_SU_R_Blow_DPI               ? 
_refine.pdbx_overall_SU_R_free_Blow_DPI          ? 
# 
_refine_analyze.entry_id                        2QDO 
_refine_analyze.Luzzati_coordinate_error_obs    0.65 
_refine_analyze.Luzzati_sigma_a_obs             0.23 
_refine_analyze.Luzzati_d_res_low_obs           5 
_refine_analyze.Luzzati_coordinate_error_free   0.44 
_refine_analyze.Luzzati_sigma_a_free            0.3 
_refine_analyze.Luzzati_d_res_low_free          ? 
_refine_analyze.number_disordered_residues      ? 
_refine_analyze.occupancy_sum_non_hydrogen      ? 
_refine_analyze.occupancy_sum_hydrogen          ? 
_refine_analyze.pdbx_Luzzati_d_res_high_obs     ? 
_refine_analyze.pdbx_refine_id                  'X-RAY DIFFRACTION' 
# 
_refine_hist.pdbx_refine_id                   'X-RAY DIFFRACTION' 
_refine_hist.cycle_id                         LAST 
_refine_hist.pdbx_number_atoms_protein        1697 
_refine_hist.pdbx_number_atoms_nucleic_acid   0 
_refine_hist.pdbx_number_atoms_ligand         0 
_refine_hist.number_atoms_solvent             18 
_refine_hist.number_atoms_total               1715 
_refine_hist.d_res_high                       2.5 
_refine_hist.d_res_low                        20 
# 
loop_
_refine_ls_restr.type 
_refine_ls_restr.dev_ideal 
_refine_ls_restr.dev_ideal_target 
_refine_ls_restr.weight 
_refine_ls_restr.number 
_refine_ls_restr.pdbx_refine_id 
_refine_ls_restr.pdbx_restraint_function 
c_angle_deg        1.61   ? ? ? 'X-RAY DIFFRACTION' ? 
c_bond_d           0.0086 ? ? ? 'X-RAY DIFFRACTION' ? 
c_dihedral_angle_d 20.9   ? ? ? 'X-RAY DIFFRACTION' ? 
c_improper_angle_d 0.91   ? ? ? 'X-RAY DIFFRACTION' ? 
# 
_struct.entry_id                  2QDO 
_struct.title                     'NblA protein from T. vulcanus' 
_struct.pdbx_model_details        ? 
_struct.pdbx_CASP_flag            ? 
_struct.pdbx_model_type_details   ? 
# 
_struct_keywords.entry_id        2QDO 
_struct_keywords.pdbx_keywords   PHOTOSYNTHESIS 
_struct_keywords.text            'Phycobilisome, nutrient starvation, bleaching, PHOTOSYNTHESIS' 
# 
loop_
_struct_asym.id 
_struct_asym.pdbx_blank_PDB_chainid_flag 
_struct_asym.pdbx_modified 
_struct_asym.entity_id 
_struct_asym.details 
A N N 1 ? 
B N N 1 ? 
C N N 1 ? 
D N N 1 ? 
E N N 2 ? 
F N N 2 ? 
G N N 2 ? 
H N N 2 ? 
# 
_struct_biol.id        1 
_struct_biol.details   ? 
# 
loop_
_struct_conf.conf_type_id 
_struct_conf.id 
_struct_conf.pdbx_PDB_helix_id 
_struct_conf.beg_label_comp_id 
_struct_conf.beg_label_asym_id 
_struct_conf.beg_label_seq_id 
_struct_conf.pdbx_beg_PDB_ins_code 
_struct_conf.end_label_comp_id 
_struct_conf.end_label_asym_id 
_struct_conf.end_label_seq_id 
_struct_conf.pdbx_end_PDB_ins_code 
_struct_conf.beg_auth_comp_id 
_struct_conf.beg_auth_asym_id 
_struct_conf.beg_auth_seq_id 
_struct_conf.end_auth_comp_id 
_struct_conf.end_auth_asym_id 
_struct_conf.end_auth_seq_id 
_struct_conf.pdbx_PDB_helix_class 
_struct_conf.details 
_struct_conf.pdbx_PDB_helix_length 
HELX_P HELX_P1 1 SER A 5  ? SER A 20 ? SER A 13 SER A 28 1 ? 16 
HELX_P HELX_P2 2 SER A 23 ? ARG A 54 ? SER A 31 ARG A 62 1 ? 32 
HELX_P HELX_P3 3 SER B 5  ? SER B 20 ? SER B 13 SER B 28 1 ? 16 
HELX_P HELX_P4 4 SER B 23 ? ARG B 51 ? SER B 31 ARG B 59 1 ? 29 
HELX_P HELX_P5 5 SER C 5  ? SER C 20 ? SER C 13 SER C 28 1 ? 16 
HELX_P HELX_P6 6 SER C 23 ? ARG C 54 ? SER C 31 ARG C 62 1 ? 32 
HELX_P HELX_P7 7 SER D 5  ? SER D 20 ? SER D 13 SER D 28 1 ? 16 
HELX_P HELX_P8 8 SER D 23 ? ARG D 51 ? SER D 31 ARG D 59 1 ? 29 
# 
_struct_conf_type.id          HELX_P 
_struct_conf_type.criteria    ? 
_struct_conf_type.reference   ? 
# 
_atom_sites.entry_id                    2QDO 
_atom_sites.fract_transf_matrix[1][1]   -0.02403923 
_atom_sites.fract_transf_matrix[1][2]   -0.00599476 
_atom_sites.fract_transf_matrix[1][3]   -0.01098170 
_atom_sites.fract_transf_matrix[2][1]   0.00422285 
_atom_sites.fract_transf_matrix[2][2]   -0.00618665 
_atom_sites.fract_transf_matrix[2][3]   0.02770235 
_atom_sites.fract_transf_matrix[3][1]   -0.00570826 
_atom_sites.fract_transf_matrix[3][2]   0.02033272 
_atom_sites.fract_transf_matrix[3][3]   -0.00223754 
_atom_sites.fract_transf_vector[1]      -0.109298 
_atom_sites.fract_transf_vector[2]      -0.118507 
_atom_sites.fract_transf_vector[3]      0.536465 
# 
loop_
_atom_type.symbol 
C 
N 
O 
S 
# 
loop_
_atom_site.group_PDB 
_atom_site.id 
_atom_site.type_symbol 
_atom_site.label_atom_id 
_atom_site.label_alt_id 
_atom_site.label_comp_id 
_atom_site.label_asym_id 
_atom_site.label_entity_id 
_atom_site.label_seq_id 
_atom_site.pdbx_PDB_ins_code 
_atom_site.Cartn_x 
_atom_site.Cartn_y 
_atom_site.Cartn_z 
_atom_site.occupancy 
_atom_site.B_iso_or_equiv 
_atom_site.pdbx_formal_charge 
_atom_site.auth_seq_id 
_atom_site.auth_comp_id 
_atom_site.auth_asym_id 
_atom_site.auth_atom_id 
_atom_site.pdbx_PDB_model_num 
ATOM   1    N N   . VAL A 1 2  ? 17.086  5.275   5.648   1.00 59.80  ? 10 VAL A N   1 
ATOM   2    C CA  . VAL A 1 2  ? 16.370  4.346   4.802   1.00 58.40  ? 10 VAL A CA  1 
ATOM   3    C C   . VAL A 1 2  ? 17.154  3.195   4.183   1.00 58.47  ? 10 VAL A C   1 
ATOM   4    O O   . VAL A 1 2  ? 17.732  3.341   3.124   1.00 58.24  ? 10 VAL A O   1 
ATOM   5    C CB  . VAL A 1 2  ? 15.602  5.078   3.773   1.00 53.18  ? 10 VAL A CB  1 
ATOM   6    N N   . ASP A 1 3  ? 17.104  2.041   4.834   1.00 57.66  ? 11 ASP A N   1 
ATOM   7    C CA  . ASP A 1 3  ? 17.924  0.915   4.476   1.00 55.15  ? 11 ASP A CA  1 
ATOM   8    C C   . ASP A 1 3  ? 17.641  -0.451  5.115   1.00 56.34  ? 11 ASP A C   1 
ATOM   9    O O   . ASP A 1 3  ? 18.225  -1.433  4.726   1.00 60.69  ? 11 ASP A O   1 
ATOM   10   C CB  . ASP A 1 3  ? 19.399  1.311   4.485   1.00 60.57  ? 11 ASP A CB  1 
ATOM   11   C CG  . ASP A 1 3  ? 20.264  0.349   5.206   1.00 61.43  ? 11 ASP A CG  1 
ATOM   12   O OD1 . ASP A 1 3  ? 19.733  -0.335  6.062   1.00 64.46  ? 11 ASP A OD1 1 
ATOM   13   O OD2 . ASP A 1 3  ? 21.474  0.284   4.944   1.00 58.19  ? 11 ASP A OD2 1 
ATOM   14   N N   . LEU A 1 4  ? 16.704  -0.507  6.048   1.00 36.36  ? 12 LEU A N   1 
ATOM   15   C CA  . LEU A 1 4  ? 15.999  -1.756  6.279   1.00 33.55  ? 12 LEU A CA  1 
ATOM   16   C C   . LEU A 1 4  ? 16.198  -2.003  7.761   1.00 32.40  ? 12 LEU A C   1 
ATOM   17   O O   . LEU A 1 4  ? 17.313  -1.948  8.280   1.00 32.89  ? 12 LEU A O   1 
ATOM   18   C CB  . LEU A 1 4  ? 16.497  -2.839  5.320   1.00 41.68  ? 12 LEU A CB  1 
ATOM   19   C CG  . LEU A 1 4  ? 15.480  -3.909  4.920   1.00 43.73  ? 12 LEU A CG  1 
ATOM   20   C CD1 . LEU A 1 4  ? 14.396  -3.317  4.033   1.00 45.72  ? 12 LEU A CD1 1 
ATOM   21   C CD2 . LEU A 1 4  ? 16.171  -5.072  4.223   1.00 40.52  ? 12 LEU A CD2 1 
ATOM   22   N N   . SER A 1 5  ? 15.089  -2.275  8.430   1.00 41.54  ? 13 SER A N   1 
ATOM   23   C CA  . SER A 1 5  ? 15.051  -2.434  9.878   1.00 41.61  ? 13 SER A CA  1 
ATOM   24   C C   . SER A 1 5  ? 14.947  -3.901  10.308  1.00 44.65  ? 13 SER A C   1 
ATOM   25   O O   . SER A 1 5  ? 14.869  -4.817  9.485   1.00 45.11  ? 13 SER A O   1 
ATOM   26   C CB  . SER A 1 5  ? 13.904  -1.666  10.522  1.00 28.56  ? 13 SER A CB  1 
ATOM   27   O OG  . SER A 1 5  ? 12.666  -2.243  10.160  1.00 27.29  ? 13 SER A OG  1 
ATOM   28   N N   . PHE A 1 6  ? 14.947  -4.091  11.626  1.00 48.37  ? 14 PHE A N   1 
ATOM   29   C CA  . PHE A 1 6  ? 14.845  -5.399  12.262  1.00 49.17  ? 14 PHE A CA  1 
ATOM   30   C C   . PHE A 1 6  ? 13.529  -6.023  11.803  1.00 46.16  ? 14 PHE A C   1 
ATOM   31   O O   . PHE A 1 6  ? 13.494  -7.121  11.252  1.00 44.80  ? 14 PHE A O   1 
ATOM   32   C CB  . PHE A 1 6  ? 14.829  -5.208  13.790  1.00 70.65  ? 14 PHE A CB  1 
ATOM   33   C CG  . PHE A 1 6  ? 14.908  -6.491  14.582  1.00 73.36  ? 14 PHE A CG  1 
ATOM   34   C CD1 . PHE A 1 6  ? 16.122  -7.162  14.739  1.00 75.36  ? 14 PHE A CD1 1 
ATOM   35   C CD2 . PHE A 1 6  ? 13.772  -7.013  15.198  1.00 76.37  ? 14 PHE A CD2 1 
ATOM   36   C CE1 . PHE A 1 6  ? 16.199  -8.333  15.504  1.00 78.72  ? 14 PHE A CE1 1 
ATOM   37   C CE2 . PHE A 1 6  ? 13.841  -8.181  15.961  1.00 81.15  ? 14 PHE A CE2 1 
ATOM   38   C CZ  . PHE A 1 6  ? 15.057  -8.840  16.113  1.00 80.93  ? 14 PHE A CZ  1 
ATOM   39   N N   . GLU A 1 7  ? 12.446  -5.291  12.037  1.00 37.12  ? 15 GLU A N   1 
ATOM   40   C CA  . GLU A 1 7  ? 11.101  -5.722  11.671  1.00 36.98  ? 15 GLU A CA  1 
ATOM   41   C C   . GLU A 1 7  ? 10.998  -6.139  10.206  1.00 34.41  ? 15 GLU A C   1 
ATOM   42   O O   . GLU A 1 7  ? 10.409  -7.174  9.888   1.00 30.87  ? 15 GLU A O   1 
ATOM   43   C CB  . GLU A 1 7  ? 10.099  -4.591  11.924  1.00 40.63  ? 15 GLU A CB  1 
ATOM   44   C CG  . GLU A 1 7  ? 9.976   -4.155  13.368  1.00 49.33  ? 15 GLU A CG  1 
ATOM   45   C CD  . GLU A 1 7  ? 11.317  -3.874  14.010  1.00 60.51  ? 15 GLU A CD  1 
ATOM   46   O OE1 . GLU A 1 7  ? 12.090  -3.061  13.460  1.00 59.67  ? 15 GLU A OE1 1 
ATOM   47   O OE2 . GLU A 1 7  ? 11.593  -4.470  15.071  1.00 69.73  ? 15 GLU A OE2 1 
ATOM   48   N N   . GLN A 1 8  ? 11.572  -5.325  9.323   1.00 37.22  ? 16 GLN A N   1 
ATOM   49   C CA  . GLN A 1 8  ? 11.520  -5.579  7.887   1.00 36.18  ? 16 GLN A CA  1 
ATOM   50   C C   . GLN A 1 8  ? 12.344  -6.772  7.435   1.00 34.19  ? 16 GLN A C   1 
ATOM   51   O O   . GLN A 1 8  ? 11.930  -7.505  6.536   1.00 31.02  ? 16 GLN A O   1 
ATOM   52   C CB  . GLN A 1 8  ? 11.920  -4.313  7.115   1.00 32.03  ? 16 GLN A CB  1 
ATOM   53   C CG  . GLN A 1 8  ? 11.033  -3.112  7.459   1.00 36.36  ? 16 GLN A CG  1 
ATOM   54   C CD  . GLN A 1 8  ? 11.359  -1.864  6.661   1.00 38.73  ? 16 GLN A CD  1 
ATOM   55   O OE1 . GLN A 1 8  ? 12.480  -1.357  6.704   1.00 37.91  ? 16 GLN A OE1 1 
ATOM   56   N NE2 . GLN A 1 8  ? 10.370  -1.356  5.931   1.00 49.18  ? 16 GLN A NE2 1 
ATOM   57   N N   . GLU A 1 9  ? 13.504  -6.969  8.054   1.00 34.20  ? 17 GLU A N   1 
ATOM   58   C CA  . GLU A 1 9  ? 14.358  -8.109  7.722   1.00 33.17  ? 17 GLU A CA  1 
ATOM   59   C C   . GLU A 1 9  ? 13.540  -9.338  8.079   1.00 30.71  ? 17 GLU A C   1 
ATOM   60   O O   . GLU A 1 9  ? 13.536  -10.340 7.363   1.00 29.40  ? 17 GLU A O   1 
ATOM   61   C CB  . GLU A 1 9  ? 15.634  -8.082  8.563   1.00 33.89  ? 17 GLU A CB  1 
ATOM   62   C CG  . GLU A 1 9  ? 16.624  -7.038  8.111   1.00 32.17  ? 17 GLU A CG  1 
ATOM   63   C CD  . GLU A 1 9  ? 17.367  -7.448  6.873   1.00 43.98  ? 17 GLU A CD  1 
ATOM   64   O OE1 . GLU A 1 9  ? 16.960  -8.440  6.230   1.00 40.29  ? 17 GLU A OE1 1 
ATOM   65   O OE2 . GLU A 1 9  ? 18.358  -6.769  6.537   1.00 41.49  ? 17 GLU A OE2 1 
ATOM   66   N N   . PHE A 1 10 ? 12.856  -9.253  9.213   1.00 23.41  ? 18 PHE A N   1 
ATOM   67   C CA  . PHE A 1 10 ? 12.016  -10.340 9.653   1.00 24.04  ? 18 PHE A CA  1 
ATOM   68   C C   . PHE A 1 10 ? 11.043  -10.604 8.501   1.00 26.44  ? 18 PHE A C   1 
ATOM   69   O O   . PHE A 1 10 ? 10.980  -11.720 7.975   1.00 28.34  ? 18 PHE A O   1 
ATOM   70   C CB  . PHE A 1 10 ? 11.282  -9.938  10.927  1.00 24.25  ? 18 PHE A CB  1 
ATOM   71   C CG  . PHE A 1 10 ? 10.094  -10.797 11.244  1.00 21.83  ? 18 PHE A CG  1 
ATOM   72   C CD1 . PHE A 1 10 ? 8.810   -10.258 11.219  1.00 31.92  ? 18 PHE A CD1 1 
ATOM   73   C CD2 . PHE A 1 10 ? 10.248  -12.136 11.571  1.00 30.16  ? 18 PHE A CD2 1 
ATOM   74   C CE1 . PHE A 1 10 ? 7.694   -11.037 11.526  1.00 32.92  ? 18 PHE A CE1 1 
ATOM   75   C CE2 . PHE A 1 10 ? 9.136   -12.927 11.881  1.00 26.15  ? 18 PHE A CE2 1 
ATOM   76   C CZ  . PHE A 1 10 ? 7.857   -12.373 11.854  1.00 31.55  ? 18 PHE A CZ  1 
ATOM   77   N N   . GLN A 1 11 ? 10.313  -9.573  8.086   1.00 34.86  ? 19 GLN A N   1 
ATOM   78   C CA  . GLN A 1 11 ? 9.366   -9.723  6.985   1.00 35.59  ? 19 GLN A CA  1 
ATOM   79   C C   . GLN A 1 11 ? 10.049  -10.290 5.749   1.00 36.28  ? 19 GLN A C   1 
ATOM   80   O O   . GLN A 1 11 ? 9.426   -10.998 4.958   1.00 37.69  ? 19 GLN A O   1 
ATOM   81   C CB  . GLN A 1 11 ? 8.724   -8.384  6.647   1.00 37.85  ? 19 GLN A CB  1 
ATOM   82   C CG  . GLN A 1 11 ? 7.829   -7.861  7.737   1.00 43.36  ? 19 GLN A CG  1 
ATOM   83   C CD  . GLN A 1 11 ? 7.406   -6.443  7.476   1.00 47.25  ? 19 GLN A CD  1 
ATOM   84   O OE1 . GLN A 1 11 ? 7.842   -5.512  8.160   1.00 46.34  ? 19 GLN A OE1 1 
ATOM   85   N NE2 . GLN A 1 11 ? 6.559   -6.261  6.468   1.00 41.29  ? 19 GLN A NE2 1 
ATOM   86   N N   . MET A 1 12 ? 11.324  -9.971  5.570   1.00 21.72  ? 20 MET A N   1 
ATOM   87   C CA  . MET A 1 12 ? 12.039  -10.513 4.427   1.00 23.00  ? 20 MET A CA  1 
ATOM   88   C C   . MET A 1 12 ? 12.148  -12.023 4.601   1.00 23.53  ? 20 MET A C   1 
ATOM   89   O O   . MET A 1 12 ? 11.938  -12.768 3.659   1.00 25.78  ? 20 MET A O   1 
ATOM   90   C CB  . MET A 1 12 ? 13.439  -9.904  4.302   1.00 35.36  ? 20 MET A CB  1 
ATOM   91   C CG  . MET A 1 12 ? 13.467  -8.585  3.558   1.00 35.42  ? 20 MET A CG  1 
ATOM   92   S SD  . MET A 1 12 ? 12.636  -8.686  1.949   1.00 46.74  ? 20 MET A SD  1 
ATOM   93   C CE  . MET A 1 12 ? 13.826  -9.656  1.003   1.00 38.51  ? 20 MET A CE  1 
ATOM   94   N N   . ARG A 1 13 ? 12.460  -12.474 5.813   1.00 34.73  ? 21 ARG A N   1 
ATOM   95   C CA  . ARG A 1 13 ? 12.592  -13.907 6.066   1.00 37.92  ? 21 ARG A CA  1 
ATOM   96   C C   . ARG A 1 13 ? 11.245  -14.619 5.832   1.00 38.51  ? 21 ARG A C   1 
ATOM   97   O O   . ARG A 1 13 ? 11.211  -15.742 5.339   1.00 35.53  ? 21 ARG A O   1 
ATOM   98   C CB  . ARG A 1 13 ? 13.086  -14.144 7.497   1.00 37.04  ? 21 ARG A CB  1 
ATOM   99   C CG  . ARG A 1 13 ? 14.330  -13.330 7.902   1.00 43.60  ? 21 ARG A CG  1 
ATOM   100  C CD  . ARG A 1 13 ? 15.646  -13.836 7.297   1.00 44.13  ? 21 ARG A CD  1 
ATOM   101  N NE  . ARG A 1 13 ? 15.968  -13.311 5.964   1.00 46.75  ? 21 ARG A NE  1 
ATOM   102  C CZ  . ARG A 1 13 ? 16.145  -12.022 5.673   1.00 47.96  ? 21 ARG A CZ  1 
ATOM   103  N NH1 . ARG A 1 13 ? 16.028  -11.099 6.620   1.00 48.97  ? 21 ARG A NH1 1 
ATOM   104  N NH2 . ARG A 1 13 ? 16.466  -11.655 4.438   1.00 41.78  ? 21 ARG A NH2 1 
ATOM   105  N N   . VAL A 1 14 ? 10.141  -13.963 6.187   1.00 45.48  ? 22 VAL A N   1 
ATOM   106  C CA  . VAL A 1 14 ? 8.807   -14.536 5.993   1.00 46.00  ? 22 VAL A CA  1 
ATOM   107  C C   . VAL A 1 14 ? 8.490   -14.629 4.502   1.00 49.25  ? 22 VAL A C   1 
ATOM   108  O O   . VAL A 1 14 ? 8.090   -15.684 3.999   1.00 49.77  ? 22 VAL A O   1 
ATOM   109  C CB  . VAL A 1 14 ? 7.726   -13.672 6.676   1.00 30.37  ? 22 VAL A CB  1 
ATOM   110  C CG1 . VAL A 1 14 ? 6.348   -14.165 6.299   1.00 25.15  ? 22 VAL A CG1 1 
ATOM   111  C CG2 . VAL A 1 14 ? 7.907   -13.715 8.190   1.00 30.17  ? 22 VAL A CG2 1 
ATOM   112  N N   . MET A 1 15 ? 8.683   -13.511 3.809   1.00 47.88  ? 23 MET A N   1 
ATOM   113  C CA  . MET A 1 15 ? 8.453   -13.406 2.375   1.00 48.52  ? 23 MET A CA  1 
ATOM   114  C C   . MET A 1 15 ? 9.252   -14.532 1.700   1.00 45.73  ? 23 MET A C   1 
ATOM   115  O O   . MET A 1 15 ? 8.764   -15.191 0.784   1.00 44.16  ? 23 MET A O   1 
ATOM   116  C CB  . MET A 1 15 ? 8.946   -12.036 1.885   1.00 45.88  ? 23 MET A CB  1 
ATOM   117  C CG  . MET A 1 15 ? 8.572   -11.663 0.458   1.00 54.92  ? 23 MET A CG  1 
ATOM   118  S SD  . MET A 1 15 ? 6.910   -10.963 0.317   1.00 76.75  ? 23 MET A SD  1 
ATOM   119  C CE  . MET A 1 15 ? 7.058   -9.539  1.421   1.00 65.15  ? 23 MET A CE  1 
ATOM   120  N N   . GLU A 1 16 ? 10.483  -14.748 2.158   1.00 43.74  ? 24 GLU A N   1 
ATOM   121  C CA  . GLU A 1 16 ? 11.340  -15.800 1.603   1.00 45.48  ? 24 GLU A CA  1 
ATOM   122  C C   . GLU A 1 16 ? 10.742  -17.194 1.872   1.00 46.11  ? 24 GLU A C   1 
ATOM   123  O O   . GLU A 1 16 ? 11.086  -18.170 1.209   1.00 45.94  ? 24 GLU A O   1 
ATOM   124  C CB  . GLU A 1 16 ? 12.756  -15.713 2.197   1.00 43.86  ? 24 GLU A CB  1 
ATOM   125  C CG  . GLU A 1 16 ? 13.454  -14.369 1.983   1.00 46.80  ? 24 GLU A CG  1 
ATOM   126  C CD  . GLU A 1 16 ? 14.856  -14.312 2.590   1.00 50.00  ? 24 GLU A CD  1 
ATOM   127  O OE1 . GLU A 1 16 ? 15.113  -15.039 3.575   1.00 57.57  ? 24 GLU A OE1 1 
ATOM   128  O OE2 . GLU A 1 16 ? 15.699  -13.531 2.095   1.00 42.21  ? 24 GLU A OE2 1 
ATOM   129  N N   . GLU A 1 17 ? 9.854   -17.288 2.854   1.00 48.14  ? 25 GLU A N   1 
ATOM   130  C CA  . GLU A 1 17 ? 9.207   -18.557 3.159   1.00 50.24  ? 25 GLU A CA  1 
ATOM   131  C C   . GLU A 1 17 ? 8.069   -18.727 2.165   1.00 48.30  ? 25 GLU A C   1 
ATOM   132  O O   . GLU A 1 17 ? 8.024   -19.692 1.406   1.00 48.80  ? 25 GLU A O   1 
ATOM   133  C CB  . GLU A 1 17 ? 8.636   -18.541 4.572   1.00 59.78  ? 25 GLU A CB  1 
ATOM   134  C CG  . GLU A 1 17 ? 9.474   -19.254 5.599   1.00 64.27  ? 25 GLU A CG  1 
ATOM   135  C CD  . GLU A 1 17 ? 9.048   -18.895 6.995   1.00 79.63  ? 25 GLU A CD  1 
ATOM   136  O OE1 . GLU A 1 17 ? 7.852   -18.609 7.187   1.00 80.84  ? 25 GLU A OE1 1 
ATOM   137  O OE2 . GLU A 1 17 ? 9.904   -18.904 7.901   1.00 84.84  ? 25 GLU A OE2 1 
ATOM   138  N N   . GLN A 1 18 ? 7.149   -17.772 2.174   1.00 56.19  ? 26 GLN A N   1 
ATOM   139  C CA  . GLN A 1 18 ? 6.017   -17.811 1.267   1.00 56.26  ? 26 GLN A CA  1 
ATOM   140  C C   . GLN A 1 18 ? 6.479   -18.013 -0.172  1.00 58.11  ? 26 GLN A C   1 
ATOM   141  O O   . GLN A 1 18 ? 5.989   -18.896 -0.861  1.00 57.67  ? 26 GLN A O   1 
ATOM   142  C CB  . GLN A 1 18 ? 5.208   -16.518 1.389   1.00 35.40  ? 26 GLN A CB  1 
ATOM   143  C CG  . GLN A 1 18 ? 4.369   -16.456 2.653   1.00 40.48  ? 26 GLN A CG  1 
ATOM   144  C CD  . GLN A 1 18 ? 4.212   -15.047 3.175   1.00 44.90  ? 26 GLN A CD  1 
ATOM   145  O OE1 . GLN A 1 18 ? 4.757   -14.107 2.606   1.00 46.24  ? 26 GLN A OE1 1 
ATOM   146  N NE2 . GLN A 1 18 ? 3.468   -14.892 4.270   1.00 43.16  ? 26 GLN A NE2 1 
ATOM   147  N N   . VAL A 1 19 ? 7.443   -17.213 -0.616  1.00 64.96  ? 27 VAL A N   1 
ATOM   148  C CA  . VAL A 1 19 ? 7.942   -17.307 -1.986  1.00 62.27  ? 27 VAL A CA  1 
ATOM   149  C C   . VAL A 1 19 ? 8.501   -18.671 -2.412  1.00 63.89  ? 27 VAL A C   1 
ATOM   150  O O   . VAL A 1 19 ? 8.397   -19.030 -3.589  1.00 62.86  ? 27 VAL A O   1 
ATOM   151  C CB  . VAL A 1 19 ? 9.014   -16.208 -2.269  1.00 38.33  ? 27 VAL A CB  1 
ATOM   152  C CG1 . VAL A 1 19 ? 9.544   -16.335 -3.692  1.00 33.71  ? 27 VAL A CG1 1 
ATOM   153  C CG2 . VAL A 1 19 ? 8.403   -14.810 -2.064  1.00 29.69  ? 27 VAL A CG2 1 
ATOM   154  N N   . SER A 1 20 ? 9.070   -19.439 -1.484  1.00 45.60  ? 28 SER A N   1 
ATOM   155  C CA  . SER A 1 20 ? 9.631   -20.741 -1.859  1.00 46.99  ? 28 SER A CA  1 
ATOM   156  C C   . SER A 1 20 ? 8.590   -21.863 -1.947  1.00 45.76  ? 28 SER A C   1 
ATOM   157  O O   . SER A 1 20 ? 8.929   -23.036 -2.138  1.00 45.03  ? 28 SER A O   1 
ATOM   158  C CB  . SER A 1 20 ? 10.757  -21.141 -0.902  1.00 50.19  ? 28 SER A CB  1 
ATOM   159  O OG  . SER A 1 20 ? 10.293  -21.262 0.430   1.00 56.24  ? 28 SER A OG  1 
ATOM   160  N N   . ALA A 1 21 ? 7.324   -21.486 -1.825  1.00 47.28  ? 29 ALA A N   1 
ATOM   161  C CA  . ALA A 1 21 ? 6.224   -22.434 -1.909  1.00 46.68  ? 29 ALA A CA  1 
ATOM   162  C C   . ALA A 1 21 ? 5.252   -21.923 -2.963  1.00 46.68  ? 29 ALA A C   1 
ATOM   163  O O   . ALA A 1 21 ? 4.151   -22.444 -3.123  1.00 49.07  ? 29 ALA A O   1 
ATOM   164  C CB  . ALA A 1 21 ? 5.528   -22.545 -0.569  1.00 57.19  ? 29 ALA A CB  1 
ATOM   165  N N   . MET A 1 22 ? 5.678   -20.885 -3.676  1.00 59.92  ? 30 MET A N   1 
ATOM   166  C CA  . MET A 1 22 ? 4.875   -20.270 -4.724  1.00 55.32  ? 30 MET A CA  1 
ATOM   167  C C   . MET A 1 22 ? 5.128   -20.899 -6.078  1.00 54.08  ? 30 MET A C   1 
ATOM   168  O O   . MET A 1 22 ? 6.247   -21.313 -6.387  1.00 52.16  ? 30 MET A O   1 
ATOM   169  C CB  . MET A 1 22 ? 5.167   -18.774 -4.803  1.00 39.74  ? 30 MET A CB  1 
ATOM   170  C CG  . MET A 1 22 ? 4.155   -17.888 -4.070  1.00 40.42  ? 30 MET A CG  1 
ATOM   171  S SD  . MET A 1 22 ? 4.747   -16.197 -3.909  1.00 43.14  ? 30 MET A SD  1 
ATOM   172  C CE  . MET A 1 22 ? 5.598   -16.024 -5.415  1.00 17.93  ? 30 MET A CE  1 
ATOM   173  N N   . SER A 1 23 ? 4.062   -20.969 -6.872  1.00 42.28  ? 31 SER A N   1 
ATOM   174  C CA  . SER A 1 23 ? 4.105   -21.533 -8.213  1.00 45.09  ? 31 SER A CA  1 
ATOM   175  C C   . SER A 1 23 ? 4.413   -20.434 -9.209  1.00 46.64  ? 31 SER A C   1 
ATOM   176  O O   . SER A 1 23 ? 4.089   -19.272 -8.984  1.00 47.20  ? 31 SER A O   1 
ATOM   177  C CB  . SER A 1 23 ? 2.756   -22.135 -8.563  1.00 49.95  ? 31 SER A CB  1 
ATOM   178  O OG  . SER A 1 23 ? 1.767   -21.118 -8.558  1.00 48.03  ? 31 SER A OG  1 
ATOM   179  N N   . LEU A 1 24 ? 5.020   -20.821 -10.319 1.00 37.96  ? 32 LEU A N   1 
ATOM   180  C CA  . LEU A 1 24 ? 5.389   -19.892 -11.373 1.00 38.79  ? 32 LEU A CA  1 
ATOM   181  C C   . LEU A 1 24 ? 4.324   -18.818 -11.656 1.00 40.18  ? 32 LEU A C   1 
ATOM   182  O O   . LEU A 1 24 ? 4.647   -17.633 -11.793 1.00 40.27  ? 32 LEU A O   1 
ATOM   183  C CB  . LEU A 1 24 ? 5.685   -20.683 -12.646 1.00 32.84  ? 32 LEU A CB  1 
ATOM   184  C CG  . LEU A 1 24 ? 6.233   -19.914 -13.839 1.00 35.91  ? 32 LEU A CG  1 
ATOM   185  C CD1 . LEU A 1 24 ? 7.624   -19.382 -13.520 1.00 24.67  ? 32 LEU A CD1 1 
ATOM   186  C CD2 . LEU A 1 24 ? 6.266   -20.837 -15.047 1.00 24.97  ? 32 LEU A CD2 1 
ATOM   187  N N   . GLN A 1 25 ? 3.061   -19.220 -11.745 1.00 38.23  ? 33 GLN A N   1 
ATOM   188  C CA  . GLN A 1 25 ? 2.007   -18.254 -12.026 1.00 38.22  ? 33 GLN A CA  1 
ATOM   189  C C   . GLN A 1 25 ? 1.868   -17.242 -10.899 1.00 35.91  ? 33 GLN A C   1 
ATOM   190  O O   . GLN A 1 25 ? 1.777   -16.041 -11.157 1.00 33.94  ? 33 GLN A O   1 
ATOM   191  C CB  . GLN A 1 25 ? 0.669   -18.966 -12.289 1.00 64.68  ? 33 GLN A CB  1 
ATOM   192  C CG  . GLN A 1 25 ? -0.546  -18.060 -12.582 1.00 66.89  ? 33 GLN A CG  1 
ATOM   193  C CD  . GLN A 1 25 ? -0.238  -16.826 -13.434 1.00 77.34  ? 33 GLN A CD  1 
ATOM   194  O OE1 . GLN A 1 25 ? 0.635   -16.851 -14.298 1.00 78.54  ? 33 GLN A OE1 1 
ATOM   195  N NE2 . GLN A 1 25 ? -0.981  -15.745 -13.199 1.00 74.58  ? 33 GLN A NE2 1 
ATOM   196  N N   . GLU A 1 26 ? 1.884   -17.708 -9.652  1.00 43.66  ? 34 GLU A N   1 
ATOM   197  C CA  . GLU A 1 26 ? 1.746   -16.781 -8.532  1.00 42.06  ? 34 GLU A CA  1 
ATOM   198  C C   . GLU A 1 26 ? 2.952   -15.849 -8.428  1.00 40.34  ? 34 GLU A C   1 
ATOM   199  O O   . GLU A 1 26 ? 2.809   -14.675 -8.084  1.00 39.19  ? 34 GLU A O   1 
ATOM   200  C CB  . GLU A 1 26 ? 1.542   -17.522 -7.199  1.00 54.11  ? 34 GLU A CB  1 
ATOM   201  C CG  . GLU A 1 26 ? 0.876   -16.619 -6.140  1.00 57.37  ? 34 GLU A CG  1 
ATOM   202  C CD  . GLU A 1 26 ? 0.712   -17.260 -4.775  1.00 59.66  ? 34 GLU A CD  1 
ATOM   203  O OE1 . GLU A 1 26 ? 1.011   -18.464 -4.627  1.00 69.40  ? 34 GLU A OE1 1 
ATOM   204  O OE2 . GLU A 1 26 ? 0.274   -16.545 -3.844  1.00 60.68  ? 34 GLU A OE2 1 
ATOM   205  N N   . ALA A 1 27 ? 4.133   -16.368 -8.750  1.00 39.08  ? 35 ALA A N   1 
ATOM   206  C CA  . ALA A 1 27 ? 5.357   -15.578 -8.685  1.00 39.22  ? 35 ALA A CA  1 
ATOM   207  C C   . ALA A 1 27 ? 5.318   -14.453 -9.701  1.00 40.26  ? 35 ALA A C   1 
ATOM   208  O O   . ALA A 1 27 ? 5.626   -13.303 -9.379  1.00 39.17  ? 35 ALA A O   1 
ATOM   209  C CB  . ALA A 1 27 ? 6.585   -16.471 -8.938  1.00 20.20  ? 35 ALA A CB  1 
ATOM   210  N N   . ARG A 1 28 ? 4.937   -14.800 -10.928 1.00 31.36  ? 36 ARG A N   1 
ATOM   211  C CA  . ARG A 1 28 ? 4.863   -13.833 -12.012 1.00 31.15  ? 36 ARG A CA  1 
ATOM   212  C C   . ARG A 1 28 ? 3.866   -12.714 -11.737 1.00 33.59  ? 36 ARG A C   1 
ATOM   213  O O   . ARG A 1 28 ? 4.242   -11.544 -11.751 1.00 33.17  ? 36 ARG A O   1 
ATOM   214  C CB  . ARG A 1 28 ? 4.529   -14.541 -13.324 1.00 36.12  ? 36 ARG A CB  1 
ATOM   215  C CG  . ARG A 1 28 ? 5.665   -15.399 -13.869 1.00 36.43  ? 36 ARG A CG  1 
ATOM   216  C CD  . ARG A 1 28 ? 5.196   -16.213 -15.071 1.00 29.01  ? 36 ARG A CD  1 
ATOM   217  N NE  . ARG A 1 28 ? 6.260   -16.950 -15.747 1.00 34.76  ? 36 ARG A NE  1 
ATOM   218  C CZ  . ARG A 1 28 ? 6.037   -17.849 -16.701 1.00 43.15  ? 36 ARG A CZ  1 
ATOM   219  N NH1 . ARG A 1 28 ? 7.048   -18.481 -17.279 1.00 39.94  ? 36 ARG A NH1 1 
ATOM   220  N NH2 . ARG A 1 28 ? 4.793   -18.123 -17.076 1.00 45.21  ? 36 ARG A NH2 1 
ATOM   221  N N   . GLU A 1 29 ? 2.603   -13.034 -11.475 1.00 41.64  ? 37 GLU A N   1 
ATOM   222  C CA  . GLU A 1 29 ? 1.674   -11.943 -11.214 1.00 39.70  ? 37 GLU A CA  1 
ATOM   223  C C   . GLU A 1 29 ? 2.173   -11.036 -10.092 1.00 37.67  ? 37 GLU A C   1 
ATOM   224  O O   . GLU A 1 29 ? 2.206   -9.821  -10.264 1.00 34.95  ? 37 GLU A O   1 
ATOM   225  C CB  . GLU A 1 29 ? 0.261   -12.440 -10.879 1.00 68.00  ? 37 GLU A CB  1 
ATOM   226  C CG  . GLU A 1 29 ? -0.676  -11.329 -10.341 1.00 72.31  ? 37 GLU A CG  1 
ATOM   227  C CD  . GLU A 1 29 ? -0.891  -10.138 -11.292 1.00 83.26  ? 37 GLU A CD  1 
ATOM   228  O OE1 . GLU A 1 29 ? 0.056   -9.744  -12.002 1.00 78.93  ? 37 GLU A OE1 1 
ATOM   229  O OE2 . GLU A 1 29 ? -2.006  -9.569  -11.306 1.00 78.96  ? 37 GLU A OE2 1 
ATOM   230  N N   . LEU A 1 30 ? 2.578   -11.611 -8.960  1.00 32.22  ? 38 LEU A N   1 
ATOM   231  C CA  . LEU A 1 30 ? 3.058   -10.792 -7.841  1.00 30.68  ? 38 LEU A CA  1 
ATOM   232  C C   . LEU A 1 30 ? 4.294   -9.951  -8.198  1.00 30.60  ? 38 LEU A C   1 
ATOM   233  O O   . LEU A 1 30 ? 4.420   -8.810  -7.742  1.00 31.66  ? 38 LEU A O   1 
ATOM   234  C CB  . LEU A 1 30 ? 3.344   -11.661 -6.607  1.00 18.47  ? 38 LEU A CB  1 
ATOM   235  C CG  . LEU A 1 30 ? 2.150   -12.311 -5.886  1.00 22.06  ? 38 LEU A CG  1 
ATOM   236  C CD1 . LEU A 1 30 ? 2.682   -13.247 -4.810  1.00 24.81  ? 38 LEU A CD1 1 
ATOM   237  C CD2 . LEU A 1 30 ? 1.229   -11.254 -5.253  1.00 17.08  ? 38 LEU A CD2 1 
ATOM   238  N N   . LEU A 1 31 ? 5.195   -10.506 -9.010  1.00 36.42  ? 39 LEU A N   1 
ATOM   239  C CA  . LEU A 1 31 ? 6.393   -9.783  -9.430  1.00 36.54  ? 39 LEU A CA  1 
ATOM   240  C C   . LEU A 1 31 ? 5.891   -8.569  -10.210 1.00 38.23  ? 39 LEU A C   1 
ATOM   241  O O   . LEU A 1 31 ? 6.357   -7.443  -10.015 1.00 39.37  ? 39 LEU A O   1 
ATOM   242  C CB  . LEU A 1 31 ? 7.261   -10.643 -10.360 1.00 22.29  ? 39 LEU A CB  1 
ATOM   243  C CG  . LEU A 1 31 ? 8.786   -10.493 -10.328 1.00 21.91  ? 39 LEU A CG  1 
ATOM   244  C CD1 . LEU A 1 31 ? 9.366   -10.920 -11.676 1.00 19.74  ? 39 LEU A CD1 1 
ATOM   245  C CD2 . LEU A 1 31 ? 9.173   -9.049  -10.037 1.00 11.30  ? 39 LEU A CD2 1 
ATOM   246  N N   . LEU A 1 32 ? 4.948   -8.816  -11.117 1.00 41.22  ? 40 LEU A N   1 
ATOM   247  C CA  . LEU A 1 32 ? 4.374   -7.749  -11.931 1.00 41.18  ? 40 LEU A CA  1 
ATOM   248  C C   . LEU A 1 32 ? 3.663   -6.709  -11.079 1.00 41.36  ? 40 LEU A C   1 
ATOM   249  O O   . LEU A 1 32 ? 3.774   -5.512  -11.342 1.00 42.47  ? 40 LEU A O   1 
ATOM   250  C CB  . LEU A 1 32 ? 3.414   -8.330  -12.975 1.00 28.00  ? 40 LEU A CB  1 
ATOM   251  C CG  . LEU A 1 32 ? 4.006   -8.471  -14.379 1.00 33.09  ? 40 LEU A CG  1 
ATOM   252  C CD1 . LEU A 1 32 ? 5.515   -8.352  -14.337 1.00 31.91  ? 40 LEU A CD1 1 
ATOM   253  C CD2 . LEU A 1 32 ? 3.596   -9.799  -14.966 1.00 33.27  ? 40 LEU A CD2 1 
ATOM   254  N N   . GLN A 1 33 ? 2.933   -7.155  -10.062 1.00 30.77  ? 41 GLN A N   1 
ATOM   255  C CA  . GLN A 1 33 ? 2.250   -6.211  -9.189  1.00 33.42  ? 41 GLN A CA  1 
ATOM   256  C C   . GLN A 1 33 ? 3.325   -5.414  -8.460  1.00 29.61  ? 41 GLN A C   1 
ATOM   257  O O   . GLN A 1 33 ? 3.185   -4.202  -8.246  1.00 30.44  ? 41 GLN A O   1 
ATOM   258  C CB  . GLN A 1 33 ? 1.334   -6.943  -8.197  1.00 37.26  ? 41 GLN A CB  1 
ATOM   259  C CG  . GLN A 1 33 ? 0.151   -7.617  -8.887  1.00 43.95  ? 41 GLN A CG  1 
ATOM   260  C CD  . GLN A 1 33 ? -0.743  -8.398  -7.943  1.00 47.66  ? 41 GLN A CD  1 
ATOM   261  O OE1 . GLN A 1 33 ? -0.480  -8.467  -6.737  1.00 57.95  ? 41 GLN A OE1 1 
ATOM   262  N NE2 . GLN A 1 33 ? -1.802  -8.996  -8.482  1.00 45.71  ? 41 GLN A NE2 1 
ATOM   263  N N   . ALA A 1 34 ? 4.416   -6.102  -8.127  1.00 29.88  ? 42 ALA A N   1 
ATOM   264  C CA  . ALA A 1 34 ? 5.538   -5.494  -7.426  1.00 25.81  ? 42 ALA A CA  1 
ATOM   265  C C   . ALA A 1 34 ? 6.262   -4.463  -8.297  1.00 24.03  ? 42 ALA A C   1 
ATOM   266  O O   . ALA A 1 34 ? 6.448   -3.325  -7.884  1.00 21.36  ? 42 ALA A O   1 
ATOM   267  C CB  . ALA A 1 34 ? 6.517   -6.579  -6.970  1.00 25.19  ? 42 ALA A CB  1 
ATOM   268  N N   . SER A 1 35 ? 6.673   -4.863  -9.497  1.00 19.92  ? 43 SER A N   1 
ATOM   269  C CA  . SER A 1 35 ? 7.378   -3.949  -10.388 1.00 23.42  ? 43 SER A CA  1 
ATOM   270  C C   . SER A 1 35 ? 6.535   -2.705  -10.629 1.00 27.64  ? 43 SER A C   1 
ATOM   271  O O   . SER A 1 35 ? 7.069   -1.607  -10.800 1.00 29.93  ? 43 SER A O   1 
ATOM   272  C CB  . SER A 1 35 ? 7.682   -4.620  -11.726 1.00 24.92  ? 43 SER A CB  1 
ATOM   273  O OG  . SER A 1 35 ? 8.189   -5.920  -11.520 1.00 26.14  ? 43 SER A OG  1 
ATOM   274  N N   . ARG A 1 36 ? 5.218   -2.881  -10.669 1.00 36.38  ? 44 ARG A N   1 
ATOM   275  C CA  . ARG A 1 36 ? 4.321   -1.754  -10.882 1.00 38.72  ? 44 ARG A CA  1 
ATOM   276  C C   . ARG A 1 36 ? 4.311   -0.845  -9.662  1.00 37.65  ? 44 ARG A C   1 
ATOM   277  O O   . ARG A 1 36 ? 4.391   0.373   -9.797  1.00 41.54  ? 44 ARG A O   1 
ATOM   278  C CB  . ARG A 1 36 ? 2.898   -2.244  -11.186 1.00 33.05  ? 44 ARG A CB  1 
ATOM   279  C CG  . ARG A 1 36 ? 1.828   -1.157  -11.128 1.00 37.85  ? 44 ARG A CG  1 
ATOM   280  C CD  . ARG A 1 36 ? 0.470   -1.713  -11.514 1.00 38.80  ? 44 ARG A CD  1 
ATOM   281  N NE  . ARG A 1 36 ? 0.391   -1.962  -12.949 1.00 47.52  ? 44 ARG A NE  1 
ATOM   282  C CZ  . ARG A 1 36 ? -0.023  -1.063  -13.840 1.00 47.49  ? 44 ARG A CZ  1 
ATOM   283  N NH1 . ARG A 1 36 ? -0.409  0.143   -13.439 1.00 40.63  ? 44 ARG A NH1 1 
ATOM   284  N NH2 . ARG A 1 36 ? -0.021  -1.358  -15.133 1.00 46.34  ? 44 ARG A NH2 1 
ATOM   285  N N   . LEU A 1 37 ? 4.209   -1.436  -8.475  1.00 30.03  ? 45 LEU A N   1 
ATOM   286  C CA  . LEU A 1 37 ? 4.206   -0.652  -7.237  1.00 28.88  ? 45 LEU A CA  1 
ATOM   287  C C   . LEU A 1 37 ? 5.526   0.111   -7.064  1.00 27.96  ? 45 LEU A C   1 
ATOM   288  O O   . LEU A 1 37 ? 5.564   1.168   -6.435  1.00 28.14  ? 45 LEU A O   1 
ATOM   289  C CB  . LEU A 1 37 ? 3.998   -1.552  -6.007  1.00 19.35  ? 45 LEU A CB  1 
ATOM   290  C CG  . LEU A 1 37 ? 2.882   -1.147  -5.034  1.00 27.61  ? 45 LEU A CG  1 
ATOM   291  C CD1 . LEU A 1 37 ? 3.130   -1.813  -3.673  1.00 21.84  ? 45 LEU A CD1 1 
ATOM   292  C CD2 . LEU A 1 37 ? 2.850   0.375   -4.854  1.00 22.83  ? 45 LEU A CD2 1 
ATOM   293  N N   . LEU A 1 38 ? 6.614   -0.433  -7.604  1.00 25.02  ? 46 LEU A N   1 
ATOM   294  C CA  . LEU A 1 38 ? 7.897   0.240   -7.472  1.00 27.14  ? 46 LEU A CA  1 
ATOM   295  C C   . LEU A 1 38 ? 7.797   1.565   -8.212  1.00 31.07  ? 46 LEU A C   1 
ATOM   296  O O   . LEU A 1 38 ? 8.109   2.625   -7.658  1.00 33.33  ? 46 LEU A O   1 
ATOM   297  C CB  . LEU A 1 38 ? 9.034   -0.635  -8.030  1.00 34.91  ? 46 LEU A CB  1 
ATOM   298  C CG  . LEU A 1 38 ? 9.339   -1.885  -7.184  1.00 40.33  ? 46 LEU A CG  1 
ATOM   299  C CD1 . LEU A 1 38 ? 10.332  -2.784  -7.911  1.00 40.44  ? 46 LEU A CD1 1 
ATOM   300  C CD2 . LEU A 1 38 ? 9.912   -1.458  -5.826  1.00 37.74  ? 46 LEU A CD2 1 
ATOM   301  N N   . MET A 1 39 ? 7.316   1.503   -9.453  1.00 26.83  ? 47 MET A N   1 
ATOM   302  C CA  . MET A 1 39 ? 7.161   2.686   -10.279 1.00 28.62  ? 47 MET A CA  1 
ATOM   303  C C   . MET A 1 39 ? 6.296   3.728   -9.603  1.00 28.67  ? 47 MET A C   1 
ATOM   304  O O   . MET A 1 39 ? 6.551   4.927   -9.726  1.00 28.18  ? 47 MET A O   1 
ATOM   305  C CB  . MET A 1 39 ? 6.582   2.310   -11.639 1.00 41.81  ? 47 MET A CB  1 
ATOM   306  C CG  . MET A 1 39 ? 7.633   1.822   -12.601 1.00 43.02  ? 47 MET A CG  1 
ATOM   307  S SD  . MET A 1 39 ? 6.939   1.074   -14.079 1.00 47.24  ? 47 MET A SD  1 
ATOM   308  C CE  . MET A 1 39 ? 8.412   0.428   -14.799 1.00 47.77  ? 47 MET A CE  1 
ATOM   309  N N   . MET A 1 40 ? 5.270   3.281   -8.890  1.00 35.96  ? 48 MET A N   1 
ATOM   310  C CA  . MET A 1 40 ? 4.410   4.219   -8.178  1.00 36.46  ? 48 MET A CA  1 
ATOM   311  C C   . MET A 1 40 ? 5.135   4.753   -6.936  1.00 33.97  ? 48 MET A C   1 
ATOM   312  O O   . MET A 1 40 ? 4.833   5.846   -6.454  1.00 31.15  ? 48 MET A O   1 
ATOM   313  C CB  . MET A 1 40 ? 3.111   3.549   -7.739  1.00 35.41  ? 48 MET A CB  1 
ATOM   314  C CG  . MET A 1 40 ? 2.175   3.142   -8.849  1.00 39.95  ? 48 MET A CG  1 
ATOM   315  S SD  . MET A 1 40 ? 0.749   2.327   -8.121  1.00 47.49  ? 48 MET A SD  1 
ATOM   316  C CE  . MET A 1 40 ? -0.077  3.701   -7.322  1.00 44.64  ? 48 MET A CE  1 
ATOM   317  N N   . LYS A 1 41 ? 6.075   3.978   -6.402  1.00 34.10  ? 49 LYS A N   1 
ATOM   318  C CA  . LYS A 1 41 ? 6.810   4.441   -5.230  1.00 30.36  ? 49 LYS A CA  1 
ATOM   319  C C   . LYS A 1 41 ? 7.656   5.615   -5.707  1.00 30.16  ? 49 LYS A C   1 
ATOM   320  O O   . LYS A 1 41 ? 7.713   6.651   -5.060  1.00 30.95  ? 49 LYS A O   1 
ATOM   321  C CB  . LYS A 1 41 ? 7.723   3.343   -4.658  1.00 27.61  ? 49 LYS A CB  1 
ATOM   322  C CG  . LYS A 1 41 ? 7.029   2.200   -3.941  1.00 30.95  ? 49 LYS A CG  1 
ATOM   323  C CD  . LYS A 1 41 ? 6.230   2.659   -2.729  1.00 29.54  ? 49 LYS A CD  1 
ATOM   324  C CE  . LYS A 1 41 ? 5.742   1.464   -1.909  1.00 30.86  ? 49 LYS A CE  1 
ATOM   325  N NZ  . LYS A 1 41 ? 4.482   1.763   -1.193  1.00 29.76  ? 49 LYS A NZ  1 
ATOM   326  N N   . ASP A 1 42 ? 8.312   5.449   -6.847  1.00 27.42  ? 50 ASP A N   1 
ATOM   327  C CA  . ASP A 1 42 ? 9.130   6.521   -7.384  1.00 29.31  ? 50 ASP A CA  1 
ATOM   328  C C   . ASP A 1 42 ? 8.317   7.794   -7.512  1.00 32.63  ? 50 ASP A C   1 
ATOM   329  O O   . ASP A 1 42 ? 8.731   8.861   -7.046  1.00 36.11  ? 50 ASP A O   1 
ATOM   330  C CB  . ASP A 1 42 ? 9.700   6.146   -8.751  1.00 33.37  ? 50 ASP A CB  1 
ATOM   331  C CG  . ASP A 1 42 ? 10.795  5.102   -8.655  1.00 39.73  ? 50 ASP A CG  1 
ATOM   332  O OD1 . ASP A 1 42 ? 11.680  5.257   -7.792  1.00 45.41  ? 50 ASP A OD1 1 
ATOM   333  O OD2 . ASP A 1 42 ? 10.777  4.135   -9.444  1.00 45.36  ? 50 ASP A OD2 1 
ATOM   334  N N   . ASN A 1 43 ? 7.150   7.685   -8.133  1.00 38.63  ? 51 ASN A N   1 
ATOM   335  C CA  . ASN A 1 43 ? 6.317   8.855   -8.306  1.00 37.75  ? 51 ASN A CA  1 
ATOM   336  C C   . ASN A 1 43 ? 5.913   9.474   -6.972  1.00 35.89  ? 51 ASN A C   1 
ATOM   337  O O   . ASN A 1 43 ? 5.816   10.699  -6.884  1.00 39.18  ? 51 ASN A O   1 
ATOM   338  C CB  . ASN A 1 43 ? 5.091   8.528   -9.181  1.00 27.99  ? 51 ASN A CB  1 
ATOM   339  C CG  . ASN A 1 43 ? 5.492   8.023   -10.566 1.00 25.35  ? 51 ASN A CG  1 
ATOM   340  O OD1 . ASN A 1 43 ? 6.590   8.307   -11.045 1.00 25.13  ? 51 ASN A OD1 1 
ATOM   341  N ND2 . ASN A 1 43 ? 4.605   7.272   -11.210 1.00 20.21  ? 51 ASN A ND2 1 
ATOM   342  N N   . VAL A 1 44 ? 5.691   8.664   -5.935  1.00 30.20  ? 52 VAL A N   1 
ATOM   343  C CA  . VAL A 1 44 ? 5.338   9.250   -4.639  1.00 29.48  ? 52 VAL A CA  1 
ATOM   344  C C   . VAL A 1 44 ? 6.548   10.027  -4.166  1.00 29.90  ? 52 VAL A C   1 
ATOM   345  O O   . VAL A 1 44 ? 6.416   11.119  -3.617  1.00 34.43  ? 52 VAL A O   1 
ATOM   346  C CB  . VAL A 1 44 ? 5.036   8.217   -3.528  1.00 31.18  ? 52 VAL A CB  1 
ATOM   347  C CG1 . VAL A 1 44 ? 4.971   8.941   -2.183  1.00 26.35  ? 52 VAL A CG1 1 
ATOM   348  C CG2 . VAL A 1 44 ? 3.710   7.506   -3.788  1.00 22.42  ? 52 VAL A CG2 1 
ATOM   349  N N   . ILE A 1 45 ? 7.728   9.447   -4.376  1.00 31.04  ? 53 ILE A N   1 
ATOM   350  C CA  . ILE A 1 45 ? 8.983   10.071  -3.967  1.00 31.20  ? 53 ILE A CA  1 
ATOM   351  C C   . ILE A 1 45 ? 9.316   11.295  -4.796  1.00 33.28  ? 53 ILE A C   1 
ATOM   352  O O   . ILE A 1 45 ? 9.567   12.366  -4.237  1.00 35.21  ? 53 ILE A O   1 
ATOM   353  C CB  . ILE A 1 45 ? 10.177  9.067   -4.042  1.00 17.85  ? 53 ILE A CB  1 
ATOM   354  C CG1 . ILE A 1 45 ? 10.048  8.025   -2.939  1.00 14.45  ? 53 ILE A CG1 1 
ATOM   355  C CG2 . ILE A 1 45 ? 11.497  9.804   -3.896  1.00 15.75  ? 53 ILE A CG2 1 
ATOM   356  C CD1 . ILE A 1 45 ? 10.259  8.578   -1.523  1.00 41.87  ? 53 ILE A CD1 1 
ATOM   357  N N   . ARG A 1 46 ? 9.336   11.128  -6.120  1.00 25.09  ? 54 ARG A N   1 
ATOM   358  C CA  . ARG A 1 46 ? 9.619   12.227  -7.048  1.00 26.00  ? 54 ARG A CA  1 
ATOM   359  C C   . ARG A 1 46 ? 8.746   13.412  -6.611  1.00 28.34  ? 54 ARG A C   1 
ATOM   360  O O   . ARG A 1 46 ? 9.181   14.556  -6.605  1.00 29.29  ? 54 ARG A O   1 
ATOM   361  C CB  . ARG A 1 46 ? 9.293   11.792  -8.495  1.00 40.93  ? 54 ARG A CB  1 
ATOM   362  C CG  . ARG A 1 46 ? 10.440  11.051  -9.223  1.00 42.70  ? 54 ARG A CG  1 
ATOM   363  C CD  . ARG A 1 46 ? 9.997   9.855   -10.117 1.00 44.79  ? 54 ARG A CD  1 
ATOM   364  N NE  . ARG A 1 46 ? 10.859  9.709   -11.301 1.00 53.05  ? 54 ARG A NE  1 
ATOM   365  C CZ  . ARG A 1 46 ? 11.172  8.554   -11.893 1.00 59.73  ? 54 ARG A CZ  1 
ATOM   366  N NH1 . ARG A 1 46 ? 11.957  8.551   -12.966 1.00 57.41  ? 54 ARG A NH1 1 
ATOM   367  N NH2 . ARG A 1 46 ? 10.722  7.403   -11.408 1.00 65.34  ? 54 ARG A NH2 1 
ATOM   368  N N   . SER A 1 47 ? 7.518   13.109  -6.211  1.00 35.71  ? 55 SER A N   1 
ATOM   369  C CA  . SER A 1 47 ? 6.549   14.098  -5.759  1.00 36.14  ? 55 SER A CA  1 
ATOM   370  C C   . SER A 1 47 ? 6.811   14.718  -4.383  1.00 39.08  ? 55 SER A C   1 
ATOM   371  O O   . SER A 1 47 ? 6.442   15.869  -4.145  1.00 40.31  ? 55 SER A O   1 
ATOM   372  C CB  . SER A 1 47 ? 5.158   13.462  -5.760  1.00 35.35  ? 55 SER A CB  1 
ATOM   373  O OG  . SER A 1 47 ? 4.218   14.244  -5.044  1.00 35.99  ? 55 SER A OG  1 
ATOM   374  N N   . LEU A 1 48 ? 7.412   13.954  -3.474  1.00 51.12  ? 56 LEU A N   1 
ATOM   375  C CA  . LEU A 1 48 ? 7.703   14.439  -2.126  1.00 50.63  ? 56 LEU A CA  1 
ATOM   376  C C   . LEU A 1 48 ? 8.918   15.366  -2.159  1.00 51.78  ? 56 LEU A C   1 
ATOM   377  O O   . LEU A 1 48 ? 8.951   16.401  -1.488  1.00 51.59  ? 56 LEU A O   1 
ATOM   378  C CB  . LEU A 1 48 ? 7.967   13.252  -1.194  1.00 34.09  ? 56 LEU A CB  1 
ATOM   379  C CG  . LEU A 1 48 ? 7.022   12.932  -0.024  1.00 32.34  ? 56 LEU A CG  1 
ATOM   380  C CD1 . LEU A 1 48 ? 5.592   13.343  -0.299  1.00 32.59  ? 56 LEU A CD1 1 
ATOM   381  C CD2 . LEU A 1 48 ? 7.091   11.441  0.219   1.00 29.63  ? 56 LEU A CD2 1 
ATOM   382  N N   . VAL A 1 49 ? 9.914   14.983  -2.949  1.00 29.25  ? 57 VAL A N   1 
ATOM   383  C CA  . VAL A 1 49 ? 11.126  15.776  -3.100  1.00 32.49  ? 57 VAL A CA  1 
ATOM   384  C C   . VAL A 1 49 ? 10.761  17.172  -3.603  1.00 37.06  ? 57 VAL A C   1 
ATOM   385  O O   . VAL A 1 49 ? 11.177  18.188  -3.031  1.00 37.23  ? 57 VAL A O   1 
ATOM   386  C CB  . VAL A 1 49 ? 12.095  15.087  -4.101  1.00 38.44  ? 57 VAL A CB  1 
ATOM   387  C CG1 . VAL A 1 49 ? 13.094  16.087  -4.667  1.00 32.64  ? 57 VAL A CG1 1 
ATOM   388  C CG2 . VAL A 1 49 ? 12.833  13.962  -3.395  1.00 35.92  ? 57 VAL A CG2 1 
ATOM   389  N N   . LYS A 1 50 ? 9.964   17.217  -4.667  1.00 56.38  ? 58 LYS A N   1 
ATOM   390  C CA  . LYS A 1 50 ? 9.547   18.483  -5.237  1.00 60.84  ? 58 LYS A CA  1 
ATOM   391  C C   . LYS A 1 50 ? 8.790   19.342  -4.225  1.00 62.17  ? 58 LYS A C   1 
ATOM   392  O O   . LYS A 1 50 ? 9.081   20.526  -4.091  1.00 61.69  ? 58 LYS A O   1 
ATOM   393  C CB  . LYS A 1 50 ? 8.718   18.241  -6.509  1.00 63.00  ? 58 LYS A CB  1 
ATOM   394  C CG  . LYS A 1 50 ? 9.600   17.807  -7.685  1.00 64.50  ? 58 LYS A CG  1 
ATOM   395  C CD  . LYS A 1 50 ? 8.838   17.510  -8.962  1.00 68.90  ? 58 LYS A CD  1 
ATOM   396  C CE  . LYS A 1 50 ? 9.807   17.191  -10.094 1.00 72.71  ? 58 LYS A CE  1 
ATOM   397  N NZ  . LYS A 1 50 ? 9.249   16.231  -11.079 1.00 79.19  ? 58 LYS A NZ  1 
ATOM   398  N N   . ARG A 1 51 ? 7.838   18.768  -3.495  1.00 70.82  ? 59 ARG A N   1 
ATOM   399  C CA  . ARG A 1 51 ? 7.113   19.576  -2.519  1.00 73.42  ? 59 ARG A CA  1 
ATOM   400  C C   . ARG A 1 51 ? 8.026   20.024  -1.376  1.00 74.46  ? 59 ARG A C   1 
ATOM   401  O O   . ARG A 1 51 ? 7.680   20.928  -0.621  1.00 73.74  ? 59 ARG A O   1 
ATOM   402  C CB  . ARG A 1 51 ? 5.883   18.829  -1.980  1.00 63.70  ? 59 ARG A CB  1 
ATOM   403  C CG  . ARG A 1 51 ? 4.584   19.569  -2.287  1.00 66.10  ? 59 ARG A CG  1 
ATOM   404  C CD  . ARG A 1 51 ? 3.334   18.704  -2.251  1.00 68.39  ? 59 ARG A CD  1 
ATOM   405  N NE  . ARG A 1 51 ? 2.472   19.076  -1.135  1.00 74.21  ? 59 ARG A NE  1 
ATOM   406  C CZ  . ARG A 1 51 ? 2.612   18.607  0.100   1.00 71.36  ? 59 ARG A CZ  1 
ATOM   407  N NH1 . ARG A 1 51 ? 3.576   17.736  0.369   1.00 71.43  ? 59 ARG A NH1 1 
ATOM   408  N NH2 . ARG A 1 51 ? 1.812   19.029  1.069   1.00 71.02  ? 59 ARG A NH2 1 
ATOM   409  N N   . ALA A 1 52 ? 9.199   19.409  -1.255  1.00 56.05  ? 60 ALA A N   1 
ATOM   410  C CA  . ALA A 1 52 ? 10.131  19.800  -0.208  1.00 57.44  ? 60 ALA A CA  1 
ATOM   411  C C   . ALA A 1 52 ? 10.682  21.175  -0.577  1.00 59.51  ? 60 ALA A C   1 
ATOM   412  O O   . ALA A 1 52 ? 10.604  22.114  0.211   1.00 60.57  ? 60 ALA A O   1 
ATOM   413  C CB  . ALA A 1 52 ? 11.264  18.786  -0.096  1.00 50.19  ? 60 ALA A CB  1 
ATOM   414  N N   . ALA A 1 53 ? 11.217  21.296  -1.787  1.00 85.65  ? 61 ALA A N   1 
ATOM   415  C CA  . ALA A 1 53 ? 11.773  22.562  -2.251  1.00 87.14  ? 61 ALA A CA  1 
ATOM   416  C C   . ALA A 1 53 ? 10.686  23.534  -2.736  1.00 86.85  ? 61 ALA A C   1 
ATOM   417  O O   . ALA A 1 53 ? 10.498  24.602  -2.154  1.00 86.13  ? 61 ALA A O   1 
ATOM   418  C CB  . ALA A 1 53 ? 12.785  22.306  -3.367  1.00 77.80  ? 61 ALA A CB  1 
ATOM   419  N N   . ARG A 1 54 ? 9.977   23.154  -3.799  1.00 103.54 ? 62 ARG A N   1 
ATOM   420  C CA  . ARG A 1 54 ? 8.918   23.978  -4.399  1.00 103.76 ? 62 ARG A CA  1 
ATOM   421  C C   . ARG A 1 54 ? 7.596   24.027  -3.626  1.00 103.26 ? 62 ARG A C   1 
ATOM   422  O O   . ARG A 1 54 ? 7.614   23.947  -2.378  1.00 72.39  ? 62 ARG A O   1 
ATOM   423  C CB  . ARG A 1 54 ? 8.637   23.504  -5.831  1.00 78.35  ? 62 ARG A CB  1 
ATOM   424  C CG  . ARG A 1 54 ? 8.919   24.547  -6.900  1.00 79.61  ? 62 ARG A CG  1 
ATOM   425  C CD  . ARG A 1 54 ? 10.401  24.901  -7.004  1.00 78.71  ? 62 ARG A CD  1 
ATOM   426  N NE  . ARG A 1 54 ? 11.179  23.927  -7.772  1.00 80.30  ? 62 ARG A NE  1 
ATOM   427  C CZ  . ARG A 1 54 ? 11.518  22.711  -7.347  1.00 80.66  ? 62 ARG A CZ  1 
ATOM   428  N NH1 . ARG A 1 54 ? 11.157  22.289  -6.143  1.00 79.31  ? 62 ARG A NH1 1 
ATOM   429  N NH2 . ARG A 1 54 ? 12.230  21.910  -8.128  1.00 76.37  ? 62 ARG A NH2 1 
ATOM   430  O OXT . ARG A 1 54 ? 6.547   24.171  -4.290  1.00 75.97  ? 62 ARG A OXT 1 
ATOM   431  N N   . ASP B 1 3  ? -0.702  6.728   -10.734 1.00 62.90  ? 11 ASP B N   1 
ATOM   432  C CA  . ASP B 1 3  ? -0.790  7.143   -12.167 1.00 61.62  ? 11 ASP B CA  1 
ATOM   433  C C   . ASP B 1 3  ? 0.563   6.892   -12.835 1.00 60.76  ? 11 ASP B C   1 
ATOM   434  O O   . ASP B 1 3  ? 1.495   7.676   -12.679 1.00 60.45  ? 11 ASP B O   1 
ATOM   435  C CB  . ASP B 1 3  ? -1.145  8.637   -12.260 1.00 59.96  ? 11 ASP B CB  1 
ATOM   436  C CG  . ASP B 1 3  ? -2.359  8.911   -13.151 1.00 64.14  ? 11 ASP B CG  1 
ATOM   437  O OD1 . ASP B 1 3  ? -2.226  8.896   -14.396 1.00 65.24  ? 11 ASP B OD1 1 
ATOM   438  O OD2 . ASP B 1 3  ? -3.453  9.146   -12.596 1.00 66.50  ? 11 ASP B OD2 1 
ATOM   439  N N   . LEU B 1 4  ? 0.684   5.788   -13.563 1.00 47.66  ? 12 LEU B N   1 
ATOM   440  C CA  . LEU B 1 4  ? 1.942   5.494   -14.238 1.00 45.69  ? 12 LEU B CA  1 
ATOM   441  C C   . LEU B 1 4  ? 2.143   6.426   -15.428 1.00 43.38  ? 12 LEU B C   1 
ATOM   442  O O   . LEU B 1 4  ? 1.226   6.665   -16.214 1.00 43.87  ? 12 LEU B O   1 
ATOM   443  C CB  . LEU B 1 4  ? 1.969   4.040   -14.711 1.00 48.28  ? 12 LEU B CB  1 
ATOM   444  C CG  . LEU B 1 4  ? 2.902   3.065   -13.988 1.00 50.60  ? 12 LEU B CG  1 
ATOM   445  C CD1 . LEU B 1 4  ? 2.663   3.100   -12.475 1.00 50.17  ? 12 LEU B CD1 1 
ATOM   446  C CD2 . LEU B 1 4  ? 2.663   1.667   -14.541 1.00 49.56  ? 12 LEU B CD2 1 
ATOM   447  N N   . SER B 1 5  ? 3.348   6.965   -15.543 1.00 41.03  ? 13 SER B N   1 
ATOM   448  C CA  . SER B 1 5  ? 3.676   7.856   -16.635 1.00 38.96  ? 13 SER B CA  1 
ATOM   449  C C   . SER B 1 5  ? 3.751   7.065   -17.929 1.00 39.42  ? 13 SER B C   1 
ATOM   450  O O   . SER B 1 5  ? 3.620   5.837   -17.953 1.00 38.30  ? 13 SER B O   1 
ATOM   451  C CB  . SER B 1 5  ? 5.035   8.512   -16.409 1.00 28.28  ? 13 SER B CB  1 
ATOM   452  O OG  . SER B 1 5  ? 6.085   7.642   -16.823 1.00 35.29  ? 13 SER B OG  1 
ATOM   453  N N   . PHE B 1 6  ? 3.993   7.804   -18.999 1.00 36.50  ? 14 PHE B N   1 
ATOM   454  C CA  . PHE B 1 6  ? 4.125   7.266   -20.339 1.00 34.55  ? 14 PHE B CA  1 
ATOM   455  C C   . PHE B 1 6  ? 5.308   6.301   -20.454 1.00 31.57  ? 14 PHE B C   1 
ATOM   456  O O   . PHE B 1 6  ? 5.203   5.245   -21.081 1.00 32.14  ? 14 PHE B O   1 
ATOM   457  C CB  . PHE B 1 6  ? 4.287   8.443   -21.304 1.00 39.29  ? 14 PHE B CB  1 
ATOM   458  C CG  . PHE B 1 6  ? 4.639   8.045   -22.696 1.00 38.36  ? 14 PHE B CG  1 
ATOM   459  C CD1 . PHE B 1 6  ? 5.880   8.366   -23.220 1.00 30.21  ? 14 PHE B CD1 1 
ATOM   460  C CD2 . PHE B 1 6  ? 3.748   7.324   -23.471 1.00 40.77  ? 14 PHE B CD2 1 
ATOM   461  C CE1 . PHE B 1 6  ? 6.236   7.975   -24.511 1.00 26.00  ? 14 PHE B CE1 1 
ATOM   462  C CE2 . PHE B 1 6  ? 4.085   6.926   -24.760 1.00 45.31  ? 14 PHE B CE2 1 
ATOM   463  C CZ  . PHE B 1 6  ? 5.333   7.247   -25.284 1.00 35.05  ? 14 PHE B CZ  1 
ATOM   464  N N   . GLU B 1 7  ? 6.432   6.677   -19.852 1.00 42.73  ? 15 GLU B N   1 
ATOM   465  C CA  . GLU B 1 7  ? 7.624   5.840   -19.882 1.00 40.84  ? 15 GLU B CA  1 
ATOM   466  C C   . GLU B 1 7  ? 7.438   4.642   -18.944 1.00 39.76  ? 15 GLU B C   1 
ATOM   467  O O   . GLU B 1 7  ? 7.818   3.514   -19.270 1.00 37.46  ? 15 GLU B O   1 
ATOM   468  C CB  . GLU B 1 7  ? 8.852   6.643   -19.447 1.00 26.25  ? 15 GLU B CB  1 
ATOM   469  C CG  . GLU B 1 7  ? 9.449   7.606   -20.478 1.00 29.59  ? 15 GLU B CG  1 
ATOM   470  C CD  . GLU B 1 7  ? 8.557   8.792   -20.822 1.00 33.16  ? 15 GLU B CD  1 
ATOM   471  O OE1 . GLU B 1 7  ? 7.847   9.313   -19.931 1.00 31.05  ? 15 GLU B OE1 1 
ATOM   472  O OE2 . GLU B 1 7  ? 8.589   9.222   -21.993 1.00 41.17  ? 15 GLU B OE2 1 
ATOM   473  N N   . GLN B 1 8  ? 6.844   4.893   -17.782 1.00 29.08  ? 16 GLN B N   1 
ATOM   474  C CA  . GLN B 1 8  ? 6.626   3.829   -16.821 1.00 29.97  ? 16 GLN B CA  1 
ATOM   475  C C   . GLN B 1 8  ? 5.722   2.760   -17.419 1.00 31.27  ? 16 GLN B C   1 
ATOM   476  O O   . GLN B 1 8  ? 6.074   1.575   -17.399 1.00 34.85  ? 16 GLN B O   1 
ATOM   477  C CB  . GLN B 1 8  ? 6.049   4.405   -15.520 1.00 33.25  ? 16 GLN B CB  1 
ATOM   478  C CG  . GLN B 1 8  ? 7.061   5.310   -14.809 1.00 26.26  ? 16 GLN B CG  1 
ATOM   479  C CD  . GLN B 1 8  ? 6.548   5.893   -13.512 1.00 32.16  ? 16 GLN B CD  1 
ATOM   480  O OE1 . GLN B 1 8  ? 7.200   5.787   -12.467 1.00 43.20  ? 16 GLN B OE1 1 
ATOM   481  N NE2 . GLN B 1 8  ? 5.388   6.529   -13.568 1.00 27.84  ? 16 GLN B NE2 1 
ATOM   482  N N   . GLU B 1 9  ? 4.579   3.173   -17.974 1.00 36.71  ? 17 GLU B N   1 
ATOM   483  C CA  . GLU B 1 9  ? 3.663   2.220   -18.596 1.00 35.93  ? 17 GLU B CA  1 
ATOM   484  C C   . GLU B 1 9  ? 4.444   1.480   -19.682 1.00 35.45  ? 17 GLU B C   1 
ATOM   485  O O   . GLU B 1 9  ? 4.247   0.287   -19.881 1.00 34.02  ? 17 GLU B O   1 
ATOM   486  C CB  . GLU B 1 9  ? 2.430   2.928   -19.195 1.00 29.58  ? 17 GLU B CB  1 
ATOM   487  C CG  . GLU B 1 9  ? 1.317   3.300   -18.185 1.00 32.24  ? 17 GLU B CG  1 
ATOM   488  C CD  . GLU B 1 9  ? 0.521   2.106   -17.646 1.00 45.87  ? 17 GLU B CD  1 
ATOM   489  O OE1 . GLU B 1 9  ? 0.670   0.979   -18.171 1.00 53.06  ? 17 GLU B OE1 1 
ATOM   490  O OE2 . GLU B 1 9  ? -0.274  2.299   -16.696 1.00 40.83  ? 17 GLU B OE2 1 
ATOM   491  N N   . PHE B 1 10 ? 5.337   2.172   -20.382 1.00 35.85  ? 18 PHE B N   1 
ATOM   492  C CA  . PHE B 1 10 ? 6.123   1.487   -21.406 1.00 33.55  ? 18 PHE B CA  1 
ATOM   493  C C   . PHE B 1 10 ? 7.013   0.395   -20.796 1.00 35.24  ? 18 PHE B C   1 
ATOM   494  O O   . PHE B 1 10 ? 7.094   -0.692  -21.359 1.00 36.18  ? 18 PHE B O   1 
ATOM   495  C CB  . PHE B 1 10 ? 6.990   2.458   -22.213 1.00 23.02  ? 18 PHE B CB  1 
ATOM   496  C CG  . PHE B 1 10 ? 7.910   1.772   -23.205 1.00 23.27  ? 18 PHE B CG  1 
ATOM   497  C CD1 . PHE B 1 10 ? 9.288   1.791   -23.022 1.00 15.02  ? 18 PHE B CD1 1 
ATOM   498  C CD2 . PHE B 1 10 ? 7.397   1.083   -24.305 1.00 30.67  ? 18 PHE B CD2 1 
ATOM   499  C CE1 . PHE B 1 10 ? 10.141  1.146   -23.919 1.00 15.69  ? 18 PHE B CE1 1 
ATOM   500  C CE2 . PHE B 1 10 ? 8.254   0.428   -25.211 1.00 32.63  ? 18 PHE B CE2 1 
ATOM   501  C CZ  . PHE B 1 10 ? 9.624   0.461   -25.010 1.00 26.75  ? 18 PHE B CZ  1 
ATOM   502  N N   . GLN B 1 11 ? 7.687   0.639   -19.669 1.00 42.34  ? 19 GLN B N   1 
ATOM   503  C CA  . GLN B 1 11 ? 8.503   -0.454  -19.131 1.00 44.51  ? 19 GLN B CA  1 
ATOM   504  C C   . GLN B 1 11 ? 7.623   -1.570  -18.616 1.00 43.35  ? 19 GLN B C   1 
ATOM   505  O O   . GLN B 1 11 ? 8.017   -2.729  -18.696 1.00 41.74  ? 19 GLN B O   1 
ATOM   506  C CB  . GLN B 1 11 ? 9.452   -0.055  -17.997 1.00 42.71  ? 19 GLN B CB  1 
ATOM   507  C CG  . GLN B 1 11 ? 9.551   1.388   -17.633 1.00 52.71  ? 19 GLN B CG  1 
ATOM   508  C CD  . GLN B 1 11 ? 10.841  1.662   -16.894 1.00 60.86  ? 19 GLN B CD  1 
ATOM   509  O OE1 . GLN B 1 11 ? 11.041  2.740   -16.349 1.00 63.16  ? 19 GLN B OE1 1 
ATOM   510  N NE2 . GLN B 1 11 ? 11.733  0.684   -16.884 1.00 56.44  ? 19 GLN B NE2 1 
ATOM   511  N N   . MET B 1 12 ? 6.453   -1.231  -18.070 1.00 26.01  ? 20 MET B N   1 
ATOM   512  C CA  . MET B 1 12 ? 5.554   -2.275  -17.593 1.00 24.35  ? 20 MET B CA  1 
ATOM   513  C C   . MET B 1 12 ? 5.443   -3.278  -18.731 1.00 26.59  ? 20 MET B C   1 
ATOM   514  O O   . MET B 1 12 ? 5.526   -4.490  -18.525 1.00 29.66  ? 20 MET B O   1 
ATOM   515  C CB  . MET B 1 12 ? 4.160   -1.729  -17.273 1.00 35.17  ? 20 MET B CB  1 
ATOM   516  C CG  . MET B 1 12 ? 3.916   -1.413  -15.805 1.00 32.87  ? 20 MET B CG  1 
ATOM   517  S SD  . MET B 1 12 ? 4.869   -2.442  -14.636 1.00 44.22  ? 20 MET B SD  1 
ATOM   518  C CE  . MET B 1 12 ? 4.045   -4.060  -14.796 1.00 35.85  ? 20 MET B CE  1 
ATOM   519  N N   . ARG B 1 13 ? 5.258   -2.757  -19.941 1.00 31.06  ? 21 ARG B N   1 
ATOM   520  C CA  . ARG B 1 13 ? 5.140   -3.608  -21.109 1.00 32.57  ? 21 ARG B CA  1 
ATOM   521  C C   . ARG B 1 13 ? 6.367   -4.475  -21.312 1.00 30.62  ? 21 ARG B C   1 
ATOM   522  O O   . ARG B 1 13 ? 6.236   -5.646  -21.642 1.00 31.25  ? 21 ARG B O   1 
ATOM   523  C CB  . ARG B 1 13 ? 4.862   -2.770  -22.366 1.00 37.05  ? 21 ARG B CB  1 
ATOM   524  C CG  . ARG B 1 13 ? 3.496   -3.033  -22.959 1.00 43.32  ? 21 ARG B CG  1 
ATOM   525  C CD  . ARG B 1 13 ? 2.427   -2.907  -21.889 1.00 51.09  ? 21 ARG B CD  1 
ATOM   526  N NE  . ARG B 1 13 ? 1.692   -1.652  -21.992 1.00 60.15  ? 21 ARG B NE  1 
ATOM   527  C CZ  . ARG B 1 13 ? 1.105   -1.047  -20.967 1.00 59.17  ? 21 ARG B CZ  1 
ATOM   528  N NH1 . ARG B 1 13 ? 1.175   -1.576  -19.750 1.00 52.26  ? 21 ARG B NH1 1 
ATOM   529  N NH2 . ARG B 1 13 ? 0.428   0.075   -21.165 1.00 52.77  ? 21 ARG B NH2 1 
ATOM   530  N N   . VAL B 1 14 ? 7.553   -3.921  -21.114 1.00 40.45  ? 22 VAL B N   1 
ATOM   531  C CA  . VAL B 1 14 ? 8.765   -4.716  -21.271 1.00 41.56  ? 22 VAL B CA  1 
ATOM   532  C C   . VAL B 1 14 ? 8.857   -5.729  -20.129 1.00 42.58  ? 22 VAL B C   1 
ATOM   533  O O   . VAL B 1 14 ? 9.239   -6.885  -20.339 1.00 42.86  ? 22 VAL B O   1 
ATOM   534  C CB  . VAL B 1 14 ? 10.025  -3.838  -21.254 1.00 40.54  ? 22 VAL B CB  1 
ATOM   535  C CG1 . VAL B 1 14 ? 11.271  -4.712  -21.386 1.00 41.24  ? 22 VAL B CG1 1 
ATOM   536  C CG2 . VAL B 1 14 ? 9.957   -2.823  -22.395 1.00 34.06  ? 22 VAL B CG2 1 
ATOM   537  N N   . MET B 1 15 ? 8.500   -5.294  -18.923 1.00 34.63  ? 23 MET B N   1 
ATOM   538  C CA  . MET B 1 15 ? 8.538   -6.177  -17.774 1.00 40.87  ? 23 MET B CA  1 
ATOM   539  C C   . MET B 1 15 ? 7.580   -7.353  -17.989 1.00 39.06  ? 23 MET B C   1 
ATOM   540  O O   . MET B 1 15 ? 7.850   -8.462  -17.540 1.00 39.24  ? 23 MET B O   1 
ATOM   541  C CB  . MET B 1 15 ? 8.226   -5.391  -16.489 1.00 73.30  ? 23 MET B CB  1 
ATOM   542  C CG  . MET B 1 15 ? 9.498   -5.086  -15.678 1.00 80.64  ? 23 MET B CG  1 
ATOM   543  S SD  . MET B 1 15 ? 9.568   -3.532  -14.730 1.00 87.36  ? 23 MET B SD  1 
ATOM   544  C CE  . MET B 1 15 ? 11.238  -2.919  -15.177 1.00 84.50  ? 23 MET B CE  1 
ATOM   545  N N   . GLU B 1 16 ? 6.485   -7.122  -18.708 1.00 42.14  ? 24 GLU B N   1 
ATOM   546  C CA  . GLU B 1 16 ? 5.520   -8.184  -18.983 1.00 42.24  ? 24 GLU B CA  1 
ATOM   547  C C   . GLU B 1 16 ? 6.094   -9.222  -19.947 1.00 44.31  ? 24 GLU B C   1 
ATOM   548  O O   . GLU B 1 16 ? 5.870   -10.420 -19.779 1.00 45.21  ? 24 GLU B O   1 
ATOM   549  C CB  . GLU B 1 16 ? 4.229   -7.596  -19.556 1.00 35.20  ? 24 GLU B CB  1 
ATOM   550  C CG  . GLU B 1 16 ? 3.460   -6.778  -18.536 1.00 37.66  ? 24 GLU B CG  1 
ATOM   551  C CD  . GLU B 1 16 ? 2.235   -6.081  -19.102 1.00 47.74  ? 24 GLU B CD  1 
ATOM   552  O OE1 . GLU B 1 16 ? 1.681   -5.202  -18.406 1.00 57.55  ? 24 GLU B OE1 1 
ATOM   553  O OE2 . GLU B 1 16 ? 1.823   -6.407  -20.236 1.00 45.19  ? 24 GLU B OE2 1 
ATOM   554  N N   . GLU B 1 17 ? 6.839   -8.775  -20.954 1.00 41.89  ? 25 GLU B N   1 
ATOM   555  C CA  . GLU B 1 17 ? 7.423   -9.715  -21.903 1.00 42.17  ? 25 GLU B CA  1 
ATOM   556  C C   . GLU B 1 17 ? 8.500   -10.539 -21.194 1.00 40.60  ? 25 GLU B C   1 
ATOM   557  O O   . GLU B 1 17 ? 8.617   -11.738 -21.432 1.00 42.26  ? 25 GLU B O   1 
ATOM   558  C CB  . GLU B 1 17 ? 8.029   -8.978  -23.102 1.00 45.35  ? 25 GLU B CB  1 
ATOM   559  C CG  . GLU B 1 17 ? 8.018   -9.767  -24.419 1.00 54.78  ? 25 GLU B CG  1 
ATOM   560  C CD  . GLU B 1 17 ? 6.612   -10.103 -24.913 1.00 62.62  ? 25 GLU B CD  1 
ATOM   561  O OE1 . GLU B 1 17 ? 5.677   -9.326  -24.622 1.00 60.65  ? 25 GLU B OE1 1 
ATOM   562  O OE2 . GLU B 1 17 ? 6.445   -11.132 -25.608 1.00 67.74  ? 25 GLU B OE2 1 
ATOM   563  N N   . GLN B 1 18 ? 9.277   -9.904  -20.315 1.00 35.19  ? 26 GLN B N   1 
ATOM   564  C CA  . GLN B 1 18 ? 10.339  -10.609 -19.580 1.00 34.70  ? 26 GLN B CA  1 
ATOM   565  C C   . GLN B 1 18 ? 9.802   -11.629 -18.561 1.00 35.93  ? 26 GLN B C   1 
ATOM   566  O O   . GLN B 1 18 ? 10.198  -12.798 -18.570 1.00 37.65  ? 26 GLN B O   1 
ATOM   567  C CB  . GLN B 1 18 ? 11.239  -9.611  -18.840 1.00 30.89  ? 26 GLN B CB  1 
ATOM   568  C CG  . GLN B 1 18 ? 11.934  -8.595  -19.725 1.00 30.40  ? 26 GLN B CG  1 
ATOM   569  C CD  . GLN B 1 18 ? 12.800  -7.643  -18.926 1.00 29.18  ? 26 GLN B CD  1 
ATOM   570  O OE1 . GLN B 1 18 ? 12.298  -6.818  -18.162 1.00 32.69  ? 26 GLN B OE1 1 
ATOM   571  N NE2 . GLN B 1 18 ? 14.114  -7.758  -19.094 1.00 21.67  ? 26 GLN B NE2 1 
ATOM   572  N N   . VAL B 1 19 ? 8.913   -11.176 -17.679 1.00 37.08  ? 27 VAL B N   1 
ATOM   573  C CA  . VAL B 1 19 ? 8.331   -12.038 -16.662 1.00 34.76  ? 27 VAL B CA  1 
ATOM   574  C C   . VAL B 1 19 ? 7.688   -13.298 -17.240 1.00 38.64  ? 27 VAL B C   1 
ATOM   575  O O   . VAL B 1 19 ? 7.770   -14.373 -16.648 1.00 40.36  ? 27 VAL B O   1 
ATOM   576  C CB  . VAL B 1 19 ? 7.259   -11.288 -15.857 1.00 32.98  ? 27 VAL B CB  1 
ATOM   577  C CG1 . VAL B 1 19 ? 6.487   -12.266 -14.988 1.00 29.23  ? 27 VAL B CG1 1 
ATOM   578  C CG2 . VAL B 1 19 ? 7.911   -10.211 -15.001 1.00 27.97  ? 27 VAL B CG2 1 
ATOM   579  N N   . SER B 1 20 ? 7.045   -13.167 -18.397 1.00 39.77  ? 28 SER B N   1 
ATOM   580  C CA  . SER B 1 20 ? 6.371   -14.301 -19.017 1.00 38.18  ? 28 SER B CA  1 
ATOM   581  C C   . SER B 1 20 ? 7.334   -15.293 -19.660 1.00 39.87  ? 28 SER B C   1 
ATOM   582  O O   . SER B 1 20 ? 6.913   -16.311 -20.201 1.00 40.56  ? 28 SER B O   1 
ATOM   583  C CB  . SER B 1 20 ? 5.369   -13.818 -20.064 1.00 43.33  ? 28 SER B CB  1 
ATOM   584  O OG  . SER B 1 20 ? 6.036   -13.418 -21.247 1.00 44.42  ? 28 SER B OG  1 
ATOM   585  N N   . ALA B 1 21 ? 8.623   -14.990 -19.609 1.00 35.94  ? 29 ALA B N   1 
ATOM   586  C CA  . ALA B 1 21 ? 9.638   -15.871 -20.169 1.00 33.66  ? 29 ALA B CA  1 
ATOM   587  C C   . ALA B 1 21 ? 10.523  -16.272 -19.000 1.00 35.44  ? 29 ALA B C   1 
ATOM   588  O O   . ALA B 1 21 ? 11.551  -16.930 -19.162 1.00 36.07  ? 29 ALA B O   1 
ATOM   589  C CB  . ALA B 1 21 ? 10.461  -15.125 -21.214 1.00 34.27  ? 29 ALA B CB  1 
ATOM   590  N N   . MET B 1 22 ? 10.094  -15.882 -17.809 1.00 33.39  ? 30 MET B N   1 
ATOM   591  C CA  . MET B 1 22 ? 10.867  -16.149 -16.614 1.00 36.23  ? 30 MET B CA  1 
ATOM   592  C C   . MET B 1 22 ? 10.705  -17.521 -15.982 1.00 36.27  ? 30 MET B C   1 
ATOM   593  O O   . MET B 1 22 ? 9.616   -18.103 -15.951 1.00 35.67  ? 30 MET B O   1 
ATOM   594  C CB  . MET B 1 22 ? 10.566  -15.075 -15.571 1.00 43.59  ? 30 MET B CB  1 
ATOM   595  C CG  . MET B 1 22 ? 11.775  -14.285 -15.099 1.00 45.58  ? 30 MET B CG  1 
ATOM   596  S SD  . MET B 1 22 ? 11.230  -12.880 -14.102 1.00 47.27  ? 30 MET B SD  1 
ATOM   597  C CE  . MET B 1 22 ? 11.892  -11.511 -15.055 1.00 43.45  ? 30 MET B CE  1 
ATOM   598  N N   . SER B 1 23 ? 11.824  -18.036 -15.487 1.00 28.68  ? 31 SER B N   1 
ATOM   599  C CA  . SER B 1 23 ? 11.828  -19.322 -14.824 1.00 29.64  ? 31 SER B CA  1 
ATOM   600  C C   . SER B 1 23 ? 11.302  -19.078 -13.415 1.00 28.85  ? 31 SER B C   1 
ATOM   601  O O   . SER B 1 23 ? 11.260  -17.934 -12.945 1.00 28.47  ? 31 SER B O   1 
ATOM   602  C CB  . SER B 1 23 ? 13.251  -19.885 -14.760 1.00 50.64  ? 31 SER B CB  1 
ATOM   603  O OG  . SER B 1 23 ? 14.047  -19.176 -13.825 1.00 57.45  ? 31 SER B OG  1 
ATOM   604  N N   . LEU B 1 24 ? 10.894  -20.153 -12.753 1.00 41.06  ? 32 LEU B N   1 
ATOM   605  C CA  . LEU B 1 24 ? 10.386  -20.076 -11.387 1.00 40.05  ? 32 LEU B CA  1 
ATOM   606  C C   . LEU B 1 24 ? 11.496  -19.536 -10.478 1.00 41.55  ? 32 LEU B C   1 
ATOM   607  O O   . LEU B 1 24 ? 11.233  -18.764 -9.545  1.00 41.22  ? 32 LEU B O   1 
ATOM   608  C CB  . LEU B 1 24 ? 9.951   -21.470 -10.928 1.00 31.35  ? 32 LEU B CB  1 
ATOM   609  C CG  . LEU B 1 24 ? 9.220   -21.578 -9.594  1.00 34.91  ? 32 LEU B CG  1 
ATOM   610  C CD1 . LEU B 1 24 ? 8.023   -20.640 -9.613  1.00 17.48  ? 32 LEU B CD1 1 
ATOM   611  C CD2 . LEU B 1 24 ? 8.784   -23.026 -9.362  1.00 33.51  ? 32 LEU B CD2 1 
ATOM   612  N N   . GLN B 1 25 ? 12.731  -19.955 -10.767 1.00 53.21  ? 33 GLN B N   1 
ATOM   613  C CA  . GLN B 1 25 ? 13.909  -19.531 -10.019 1.00 56.22  ? 33 GLN B CA  1 
ATOM   614  C C   . GLN B 1 25 ? 13.968  -18.013 -10.080 1.00 54.13  ? 33 GLN B C   1 
ATOM   615  O O   . GLN B 1 25 ? 13.860  -17.323 -9.063  1.00 54.41  ? 33 GLN B O   1 
ATOM   616  C CB  . GLN B 1 25 ? 15.186  -20.100 -10.654 1.00 50.63  ? 33 GLN B CB  1 
ATOM   617  C CG  . GLN B 1 25 ? 15.250  -21.616 -10.728 1.00 57.08  ? 33 GLN B CG  1 
ATOM   618  C CD  . GLN B 1 25 ? 14.640  -22.196 -12.000 1.00 63.05  ? 33 GLN B CD  1 
ATOM   619  O OE1 . GLN B 1 25 ? 15.360  -22.658 -12.888 1.00 66.86  ? 33 GLN B OE1 1 
ATOM   620  N NE2 . GLN B 1 25 ? 13.311  -22.178 -12.089 1.00 55.62  ? 33 GLN B NE2 1 
ATOM   621  N N   . GLU B 1 26 ? 14.136  -17.517 -11.301 1.00 40.36  ? 34 GLU B N   1 
ATOM   622  C CA  . GLU B 1 26 ? 14.219  -16.087 -11.595 1.00 42.54  ? 34 GLU B CA  1 
ATOM   623  C C   . GLU B 1 26 ? 13.014  -15.330 -11.019 1.00 38.27  ? 34 GLU B C   1 
ATOM   624  O O   . GLU B 1 26 ? 13.168  -14.384 -10.237 1.00 39.19  ? 34 GLU B O   1 
ATOM   625  C CB  . GLU B 1 26 ? 14.269  -15.893 -13.114 1.00 49.96  ? 34 GLU B CB  1 
ATOM   626  C CG  . GLU B 1 26 ? 15.418  -15.056 -13.645 1.00 56.68  ? 34 GLU B CG  1 
ATOM   627  C CD  . GLU B 1 26 ? 15.351  -14.898 -15.155 1.00 55.57  ? 34 GLU B CD  1 
ATOM   628  O OE1 . GLU B 1 26 ? 15.416  -15.924 -15.866 1.00 66.47  ? 34 GLU B OE1 1 
ATOM   629  O OE2 . GLU B 1 26 ? 15.226  -13.750 -15.634 1.00 61.67  ? 34 GLU B OE2 1 
ATOM   630  N N   . ALA B 1 27 ? 11.816  -15.753 -11.412 1.00 34.84  ? 35 ALA B N   1 
ATOM   631  C CA  . ALA B 1 27 ? 10.595  -15.111 -10.949 1.00 30.76  ? 35 ALA B CA  1 
ATOM   632  C C   . ALA B 1 27 ? 10.562  -14.963 -9.430  1.00 31.89  ? 35 ALA B C   1 
ATOM   633  O O   . ALA B 1 27 ? 10.254  -13.889 -8.919  1.00 33.74  ? 35 ALA B O   1 
ATOM   634  C CB  . ALA B 1 27 ? 9.379   -15.881 -11.430 1.00 16.62  ? 35 ALA B CB  1 
ATOM   635  N N   . ARG B 1 28 ? 10.869  -16.032 -8.702  1.00 25.18  ? 36 ARG B N   1 
ATOM   636  C CA  . ARG B 1 28 ? 10.884  -15.951 -7.237  1.00 27.35  ? 36 ARG B CA  1 
ATOM   637  C C   . ARG B 1 28 ? 11.955  -14.976 -6.735  1.00 25.75  ? 36 ARG B C   1 
ATOM   638  O O   . ARG B 1 28 ? 11.682  -14.117 -5.894  1.00 22.97  ? 36 ARG B O   1 
ATOM   639  C CB  . ARG B 1 28 ? 11.171  -17.315 -6.629  1.00 35.51  ? 36 ARG B CB  1 
ATOM   640  C CG  . ARG B 1 28 ? 9.979   -18.204 -6.451  1.00 31.11  ? 36 ARG B CG  1 
ATOM   641  C CD  . ARG B 1 28 ? 10.480  -19.606 -6.210  1.00 23.86  ? 36 ARG B CD  1 
ATOM   642  N NE  . ARG B 1 28 ? 9.432   -20.517 -5.784  1.00 30.73  ? 36 ARG B NE  1 
ATOM   643  C CZ  . ARG B 1 28 ? 9.610   -21.827 -5.655  1.00 31.18  ? 36 ARG B CZ  1 
ATOM   644  N NH1 . ARG B 1 28 ? 8.609   -22.586 -5.266  1.00 20.86  ? 36 ARG B NH1 1 
ATOM   645  N NH2 . ARG B 1 28 ? 10.790  -22.375 -5.919  1.00 31.85  ? 36 ARG B NH2 1 
ATOM   646  N N   . GLU B 1 29 ? 13.172  -15.131 -7.246  1.00 29.55  ? 37 GLU B N   1 
ATOM   647  C CA  . GLU B 1 29 ? 14.291  -14.289 -6.847  1.00 31.83  ? 37 GLU B CA  1 
ATOM   648  C C   . GLU B 1 29 ? 13.953  -12.806 -7.000  1.00 33.09  ? 37 GLU B C   1 
ATOM   649  O O   . GLU B 1 29 ? 13.952  -12.056 -6.018  1.00 31.65  ? 37 GLU B O   1 
ATOM   650  C CB  . GLU B 1 29 ? 15.530  -14.649 -7.675  1.00 26.02  ? 37 GLU B CB  1 
ATOM   651  N N   . LEU B 1 30 ? 13.645  -12.395 -8.229  1.00 42.65  ? 38 LEU B N   1 
ATOM   652  C CA  . LEU B 1 30 ? 13.298  -11.010 -8.505  1.00 40.60  ? 38 LEU B CA  1 
ATOM   653  C C   . LEU B 1 30 ? 12.096  -10.525 -7.684  1.00 41.89  ? 38 LEU B C   1 
ATOM   654  O O   . LEU B 1 30 ? 11.997  -9.328  -7.389  1.00 45.88  ? 38 LEU B O   1 
ATOM   655  C CB  . LEU B 1 30 ? 13.033  -10.831 -10.000 1.00 31.34  ? 38 LEU B CB  1 
ATOM   656  C CG  . LEU B 1 30 ? 14.169  -10.363 -10.926 1.00 31.94  ? 38 LEU B CG  1 
ATOM   657  C CD1 . LEU B 1 30 ? 15.537  -10.863 -10.463 1.00 27.51  ? 38 LEU B CD1 1 
ATOM   658  C CD2 . LEU B 1 30 ? 13.851  -10.848 -12.334 1.00 16.28  ? 38 LEU B CD2 1 
ATOM   659  N N   . LEU B 1 31 ? 11.186  -11.429 -7.320  1.00 32.81  ? 39 LEU B N   1 
ATOM   660  C CA  . LEU B 1 31 ? 10.024  -11.041 -6.507  1.00 30.26  ? 39 LEU B CA  1 
ATOM   661  C C   . LEU B 1 31 ? 10.597  -10.631 -5.154  1.00 30.95  ? 39 LEU B C   1 
ATOM   662  O O   . LEU B 1 31 ? 10.132  -9.673  -4.534  1.00 28.72  ? 39 LEU B O   1 
ATOM   663  C CB  . LEU B 1 31 ? 9.056   -12.220 -6.288  1.00 20.50  ? 39 LEU B CB  1 
ATOM   664  C CG  . LEU B 1 31 ? 7.534   -12.018 -6.119  1.00 22.64  ? 39 LEU B CG  1 
ATOM   665  C CD1 . LEU B 1 31 ? 7.011   -13.123 -5.179  1.00 17.04  ? 39 LEU B CD1 1 
ATOM   666  C CD2 . LEU B 1 31 ? 7.180   -10.644 -5.542  1.00 14.73  ? 39 LEU B CD2 1 
ATOM   667  N N   . LEU B 1 32 ? 11.600  -11.372 -4.682  1.00 25.33  ? 40 LEU B N   1 
ATOM   668  C CA  . LEU B 1 32 ? 12.214  -11.045 -3.396  1.00 27.81  ? 40 LEU B CA  1 
ATOM   669  C C   . LEU B 1 32 ? 12.990  -9.730  -3.486  1.00 29.46  ? 40 LEU B C   1 
ATOM   670  O O   . LEU B 1 32 ? 12.776  -8.843  -2.662  1.00 29.67  ? 40 LEU B O   1 
ATOM   671  C CB  . LEU B 1 32 ? 13.110  -12.190 -2.914  1.00 29.94  ? 40 LEU B CB  1 
ATOM   672  C CG  . LEU B 1 32 ? 12.298  -13.428 -2.502  1.00 31.92  ? 40 LEU B CG  1 
ATOM   673  C CD1 . LEU B 1 32 ? 13.217  -14.605 -2.255  1.00 28.14  ? 40 LEU B CD1 1 
ATOM   674  C CD2 . LEU B 1 32 ? 11.465  -13.108 -1.267  1.00 26.12  ? 40 LEU B CD2 1 
ATOM   675  N N   . GLN B 1 33 ? 13.869  -9.583  -4.482  1.00 25.23  ? 41 GLN B N   1 
ATOM   676  C CA  . GLN B 1 33 ? 14.604  -8.327  -4.615  1.00 29.71  ? 41 GLN B CA  1 
ATOM   677  C C   . GLN B 1 33 ? 13.614  -7.174  -4.686  1.00 27.51  ? 41 GLN B C   1 
ATOM   678  O O   . GLN B 1 33 ? 13.793  -6.142  -4.036  1.00 26.51  ? 41 GLN B O   1 
ATOM   679  C CB  . GLN B 1 33 ? 15.472  -8.295  -5.878  1.00 43.60  ? 41 GLN B CB  1 
ATOM   680  C CG  . GLN B 1 33 ? 16.003  -6.882  -6.178  1.00 45.63  ? 41 GLN B CG  1 
ATOM   681  C CD  . GLN B 1 33 ? 16.795  -6.781  -7.468  1.00 51.30  ? 41 GLN B CD  1 
ATOM   682  O OE1 . GLN B 1 33 ? 17.556  -7.677  -7.812  1.00 50.12  ? 41 GLN B OE1 1 
ATOM   683  N NE2 . GLN B 1 33 ? 16.635  -5.671  -8.178  1.00 51.45  ? 41 GLN B NE2 1 
ATOM   684  N N   . ALA B 1 34 ? 12.571  -7.360  -5.488  1.00 32.04  ? 42 ALA B N   1 
ATOM   685  C CA  . ALA B 1 34 ? 11.548  -6.347  -5.651  1.00 31.46  ? 42 ALA B CA  1 
ATOM   686  C C   . ALA B 1 34 ? 10.887  -6.015  -4.321  1.00 30.77  ? 42 ALA B C   1 
ATOM   687  O O   . ALA B 1 34 ? 10.655  -4.849  -4.002  1.00 32.16  ? 42 ALA B O   1 
ATOM   688  C CB  . ALA B 1 34 ? 10.507  -6.823  -6.639  1.00 31.25  ? 42 ALA B CB  1 
ATOM   689  N N   . SER B 1 35 ? 10.588  -7.040  -3.536  1.00 22.62  ? 43 SER B N   1 
ATOM   690  C CA  . SER B 1 35 ? 9.936   -6.831  -2.252  1.00 25.11  ? 43 SER B CA  1 
ATOM   691  C C   . SER B 1 35 ? 10.824  -6.096  -1.241  1.00 25.08  ? 43 SER B C   1 
ATOM   692  O O   . SER B 1 35 ? 10.306  -5.410  -0.349  1.00 24.22  ? 43 SER B O   1 
ATOM   693  C CB  . SER B 1 35 ? 9.473   -8.174  -1.693  1.00 35.92  ? 43 SER B CB  1 
ATOM   694  O OG  . SER B 1 35 ? 8.752   -8.892  -2.681  1.00 46.27  ? 43 SER B OG  1 
ATOM   695  N N   . ARG B 1 36 ? 12.145  -6.244  -1.382  1.00 41.77  ? 44 ARG B N   1 
ATOM   696  C CA  . ARG B 1 36 ? 13.107  -5.556  -0.511  1.00 41.63  ? 44 ARG B CA  1 
ATOM   697  C C   . ARG B 1 36 ? 13.104  -4.072  -0.874  1.00 40.93  ? 44 ARG B C   1 
ATOM   698  O O   . ARG B 1 36 ? 13.061  -3.205  0.003   1.00 44.01  ? 44 ARG B O   1 
ATOM   699  C CB  . ARG B 1 36 ? 14.524  -6.120  -0.703  1.00 35.77  ? 44 ARG B CB  1 
ATOM   700  C CG  . ARG B 1 36 ? 15.634  -5.268  -0.097  1.00 38.88  ? 44 ARG B CG  1 
ATOM   701  C CD  . ARG B 1 36 ? 17.015  -5.842  -0.392  1.00 41.24  ? 44 ARG B CD  1 
ATOM   702  N NE  . ARG B 1 36 ? 17.186  -7.193  0.139   1.00 46.67  ? 44 ARG B NE  1 
ATOM   703  C CZ  . ARG B 1 36 ? 17.358  -7.475  1.428   1.00 47.65  ? 44 ARG B CZ  1 
ATOM   704  N NH1 . ARG B 1 36 ? 17.387  -6.498  2.321   1.00 38.19  ? 44 ARG B NH1 1 
ATOM   705  N NH2 . ARG B 1 36 ? 17.494  -8.733  1.823   1.00 44.73  ? 44 ARG B NH2 1 
ATOM   706  N N   . LEU B 1 37 ? 13.158  -3.793  -2.174  1.00 42.03  ? 45 LEU B N   1 
ATOM   707  C CA  . LEU B 1 37 ? 13.149  -2.424  -2.676  1.00 43.41  ? 45 LEU B CA  1 
ATOM   708  C C   . LEU B 1 37 ? 11.894  -1.680  -2.236  1.00 43.41  ? 45 LEU B C   1 
ATOM   709  O O   . LEU B 1 37 ? 11.945  -0.497  -1.921  1.00 43.15  ? 45 LEU B O   1 
ATOM   710  C CB  . LEU B 1 37 ? 13.216  -2.411  -4.200  1.00 30.63  ? 45 LEU B CB  1 
ATOM   711  C CG  . LEU B 1 37 ? 14.599  -2.589  -4.822  1.00 32.52  ? 45 LEU B CG  1 
ATOM   712  C CD1 . LEU B 1 37 ? 14.487  -2.596  -6.335  1.00 32.32  ? 45 LEU B CD1 1 
ATOM   713  C CD2 . LEU B 1 37 ? 15.506  -1.454  -4.355  1.00 35.08  ? 45 LEU B CD2 1 
ATOM   714  N N   . LEU B 1 38 ? 10.754  -2.357  -2.240  1.00 25.87  ? 46 LEU B N   1 
ATOM   715  C CA  . LEU B 1 38 ? 9.542   -1.680  -1.816  1.00 27.29  ? 46 LEU B CA  1 
ATOM   716  C C   . LEU B 1 38 ? 9.736   -1.166  -0.406  1.00 29.02  ? 46 LEU B C   1 
ATOM   717  O O   . LEU B 1 38 ? 9.483   0.003   -0.115  1.00 30.22  ? 46 LEU B O   1 
ATOM   718  C CB  . LEU B 1 38 ? 8.332   -2.618  -1.890  1.00 29.30  ? 46 LEU B CB  1 
ATOM   719  C CG  . LEU B 1 38 ? 7.843   -2.766  -3.338  1.00 26.64  ? 46 LEU B CG  1 
ATOM   720  C CD1 . LEU B 1 38 ? 6.683   -3.744  -3.403  1.00 18.59  ? 46 LEU B CD1 1 
ATOM   721  C CD2 . LEU B 1 38 ? 7.426   -1.379  -3.881  1.00 18.57  ? 46 LEU B CD2 1 
ATOM   722  N N   . MET B 1 39 ? 10.220  -2.036  0.467   1.00 28.31  ? 47 MET B N   1 
ATOM   723  C CA  . MET B 1 39 ? 10.442  -1.647  1.848   1.00 28.63  ? 47 MET B CA  1 
ATOM   724  C C   . MET B 1 39 ? 11.430  -0.494  1.938   1.00 25.38  ? 47 MET B C   1 
ATOM   725  O O   . MET B 1 39 ? 11.211  0.448   2.692   1.00 20.61  ? 47 MET B O   1 
ATOM   726  C CB  . MET B 1 39 ? 10.905  -2.855  2.674   1.00 33.94  ? 47 MET B CB  1 
ATOM   727  C CG  . MET B 1 39 ? 9.723   -3.727  3.102   1.00 40.06  ? 47 MET B CG  1 
ATOM   728  S SD  . MET B 1 39 ? 10.114  -5.164  4.119   1.00 34.67  ? 47 MET B SD  1 
ATOM   729  C CE  . MET B 1 39 ? 10.990  -6.182  2.890   1.00 30.78  ? 47 MET B CE  1 
ATOM   730  N N   . MET B 1 40 ? 12.492  -0.556  1.146   1.00 26.03  ? 48 MET B N   1 
ATOM   731  C CA  . MET B 1 40 ? 13.485  0.500   1.135   1.00 26.42  ? 48 MET B CA  1 
ATOM   732  C C   . MET B 1 40 ? 12.837  1.823   0.700   1.00 27.00  ? 48 MET B C   1 
ATOM   733  O O   . MET B 1 40 ? 13.070  2.866   1.328   1.00 25.80  ? 48 MET B O   1 
ATOM   734  C CB  . MET B 1 40 ? 14.634  0.120   0.195   1.00 17.76  ? 48 MET B CB  1 
ATOM   735  C CG  . MET B 1 40 ? 15.473  -1.043  0.715   1.00 16.03  ? 48 MET B CG  1 
ATOM   736  S SD  . MET B 1 40 ? 16.666  -1.683  -0.470  1.00 29.81  ? 48 MET B SD  1 
ATOM   737  C CE  . MET B 1 40 ? 17.496  -0.126  -0.970  1.00 24.06  ? 48 MET B CE  1 
ATOM   738  N N   . LYS B 1 41 ? 12.008  1.778   -0.352  1.00 23.32  ? 49 LYS B N   1 
ATOM   739  C CA  . LYS B 1 41 ? 11.340  2.986   -0.845  1.00 21.14  ? 49 LYS B CA  1 
ATOM   740  C C   . LYS B 1 41 ? 10.361  3.507   0.203   1.00 24.11  ? 49 LYS B C   1 
ATOM   741  O O   . LYS B 1 41 ? 10.238  4.719   0.393   1.00 22.93  ? 49 LYS B O   1 
ATOM   742  C CB  . LYS B 1 41 ? 10.646  2.719   -2.202  1.00 31.97  ? 49 LYS B CB  1 
ATOM   743  C CG  . LYS B 1 41 ? 11.652  2.550   -3.348  1.00 28.21  ? 49 LYS B CG  1 
ATOM   744  C CD  . LYS B 1 41 ? 11.030  2.314   -4.713  1.00 21.94  ? 49 LYS B CD  1 
ATOM   745  C CE  . LYS B 1 41 ? 12.131  2.328   -5.781  1.00 27.14  ? 49 LYS B CE  1 
ATOM   746  N NZ  . LYS B 1 41 ? 11.712  1.815   -7.127  1.00 32.85  ? 49 LYS B NZ  1 
ATOM   747  N N   . ASP B 1 42 ? 9.674   2.606   0.896   1.00 31.66  ? 50 ASP B N   1 
ATOM   748  C CA  . ASP B 1 42 ? 8.761   3.056   1.942   1.00 38.28  ? 50 ASP B CA  1 
ATOM   749  C C   . ASP B 1 42 ? 9.564   3.756   3.037   1.00 38.39  ? 50 ASP B C   1 
ATOM   750  O O   . ASP B 1 42 ? 9.069   4.692   3.669   1.00 39.76  ? 50 ASP B O   1 
ATOM   751  C CB  . ASP B 1 42 ? 7.982   1.886   2.545   1.00 45.10  ? 50 ASP B CB  1 
ATOM   752  C CG  . ASP B 1 42 ? 6.818   1.455   1.677   1.00 58.31  ? 50 ASP B CG  1 
ATOM   753  O OD1 . ASP B 1 42 ? 5.980   2.316   1.332   1.00 67.20  ? 50 ASP B OD1 1 
ATOM   754  O OD2 . ASP B 1 42 ? 6.736   0.254   1.348   1.00 71.49  ? 50 ASP B OD2 1 
ATOM   755  N N   . ASN B 1 43 ? 10.800  3.301   3.265   1.00 31.25  ? 51 ASN B N   1 
ATOM   756  C CA  . ASN B 1 43 ? 11.633  3.945   4.265   1.00 31.65  ? 51 ASN B CA  1 
ATOM   757  C C   . ASN B 1 43 ? 11.964  5.346   3.766   1.00 33.28  ? 51 ASN B C   1 
ATOM   758  O O   . ASN B 1 43 ? 11.844  6.322   4.507   1.00 33.64  ? 51 ASN B O   1 
ATOM   759  C CB  . ASN B 1 43 ? 12.925  3.164   4.511   1.00 24.98  ? 51 ASN B CB  1 
ATOM   760  C CG  . ASN B 1 43 ? 12.685  1.871   5.235   1.00 27.17  ? 51 ASN B CG  1 
ATOM   761  O OD1 . ASN B 1 43 ? 11.725  1.735   6.001   1.00 23.79  ? 51 ASN B OD1 1 
ATOM   762  N ND2 . ASN B 1 43 ? 13.563  0.909   5.008   1.00 25.69  ? 51 ASN B ND2 1 
ATOM   763  N N   . VAL B 1 44 ? 12.383  5.443   2.505   1.00 30.23  ? 52 VAL B N   1 
ATOM   764  C CA  . VAL B 1 44 ? 12.698  6.741   1.925   1.00 28.29  ? 52 VAL B CA  1 
ATOM   765  C C   . VAL B 1 44 ? 11.511  7.685   2.005   1.00 29.60  ? 52 VAL B C   1 
ATOM   766  O O   . VAL B 1 44 ? 11.672  8.871   2.287   1.00 33.23  ? 52 VAL B O   1 
ATOM   767  C CB  . VAL B 1 44 ? 13.074  6.653   0.438   1.00 26.65  ? 52 VAL B CB  1 
ATOM   768  C CG1 . VAL B 1 44 ? 12.967  8.044   -0.197  1.00 21.02  ? 52 VAL B CG1 1 
ATOM   769  C CG2 . VAL B 1 44 ? 14.481  6.119   0.278   1.00 26.14  ? 52 VAL B CG2 1 
ATOM   770  N N   . ILE B 1 45 ? 10.320  7.165   1.734   1.00 33.84  ? 53 ILE B N   1 
ATOM   771  C CA  . ILE B 1 45 ? 9.126   7.997   1.766   1.00 31.31  ? 53 ILE B CA  1 
ATOM   772  C C   . ILE B 1 45 ? 8.821   8.416   3.188   1.00 34.03  ? 53 ILE B C   1 
ATOM   773  O O   . ILE B 1 45 ? 8.429   9.564   3.443   1.00 36.32  ? 53 ILE B O   1 
ATOM   774  C CB  . ILE B 1 45 ? 7.915   7.244   1.140   1.00 22.11  ? 53 ILE B CB  1 
ATOM   775  C CG1 . ILE B 1 45 ? 8.093   7.203   -0.378  1.00 18.00  ? 53 ILE B CG1 1 
ATOM   776  C CG2 . ILE B 1 45 ? 6.601   7.896   1.540   1.00 19.12  ? 53 ILE B CG2 1 
ATOM   777  C CD1 . ILE B 1 45 ? 7.181   6.219   -1.107  1.00 41.87  ? 53 ILE B CD1 1 
ATOM   778  N N   . ARG B 1 46 ? 9.025   7.479   4.109   1.00 35.66  ? 54 ARG B N   1 
ATOM   779  C CA  . ARG B 1 46 ? 8.781   7.703   5.530   1.00 38.15  ? 54 ARG B CA  1 
ATOM   780  C C   . ARG B 1 46 ? 9.657   8.859   6.022   1.00 36.55  ? 54 ARG B C   1 
ATOM   781  O O   . ARG B 1 46 ? 9.215   9.655   6.854   1.00 34.79  ? 54 ARG B O   1 
ATOM   782  C CB  . ARG B 1 46 ? 9.073   6.413   6.304   1.00 57.16  ? 54 ARG B CB  1 
ATOM   783  C CG  . ARG B 1 46 ? 8.439   6.331   7.679   1.00 59.97  ? 54 ARG B CG  1 
ATOM   784  C CD  . ARG B 1 46 ? 8.537   4.906   8.243   1.00 63.12  ? 54 ARG B CD  1 
ATOM   785  N NE  . ARG B 1 46 ? 7.586   3.977   7.629   1.00 70.53  ? 54 ARG B NE  1 
ATOM   786  C CZ  . ARG B 1 46 ? 7.925   2.920   6.892   1.00 73.52  ? 54 ARG B CZ  1 
ATOM   787  N NH1 . ARG B 1 46 ? 6.984   2.139   6.384   1.00 58.51  ? 54 ARG B NH1 1 
ATOM   788  N NH2 . ARG B 1 46 ? 9.200   2.635   6.663   1.00 65.58  ? 54 ARG B NH2 1 
ATOM   789  N N   . SER B 1 47 ? 10.887  8.946   5.508   1.00 39.87  ? 55 SER B N   1 
ATOM   790  C CA  . SER B 1 47 ? 11.794  10.038  5.865   1.00 42.22  ? 55 SER B CA  1 
ATOM   791  C C   . SER B 1 47 ? 11.192  11.330  5.349   1.00 41.94  ? 55 SER B C   1 
ATOM   792  O O   . SER B 1 47 ? 10.698  12.145  6.124   1.00 44.33  ? 55 SER B O   1 
ATOM   793  C CB  . SER B 1 47 ? 13.166  9.880   5.212   1.00 30.36  ? 55 SER B CB  1 
ATOM   794  O OG  . SER B 1 47 ? 13.989  9.008   5.945   1.00 32.11  ? 55 SER B OG  1 
ATOM   795  N N   . LEU B 1 48 ? 11.257  11.516  4.033   1.00 37.68  ? 56 LEU B N   1 
ATOM   796  C CA  . LEU B 1 48 ? 10.720  12.718  3.413   1.00 36.10  ? 56 LEU B CA  1 
ATOM   797  C C   . LEU B 1 48 ? 9.497   13.231  4.163   1.00 35.81  ? 56 LEU B C   1 
ATOM   798  O O   . LEU B 1 48 ? 9.381   14.434  4.406   1.00 39.67  ? 56 LEU B O   1 
ATOM   799  C CB  . LEU B 1 48 ? 10.378  12.459  1.939   1.00 31.56  ? 56 LEU B CB  1 
ATOM   800  C CG  . LEU B 1 48 ? 11.514  12.414  0.907   1.00 33.92  ? 56 LEU B CG  1 
ATOM   801  C CD1 . LEU B 1 48 ? 12.856  12.624  1.579   1.00 23.23  ? 56 LEU B CD1 1 
ATOM   802  C CD2 . LEU B 1 48 ? 11.482  11.085  0.169   1.00 34.72  ? 56 LEU B CD2 1 
ATOM   803  N N   . VAL B 1 49 ? 8.611   12.327  4.572   1.00 30.38  ? 57 VAL B N   1 
ATOM   804  C CA  . VAL B 1 49 ? 7.428   12.767  5.298   1.00 30.53  ? 57 VAL B CA  1 
ATOM   805  C C   . VAL B 1 49 ? 7.797   13.313  6.663   1.00 32.16  ? 57 VAL B C   1 
ATOM   806  O O   . VAL B 1 49 ? 7.276   14.358  7.062   1.00 33.20  ? 57 VAL B O   1 
ATOM   807  C CB  . VAL B 1 49 ? 6.369   11.633  5.451   1.00 30.29  ? 57 VAL B CB  1 
ATOM   808  C CG1 . VAL B 1 49 ? 5.306   12.043  6.464   1.00 26.14  ? 57 VAL B CG1 1 
ATOM   809  C CG2 . VAL B 1 49 ? 5.703   11.363  4.103   1.00 26.91  ? 57 VAL B CG2 1 
ATOM   810  N N   . LYS B 1 50 ? 8.705   12.628  7.367   1.00 29.31  ? 58 LYS B N   1 
ATOM   811  C CA  . LYS B 1 50 ? 9.150   13.063  8.698   1.00 30.60  ? 58 LYS B CA  1 
ATOM   812  C C   . LYS B 1 50 ? 9.500   14.569  8.661   1.00 32.02  ? 58 LYS B C   1 
ATOM   813  O O   . LYS B 1 50 ? 9.470   15.239  9.700   1.00 34.27  ? 58 LYS B O   1 
ATOM   814  C CB  . LYS B 1 50 ? 10.351  12.226  9.171   1.00 41.75  ? 58 LYS B CB  1 
ATOM   815  C CG  . LYS B 1 50 ? 10.987  12.633  10.520  1.00 43.17  ? 58 LYS B CG  1 
ATOM   816  C CD  . LYS B 1 50 ? 10.331  12.002  11.747  1.00 53.57  ? 58 LYS B CD  1 
ATOM   817  C CE  . LYS B 1 50 ? 11.333  11.778  12.885  1.00 49.69  ? 58 LYS B CE  1 
ATOM   818  N NZ  . LYS B 1 50 ? 12.302  10.672  12.584  1.00 51.67  ? 58 LYS B NZ  1 
ATOM   819  N N   . ARG B 1 51 ? 9.868   15.107  7.490   1.00 40.82  ? 59 ARG B N   1 
ATOM   820  C CA  . ARG B 1 51 ? 10.070  16.562  7.417   1.00 40.29  ? 59 ARG B CA  1 
ATOM   821  C C   . ARG B 1 51 ? 8.623   17.048  7.298   1.00 39.72  ? 59 ARG B C   1 
ATOM   822  O O   . ARG B 1 51 ? 8.143   17.449  6.229   1.00 35.22  ? 59 ARG B O   1 
ATOM   823  C CB  . ARG B 1 51 ? 10.829  16.993  6.207   1.00 20.95  ? 59 ARG B CB  1 
ATOM   824  N N   . ALA B 1 52 ? 7.943   16.866  8.421   1.00 31.42  ? 60 ALA B N   1 
ATOM   825  C CA  . ALA B 1 52 ? 6.583   17.261  8.705   1.00 35.72  ? 60 ALA B CA  1 
ATOM   826  C C   . ALA B 1 52 ? 7.041   18.268  9.761   1.00 37.86  ? 60 ALA B C   1 
ATOM   827  O O   . ALA B 1 52 ? 6.256   18.929  10.437  1.00 35.24  ? 60 ALA B O   1 
ATOM   828  C CB  . ALA B 1 52 ? 5.834   16.115  9.359   1.00 34.14  ? 60 ALA B CB  1 
ATOM   829  N N   . ALA B 1 53 ? 8.365   18.311  9.902   1.00 47.98  ? 61 ALA B N   1 
ATOM   830  C CA  . ALA B 1 53 ? 9.059   19.215  10.805  1.00 52.98  ? 61 ALA B CA  1 
ATOM   831  C C   . ALA B 1 53 ? 9.136   20.518  10.018  1.00 56.56  ? 61 ALA B C   1 
ATOM   832  O O   . ALA B 1 53 ? 10.052  20.738  9.220   1.00 56.31  ? 61 ALA B O   1 
ATOM   833  C CB  . ALA B 1 53 ? 10.458  18.688  11.109  1.00 51.95  ? 61 ALA B CB  1 
ATOM   834  N N   . ARG B 1 54 ? 8.117   21.342  10.225  1.00 76.86  ? 62 ARG B N   1 
ATOM   835  C CA  . ARG B 1 54 ? 7.945   22.637  9.585   1.00 76.76  ? 62 ARG B CA  1 
ATOM   836  C C   . ARG B 1 54 ? 6.565   23.062  10.060  1.00 79.03  ? 62 ARG B C   1 
ATOM   837  O O   . ARG B 1 54 ? 6.464   23.545  11.208  1.00 57.50  ? 62 ARG B O   1 
ATOM   838  C CB  . ARG B 1 54 ? 7.921   22.495  8.063   1.00 72.20  ? 62 ARG B CB  1 
ATOM   839  C CG  . ARG B 1 54 ? 9.273   22.426  7.390   1.00 77.03  ? 62 ARG B CG  1 
ATOM   840  C CD  . ARG B 1 54 ? 9.928   23.794  7.283   1.00 93.26  ? 62 ARG B CD  1 
ATOM   841  N NE  . ARG B 1 54 ? 11.309  23.774  7.756   1.00 100.79 ? 62 ARG B NE  1 
ATOM   842  C CZ  . ARG B 1 54 ? 12.249  24.633  7.369   1.00 101.60 ? 62 ARG B CZ  1 
ATOM   843  N NH1 . ARG B 1 54 ? 13.475  24.537  7.861   1.00 100.64 ? 62 ARG B NH1 1 
ATOM   844  N NH2 . ARG B 1 54 ? 11.970  25.576  6.477   1.00 103.49 ? 62 ARG B NH2 1 
ATOM   845  O OXT . ARG B 1 54 ? 5.594   22.854  9.295   1.00 72.79  ? 62 ARG B OXT 1 
ATOM   846  N N   . LEU C 1 1  ? -0.855  -1.224  20.985  1.00 69.58  ? 9  LEU C N   1 
ATOM   847  C CA  . LEU C 1 1  ? -1.522  0.111   20.935  1.00 71.25  ? 9  LEU C CA  1 
ATOM   848  C C   . LEU C 1 1  ? -1.256  0.745   19.587  1.00 70.60  ? 9  LEU C C   1 
ATOM   849  O O   . LEU C 1 1  ? -0.199  0.553   18.980  1.00 70.98  ? 9  LEU C O   1 
ATOM   850  C CB  . LEU C 1 1  ? -1.030  1.005   22.056  1.00 53.02  ? 9  LEU C CB  1 
ATOM   851  N N   . VAL C 1 2  ? -2.202  1.556   19.150  1.00 62.20  ? 10 VAL C N   1 
ATOM   852  C CA  . VAL C 1 2  ? -2.105  2.091   17.831  1.00 58.16  ? 10 VAL C CA  1 
ATOM   853  C C   . VAL C 1 2  ? -2.959  3.338   17.751  1.00 57.86  ? 10 VAL C C   1 
ATOM   854  O O   . VAL C 1 2  ? -4.166  3.312   17.993  1.00 56.87  ? 10 VAL C O   1 
ATOM   855  C CB  . VAL C 1 2  ? -2.556  0.964   16.947  1.00 67.05  ? 10 VAL C CB  1 
ATOM   856  C CG1 . VAL C 1 2  ? -3.895  1.263   16.307  1.00 63.14  ? 10 VAL C CG1 1 
ATOM   857  C CG2 . VAL C 1 2  ? -1.464  0.615   16.038  1.00 59.89  ? 10 VAL C CG2 1 
ATOM   858  N N   . ASP C 1 3  ? -2.325  4.424   17.346  1.00 50.15  ? 11 ASP C N   1 
ATOM   859  C CA  . ASP C 1 3  ? -2.974  5.714   17.369  1.00 46.28  ? 11 ASP C CA  1 
ATOM   860  C C   . ASP C 1 3  ? -2.011  6.619   16.553  1.00 42.70  ? 11 ASP C C   1 
ATOM   861  O O   . ASP C 1 3  ? -0.820  6.312   16.465  1.00 41.01  ? 11 ASP C O   1 
ATOM   862  C CB  . ASP C 1 3  ? -3.032  6.024   18.871  1.00 61.97  ? 11 ASP C CB  1 
ATOM   863  C CG  . ASP C 1 3  ? -3.614  7.341   19.194  1.00 65.04  ? 11 ASP C CG  1 
ATOM   864  O OD1 . ASP C 1 3  ? -3.137  8.335   18.621  1.00 75.65  ? 11 ASP C OD1 1 
ATOM   865  O OD2 . ASP C 1 3  ? -4.529  7.375   20.049  1.00 58.89  ? 11 ASP C OD2 1 
ATOM   866  N N   . LEU C 1 4  ? -2.499  7.727   15.990  1.00 40.61  ? 12 LEU C N   1 
ATOM   867  C CA  . LEU C 1 4  ? -1.682  8.599   15.127  1.00 36.18  ? 12 LEU C CA  1 
ATOM   868  C C   . LEU C 1 4  ? -0.438  9.350   15.635  1.00 34.21  ? 12 LEU C C   1 
ATOM   869  O O   . LEU C 1 4  ? -0.511  10.169  16.548  1.00 31.53  ? 12 LEU C O   1 
ATOM   870  C CB  . LEU C 1 4  ? -2.607  9.599   14.422  1.00 40.39  ? 12 LEU C CB  1 
ATOM   871  C CG  . LEU C 1 4  ? -3.001  9.399   12.949  1.00 40.58  ? 12 LEU C CG  1 
ATOM   872  C CD1 . LEU C 1 4  ? -3.557  8.005   12.673  1.00 34.56  ? 12 LEU C CD1 1 
ATOM   873  C CD2 . LEU C 1 4  ? -4.033  10.457  12.621  1.00 40.53  ? 12 LEU C CD2 1 
ATOM   874  N N   . SER C 1 5  ? 0.694   9.082   14.980  1.00 26.74  ? 13 SER C N   1 
ATOM   875  C CA  . SER C 1 5  ? 1.977   9.694   15.305  1.00 28.05  ? 13 SER C CA  1 
ATOM   876  C C   . SER C 1 5  ? 2.021   11.155  14.861  1.00 32.84  ? 13 SER C C   1 
ATOM   877  O O   . SER C 1 5  ? 1.058   11.673  14.285  1.00 29.71  ? 13 SER C O   1 
ATOM   878  C CB  . SER C 1 5  ? 3.121   8.934   14.626  1.00 32.76  ? 13 SER C CB  1 
ATOM   879  O OG  . SER C 1 5  ? 3.187   9.231   13.241  1.00 36.46  ? 13 SER C OG  1 
ATOM   880  N N   . PHE C 1 6  ? 3.140   11.823  15.127  1.00 48.37  ? 14 PHE C N   1 
ATOM   881  C CA  . PHE C 1 6  ? 3.265   13.222  14.742  1.00 48.32  ? 14 PHE C CA  1 
ATOM   882  C C   . PHE C 1 6  ? 3.151   13.343  13.229  1.00 48.06  ? 14 PHE C C   1 
ATOM   883  O O   . PHE C 1 6  ? 2.252   14.005  12.715  1.00 47.13  ? 14 PHE C O   1 
ATOM   884  C CB  . PHE C 1 6  ? 4.608   13.806  15.212  1.00 26.02  ? 14 PHE C CB  1 
ATOM   885  C CG  . PHE C 1 6  ? 4.758   15.293  14.942  1.00 25.81  ? 14 PHE C CG  1 
ATOM   886  C CD1 . PHE C 1 6  ? 3.866   16.212  15.503  1.00 21.24  ? 14 PHE C CD1 1 
ATOM   887  C CD2 . PHE C 1 6  ? 5.799   15.770  14.145  1.00 20.78  ? 14 PHE C CD2 1 
ATOM   888  C CE1 . PHE C 1 6  ? 4.002   17.588  15.270  1.00 13.18  ? 14 PHE C CE1 1 
ATOM   889  C CE2 . PHE C 1 6  ? 5.946   17.144  13.903  1.00 18.07  ? 14 PHE C CE2 1 
ATOM   890  C CZ  . PHE C 1 6  ? 5.044   18.053  14.473  1.00 17.41  ? 14 PHE C CZ  1 
ATOM   891  N N   . GLU C 1 7  ? 4.052   12.682  12.515  1.00 36.97  ? 15 GLU C N   1 
ATOM   892  C CA  . GLU C 1 7  ? 4.042   12.764  11.074  1.00 38.06  ? 15 GLU C CA  1 
ATOM   893  C C   . GLU C 1 7  ? 2.746   12.317  10.395  1.00 38.96  ? 15 GLU C C   1 
ATOM   894  O O   . GLU C 1 7  ? 2.399   12.861  9.351   1.00 40.11  ? 15 GLU C O   1 
ATOM   895  C CB  . GLU C 1 7  ? 5.260   12.034  10.480  1.00 34.88  ? 15 GLU C CB  1 
ATOM   896  C CG  . GLU C 1 7  ? 5.976   11.032  11.387  1.00 42.64  ? 15 GLU C CG  1 
ATOM   897  C CD  . GLU C 1 7  ? 6.642   11.669  12.599  1.00 46.60  ? 15 GLU C CD  1 
ATOM   898  O OE1 . GLU C 1 7  ? 5.928   12.054  13.543  1.00 50.58  ? 15 GLU C OE1 1 
ATOM   899  O OE2 . GLU C 1 7  ? 7.883   11.781  12.610  1.00 41.90  ? 15 GLU C OE2 1 
ATOM   900  N N   . GLN C 1 8  ? 2.022   11.357  10.967  1.00 47.32  ? 16 GLN C N   1 
ATOM   901  C CA  . GLN C 1 8  ? 0.764   10.929  10.349  1.00 48.08  ? 16 GLN C CA  1 
ATOM   902  C C   . GLN C 1 8  ? -0.283  12.032  10.503  1.00 49.73  ? 16 GLN C C   1 
ATOM   903  O O   . GLN C 1 8  ? -1.190  12.148  9.676   1.00 53.00  ? 16 GLN C O   1 
ATOM   904  C CB  . GLN C 1 8  ? 0.223   9.645   10.986  1.00 34.50  ? 16 GLN C CB  1 
ATOM   905  C CG  . GLN C 1 8  ? 1.072   8.402   10.774  1.00 33.49  ? 16 GLN C CG  1 
ATOM   906  C CD  . GLN C 1 8  ? 0.601   7.259   11.644  1.00 31.33  ? 16 GLN C CD  1 
ATOM   907  O OE1 . GLN C 1 8  ? 0.361   7.441   12.835  1.00 40.85  ? 16 GLN C OE1 1 
ATOM   908  N NE2 . GLN C 1 8  ? 0.465   6.076   11.058  1.00 26.19  ? 16 GLN C NE2 1 
ATOM   909  N N   . GLU C 1 9  ? -0.171  12.826  11.568  1.00 35.38  ? 17 GLU C N   1 
ATOM   910  C CA  . GLU C 1 9  ? -1.101  13.928  11.781  1.00 35.81  ? 17 GLU C CA  1 
ATOM   911  C C   . GLU C 1 9  ? -0.787  14.935  10.695  1.00 35.28  ? 17 GLU C C   1 
ATOM   912  O O   . GLU C 1 9  ? -1.662  15.670  10.232  1.00 35.71  ? 17 GLU C O   1 
ATOM   913  C CB  . GLU C 1 9  ? -0.905  14.572  13.154  1.00 33.76  ? 17 GLU C CB  1 
ATOM   914  C CG  . GLU C 1 9  ? -1.643  13.864  14.270  1.00 40.99  ? 17 GLU C CG  1 
ATOM   915  C CD  . GLU C 1 9  ? -3.155  13.925  14.121  1.00 47.23  ? 17 GLU C CD  1 
ATOM   916  O OE1 . GLU C 1 9  ? -3.650  14.299  13.033  1.00 48.21  ? 17 GLU C OE1 1 
ATOM   917  O OE2 . GLU C 1 9  ? -3.854  13.582  15.097  1.00 52.05  ? 17 GLU C OE2 1 
ATOM   918  N N   . PHE C 1 10 ? 0.478   14.958  10.288  1.00 41.62  ? 18 PHE C N   1 
ATOM   919  C CA  . PHE C 1 10 ? 0.904   15.855  9.230   1.00 41.22  ? 18 PHE C CA  1 
ATOM   920  C C   . PHE C 1 10 ? 0.268   15.345  7.947   1.00 43.15  ? 18 PHE C C   1 
ATOM   921  O O   . PHE C 1 10 ? -0.250  16.123  7.147   1.00 46.02  ? 18 PHE C O   1 
ATOM   922  C CB  . PHE C 1 10 ? 2.428   15.854  9.100   1.00 20.58  ? 18 PHE C CB  1 
ATOM   923  C CG  . PHE C 1 10 ? 2.937   16.546  7.863   1.00 14.93  ? 18 PHE C CG  1 
ATOM   924  C CD1 . PHE C 1 10 ? 3.587   15.818  6.867   1.00 16.43  ? 18 PHE C CD1 1 
ATOM   925  C CD2 . PHE C 1 10 ? 2.780   17.921  7.693   1.00 21.17  ? 18 PHE C CD2 1 
ATOM   926  C CE1 . PHE C 1 10 ? 4.073   16.438  5.722   1.00 16.11  ? 18 PHE C CE1 1 
ATOM   927  C CE2 . PHE C 1 10 ? 3.268   18.564  6.531   1.00 15.59  ? 18 PHE C CE2 1 
ATOM   928  C CZ  . PHE C 1 10 ? 3.917   17.815  5.547   1.00 15.45  ? 18 PHE C CZ  1 
ATOM   929  N N   . GLN C 1 11 ? 0.293   14.029  7.762   1.00 30.82  ? 19 GLN C N   1 
ATOM   930  C CA  . GLN C 1 11 ? -0.288  13.426  6.573   1.00 31.59  ? 19 GLN C CA  1 
ATOM   931  C C   . GLN C 1 11 ? -1.786  13.688  6.527   1.00 31.66  ? 19 GLN C C   1 
ATOM   932  O O   . GLN C 1 11 ? -2.356  13.849  5.451   1.00 32.20  ? 19 GLN C O   1 
ATOM   933  C CB  . GLN C 1 11 ? -0.003  11.928  6.545   1.00 49.82  ? 19 GLN C CB  1 
ATOM   934  C CG  . GLN C 1 11 ? 1.400   11.615  6.066   1.00 56.31  ? 19 GLN C CG  1 
ATOM   935  C CD  . GLN C 1 11 ? 1.686   10.138  6.059   1.00 64.34  ? 19 GLN C CD  1 
ATOM   936  O OE1 . GLN C 1 11 ? 2.175   9.580   7.040   1.00 60.30  ? 19 GLN C OE1 1 
ATOM   937  N NE2 . GLN C 1 11 ? 1.367   9.487   4.951   1.00 69.98  ? 19 GLN C NE2 1 
ATOM   938  N N   . MET C 1 12 ? -2.423  13.746  7.692   1.00 32.31  ? 20 MET C N   1 
ATOM   939  C CA  . MET C 1 12 ? -3.851  14.020  7.728   1.00 32.42  ? 20 MET C CA  1 
ATOM   940  C C   . MET C 1 12 ? -4.130  15.464  7.318   1.00 36.16  ? 20 MET C C   1 
ATOM   941  O O   . MET C 1 12 ? -5.145  15.742  6.689   1.00 36.15  ? 20 MET C O   1 
ATOM   942  C CB  . MET C 1 12 ? -4.431  13.755  9.117   1.00 32.55  ? 20 MET C CB  1 
ATOM   943  C CG  . MET C 1 12 ? -4.672  12.285  9.402   1.00 31.27  ? 20 MET C CG  1 
ATOM   944  S SD  . MET C 1 12 ? -5.676  11.467  8.120   1.00 33.67  ? 20 MET C SD  1 
ATOM   945  C CE  . MET C 1 12 ? -7.300  12.157  8.466   1.00 19.95  ? 20 MET C CE  1 
ATOM   946  N N   . ARG C 1 13 ? -3.232  16.384  7.657   1.00 41.84  ? 21 ARG C N   1 
ATOM   947  C CA  . ARG C 1 13 ? -3.445  17.775  7.285   1.00 41.99  ? 21 ARG C CA  1 
ATOM   948  C C   . ARG C 1 13 ? -3.230  17.899  5.771   1.00 41.19  ? 21 ARG C C   1 
ATOM   949  O O   . ARG C 1 13 ? -3.867  18.722  5.120   1.00 41.16  ? 21 ARG C O   1 
ATOM   950  C CB  . ARG C 1 13 ? -2.494  18.701  8.055   1.00 42.67  ? 21 ARG C CB  1 
ATOM   951  C CG  . ARG C 1 13 ? -2.611  18.621  9.591   1.00 49.70  ? 21 ARG C CG  1 
ATOM   952  C CD  . ARG C 1 13 ? -3.900  19.225  10.181  1.00 63.93  ? 21 ARG C CD  1 
ATOM   953  N NE  . ARG C 1 13 ? -5.055  18.320  10.254  1.00 77.40  ? 21 ARG C NE  1 
ATOM   954  C CZ  . ARG C 1 13 ? -5.117  17.202  10.982  1.00 72.72  ? 21 ARG C CZ  1 
ATOM   955  N NH1 . ARG C 1 13 ? -4.089  16.813  11.720  1.00 68.69  ? 21 ARG C NH1 1 
ATOM   956  N NH2 . ARG C 1 13 ? -6.234  16.485  10.999  1.00 66.87  ? 21 ARG C NH2 1 
ATOM   957  N N   . VAL C 1 14 ? -2.349  17.078  5.201   1.00 33.82  ? 22 VAL C N   1 
ATOM   958  C CA  . VAL C 1 14 ? -2.116  17.131  3.756   1.00 35.44  ? 22 VAL C CA  1 
ATOM   959  C C   . VAL C 1 14 ? -3.273  16.522  2.945   1.00 38.22  ? 22 VAL C C   1 
ATOM   960  O O   . VAL C 1 14 ? -3.695  17.093  1.934   1.00 40.07  ? 22 VAL C O   1 
ATOM   961  C CB  . VAL C 1 14 ? -0.817  16.418  3.362   1.00 34.45  ? 22 VAL C CB  1 
ATOM   962  C CG1 . VAL C 1 14 ? -0.607  16.513  1.862   1.00 33.09  ? 22 VAL C CG1 1 
ATOM   963  C CG2 . VAL C 1 14 ? 0.352   17.057  4.081   1.00 38.38  ? 22 VAL C CG2 1 
ATOM   964  N N   . MET C 1 15 ? -3.790  15.374  3.377   1.00 41.62  ? 23 MET C N   1 
ATOM   965  C CA  . MET C 1 15 ? -4.901  14.754  2.659   1.00 39.91  ? 23 MET C CA  1 
ATOM   966  C C   . MET C 1 15 ? -6.062  15.743  2.646   1.00 38.41  ? 23 MET C C   1 
ATOM   967  O O   . MET C 1 15 ? -6.780  15.861  1.652   1.00 38.30  ? 23 MET C O   1 
ATOM   968  C CB  . MET C 1 15 ? -5.340  13.456  3.344   1.00 44.67  ? 23 MET C CB  1 
ATOM   969  C CG  . MET C 1 15 ? -6.420  12.667  2.603   1.00 46.01  ? 23 MET C CG  1 
ATOM   970  S SD  . MET C 1 15 ? -5.796  11.781  1.154   1.00 53.07  ? 23 MET C SD  1 
ATOM   971  C CE  . MET C 1 15 ? -4.498  10.775  1.932   1.00 56.95  ? 23 MET C CE  1 
ATOM   972  N N   . GLU C 1 16 ? -6.239  16.452  3.757   1.00 32.35  ? 24 GLU C N   1 
ATOM   973  C CA  . GLU C 1 16 ? -7.307  17.438  3.864   1.00 33.37  ? 24 GLU C CA  1 
ATOM   974  C C   . GLU C 1 16 ? -7.092  18.583  2.885   1.00 36.34  ? 24 GLU C C   1 
ATOM   975  O O   . GLU C 1 16 ? -8.052  19.231  2.467   1.00 37.49  ? 24 GLU C O   1 
ATOM   976  C CB  . GLU C 1 16 ? -7.400  18.010  5.282   1.00 31.76  ? 24 GLU C CB  1 
ATOM   977  C CG  . GLU C 1 16 ? -8.502  19.066  5.443   1.00 34.12  ? 24 GLU C CG  1 
ATOM   978  C CD  . GLU C 1 16 ? -8.383  19.867  6.730   1.00 36.00  ? 24 GLU C CD  1 
ATOM   979  O OE1 . GLU C 1 16 ? -7.236  20.144  7.136   1.00 44.13  ? 24 GLU C OE1 1 
ATOM   980  O OE2 . GLU C 1 16 ? -9.422  20.239  7.328   1.00 34.75  ? 24 GLU C OE2 1 
ATOM   981  N N   . GLU C 1 17 ? -5.838  18.847  2.529   1.00 55.25  ? 25 GLU C N   1 
ATOM   982  C CA  . GLU C 1 17 ? -5.564  19.916  1.581   1.00 58.20  ? 25 GLU C CA  1 
ATOM   983  C C   . GLU C 1 17 ? -6.056  19.465  0.214   1.00 58.71  ? 25 GLU C C   1 
ATOM   984  O O   . GLU C 1 17 ? -6.810  20.168  -0.462  1.00 59.16  ? 25 GLU C O   1 
ATOM   985  C CB  . GLU C 1 17 ? -4.059  20.222  1.508   1.00 59.58  ? 25 GLU C CB  1 
ATOM   986  C CG  . GLU C 1 17 ? -3.429  21.013  2.679   1.00 67.93  ? 25 GLU C CG  1 
ATOM   987  C CD  . GLU C 1 17 ? -4.389  21.422  3.792   1.00 81.22  ? 25 GLU C CD  1 
ATOM   988  O OE1 . GLU C 1 17 ? -5.426  20.763  3.992   1.00 84.89  ? 25 GLU C OE1 1 
ATOM   989  O OE2 . GLU C 1 17 ? -4.084  22.406  4.498   1.00 84.02  ? 25 GLU C OE2 1 
ATOM   990  N N   . GLN C 1 18 ? -5.645  18.260  -0.159  1.00 41.24  ? 26 GLN C N   1 
ATOM   991  C CA  . GLN C 1 18 ? -5.969  17.673  -1.448  1.00 42.50  ? 26 GLN C CA  1 
ATOM   992  C C   . GLN C 1 18 ? -7.409  17.205  -1.625  1.00 42.13  ? 26 GLN C C   1 
ATOM   993  O O   . GLN C 1 18 ? -7.879  17.071  -2.750  1.00 44.34  ? 26 GLN C O   1 
ATOM   994  C CB  . GLN C 1 18 ? -5.006  16.516  -1.717  1.00 50.19  ? 26 GLN C CB  1 
ATOM   995  C CG  . GLN C 1 18 ? -3.568  16.876  -1.385  1.00 56.50  ? 26 GLN C CG  1 
ATOM   996  C CD  . GLN C 1 18 ? -2.605  15.731  -1.585  1.00 63.73  ? 26 GLN C CD  1 
ATOM   997  O OE1 . GLN C 1 18 ? -2.977  14.567  -1.461  1.00 66.26  ? 26 GLN C OE1 1 
ATOM   998  N NE2 . GLN C 1 18 ? -1.350  16.055  -1.875  1.00 63.30  ? 26 GLN C NE2 1 
ATOM   999  N N   . VAL C 1 19 ? -8.114  16.949  -0.529  1.00 45.80  ? 27 VAL C N   1 
ATOM   1000 C CA  . VAL C 1 19 ? -9.496  16.500  -0.627  1.00 45.05  ? 27 VAL C CA  1 
ATOM   1001 C C   . VAL C 1 19 ? -10.437 17.681  -0.897  1.00 46.73  ? 27 VAL C C   1 
ATOM   1002 O O   . VAL C 1 19 ? -11.378 17.568  -1.691  1.00 47.86  ? 27 VAL C O   1 
ATOM   1003 C CB  . VAL C 1 19 ? -9.906  15.714  0.670   1.00 21.35  ? 27 VAL C CB  1 
ATOM   1004 C CG1 . VAL C 1 19 ? -11.422 15.663  0.833   1.00 20.44  ? 27 VAL C CG1 1 
ATOM   1005 C CG2 . VAL C 1 19 ? -9.376  14.279  0.581   1.00 14.26  ? 27 VAL C CG2 1 
ATOM   1006 N N   . SER C 1 20 ? -10.150 18.817  -0.264  1.00 50.69  ? 28 SER C N   1 
ATOM   1007 C CA  . SER C 1 20 ? -10.950 20.038  -0.399  1.00 53.49  ? 28 SER C CA  1 
ATOM   1008 C C   . SER C 1 20 ? -11.048 20.575  -1.827  1.00 53.68  ? 28 SER C C   1 
ATOM   1009 O O   . SER C 1 20 ? -11.963 21.334  -2.154  1.00 55.86  ? 28 SER C O   1 
ATOM   1010 C CB  . SER C 1 20 ? -10.364 21.134  0.481   1.00 58.21  ? 28 SER C CB  1 
ATOM   1011 O OG  . SER C 1 20 ? -9.146  21.603  -0.070  1.00 66.60  ? 28 SER C OG  1 
ATOM   1012 N N   . ALA C 1 21 ? -10.096 20.191  -2.666  1.00 48.97  ? 29 ALA C N   1 
ATOM   1013 C CA  . ALA C 1 21 ? -10.073 20.634  -4.047  1.00 48.94  ? 29 ALA C CA  1 
ATOM   1014 C C   . ALA C 1 21 ? -10.393 19.466  -4.976  1.00 49.60  ? 29 ALA C C   1 
ATOM   1015 O O   . ALA C 1 21 ? -10.053 19.487  -6.156  1.00 51.49  ? 29 ALA C O   1 
ATOM   1016 C CB  . ALA C 1 21 ? -8.702  21.211  -4.369  1.00 34.98  ? 29 ALA C CB  1 
ATOM   1017 N N   . MET C 1 22 ? -11.047 18.443  -4.439  1.00 49.30  ? 30 MET C N   1 
ATOM   1018 C CA  . MET C 1 22 ? -11.413 17.269  -5.229  1.00 45.76  ? 30 MET C CA  1 
ATOM   1019 C C   . MET C 1 22 ? -12.804 17.370  -5.842  1.00 41.84  ? 30 MET C C   1 
ATOM   1020 O O   . MET C 1 22 ? -13.728 17.910  -5.229  1.00 38.10  ? 30 MET C O   1 
ATOM   1021 C CB  . MET C 1 22 ? -11.340 16.004  -4.372  1.00 44.89  ? 30 MET C CB  1 
ATOM   1022 C CG  . MET C 1 22 ? -9.958  15.394  -4.269  1.00 48.26  ? 30 MET C CG  1 
ATOM   1023 S SD  . MET C 1 22 ? -9.957  13.961  -3.179  1.00 46.68  ? 30 MET C SD  1 
ATOM   1024 C CE  . MET C 1 22 ? -10.353 12.688  -4.308  1.00 52.07  ? 30 MET C CE  1 
ATOM   1025 N N   . SER C 1 23 ? -12.942 16.844  -7.058  1.00 30.97  ? 31 SER C N   1 
ATOM   1026 C CA  . SER C 1 23 ? -14.222 16.856  -7.759  1.00 32.92  ? 31 SER C CA  1 
ATOM   1027 C C   . SER C 1 23 ? -15.094 15.747  -7.177  1.00 34.47  ? 31 SER C C   1 
ATOM   1028 O O   . SER C 1 23 ? -14.595 14.883  -6.453  1.00 32.56  ? 31 SER C O   1 
ATOM   1029 C CB  . SER C 1 23 ? -14.005 16.608  -9.248  1.00 28.98  ? 31 SER C CB  1 
ATOM   1030 O OG  . SER C 1 23 ? -13.674 15.255  -9.497  1.00 30.58  ? 31 SER C OG  1 
ATOM   1031 N N   . LEU C 1 24 ? -16.388 15.762  -7.486  1.00 41.74  ? 32 LEU C N   1 
ATOM   1032 C CA  . LEU C 1 24 ? -17.281 14.732  -6.963  1.00 43.57  ? 32 LEU C CA  1 
ATOM   1033 C C   . LEU C 1 24 ? -16.877 13.340  -7.448  1.00 44.92  ? 32 LEU C C   1 
ATOM   1034 O O   . LEU C 1 24 ? -16.977 12.366  -6.698  1.00 43.68  ? 32 LEU C O   1 
ATOM   1035 C CB  . LEU C 1 24 ? -18.736 15.016  -7.351  1.00 49.95  ? 32 LEU C CB  1 
ATOM   1036 C CG  . LEU C 1 24 ? -19.762 14.045  -6.754  1.00 55.96  ? 32 LEU C CG  1 
ATOM   1037 C CD1 . LEU C 1 24 ? -19.550 13.935  -5.254  1.00 55.36  ? 32 LEU C CD1 1 
ATOM   1038 C CD2 . LEU C 1 24 ? -21.171 14.525  -7.058  1.00 59.91  ? 32 LEU C CD2 1 
ATOM   1039 N N   . GLN C 1 25 ? -16.410 13.256  -8.693  1.00 50.67  ? 33 GLN C N   1 
ATOM   1040 C CA  . GLN C 1 25 ? -15.988 11.981  -9.267  1.00 51.46  ? 33 GLN C CA  1 
ATOM   1041 C C   . GLN C 1 25 ? -14.712 11.480  -8.569  1.00 49.46  ? 33 GLN C C   1 
ATOM   1042 O O   . GLN C 1 25 ? -14.679 10.348  -8.084  1.00 50.96  ? 33 GLN C O   1 
ATOM   1043 C CB  . GLN C 1 25 ? -15.772 12.122  -10.796 1.00 67.10  ? 33 GLN C CB  1 
ATOM   1044 C CG  . GLN C 1 25 ? -15.841 10.795  -11.590 1.00 69.25  ? 33 GLN C CG  1 
ATOM   1045 C CD  . GLN C 1 25 ? -15.747 10.962  -13.115 1.00 73.87  ? 33 GLN C CD  1 
ATOM   1046 O OE1 . GLN C 1 25 ? -16.675 11.450  -13.764 1.00 82.25  ? 33 GLN C OE1 1 
ATOM   1047 N NE2 . GLN C 1 25 ? -14.620 10.546  -13.686 1.00 79.06  ? 33 GLN C NE2 1 
ATOM   1048 N N   . GLU C 1 26 ? -13.676 12.318  -8.488  1.00 42.16  ? 34 GLU C N   1 
ATOM   1049 C CA  . GLU C 1 26 ? -12.424 11.903  -7.843  1.00 39.00  ? 34 GLU C CA  1 
ATOM   1050 C C   . GLU C 1 26 ? -12.600 11.473  -6.381  1.00 34.50  ? 34 GLU C C   1 
ATOM   1051 O O   . GLU C 1 26 ? -12.012 10.483  -5.953  1.00 33.35  ? 34 GLU C O   1 
ATOM   1052 C CB  . GLU C 1 26 ? -11.354 13.007  -7.908  1.00 44.67  ? 34 GLU C CB  1 
ATOM   1053 C CG  . GLU C 1 26 ? -9.943  12.424  -7.739  1.00 51.42  ? 34 GLU C CG  1 
ATOM   1054 C CD  . GLU C 1 26 ? -8.830  13.454  -7.635  1.00 51.64  ? 34 GLU C CD  1 
ATOM   1055 O OE1 . GLU C 1 26 ? -9.106  14.667  -7.744  1.00 62.71  ? 34 GLU C OE1 1 
ATOM   1056 O OE2 . GLU C 1 26 ? -7.666  13.034  -7.442  1.00 49.18  ? 34 GLU C OE2 1 
ATOM   1057 N N   . ALA C 1 27 ? -13.402 12.215  -5.622  1.00 29.69  ? 35 ALA C N   1 
ATOM   1058 C CA  . ALA C 1 27 ? -13.634 11.898  -4.223  1.00 29.75  ? 35 ALA C CA  1 
ATOM   1059 C C   . ALA C 1 27 ? -14.363 10.568  -4.071  1.00 31.32  ? 35 ALA C C   1 
ATOM   1060 O O   . ALA C 1 27 ? -14.194 9.869   -3.071  1.00 29.48  ? 35 ALA C O   1 
ATOM   1061 C CB  . ALA C 1 27 ? -14.436 13.009  -3.558  1.00 13.62  ? 35 ALA C CB  1 
ATOM   1062 N N   . ARG C 1 28 ? -15.174 10.220  -5.066  1.00 28.40  ? 36 ARG C N   1 
ATOM   1063 C CA  . ARG C 1 28 ? -15.920 8.975   -5.019  1.00 28.90  ? 36 ARG C CA  1 
ATOM   1064 C C   . ARG C 1 28 ? -15.060 7.789   -5.435  1.00 30.31  ? 36 ARG C C   1 
ATOM   1065 O O   . ARG C 1 28 ? -15.114 6.743   -4.790  1.00 32.12  ? 36 ARG C O   1 
ATOM   1066 C CB  . ARG C 1 28 ? -17.170 9.068   -5.895  1.00 30.91  ? 36 ARG C CB  1 
ATOM   1067 C CG  . ARG C 1 28 ? -18.312 9.846   -5.261  1.00 28.47  ? 36 ARG C CG  1 
ATOM   1068 C CD  . ARG C 1 28 ? -19.517 9.881   -6.188  1.00 31.08  ? 36 ARG C CD  1 
ATOM   1069 N NE  . ARG C 1 28 ? -20.704 10.473  -5.572  1.00 34.71  ? 36 ARG C NE  1 
ATOM   1070 C CZ  . ARG C 1 28 ? -21.771 10.867  -6.260  1.00 39.83  ? 36 ARG C CZ  1 
ATOM   1071 N NH1 . ARG C 1 28 ? -22.813 11.393  -5.637  1.00 40.72  ? 36 ARG C NH1 1 
ATOM   1072 N NH2 . ARG C 1 28 ? -21.796 10.738  -7.581  1.00 32.89  ? 36 ARG C NH2 1 
ATOM   1073 N N   . GLU C 1 29 ? -14.265 7.926   -6.497  1.00 32.23  ? 37 GLU C N   1 
ATOM   1074 C CA  . GLU C 1 29 ? -13.421 6.799   -6.893  1.00 30.97  ? 37 GLU C CA  1 
ATOM   1075 C C   . GLU C 1 29 ? -12.440 6.488   -5.762  1.00 31.91  ? 37 GLU C C   1 
ATOM   1076 O O   . GLU C 1 29 ? -12.325 5.328   -5.346  1.00 28.30  ? 37 GLU C O   1 
ATOM   1077 C CB  . GLU C 1 29 ? -12.639 7.071   -8.189  1.00 50.03  ? 37 GLU C CB  1 
ATOM   1078 C CG  . GLU C 1 29 ? -11.378 6.165   -8.400  1.00 53.67  ? 37 GLU C CG  1 
ATOM   1079 C CD  . GLU C 1 29 ? -11.651 4.653   -8.532  1.00 74.07  ? 37 GLU C CD  1 
ATOM   1080 O OE1 . GLU C 1 29 ? -11.205 4.043   -9.531  1.00 78.45  ? 37 GLU C OE1 1 
ATOM   1081 O OE2 . GLU C 1 29 ? -12.283 4.060   -7.634  1.00 74.47  ? 37 GLU C OE2 1 
ATOM   1082 N N   . LEU C 1 30 ? -11.770 7.526   -5.250  1.00 34.27  ? 38 LEU C N   1 
ATOM   1083 C CA  . LEU C 1 30 ? -10.794 7.361   -4.167  1.00 30.80  ? 38 LEU C CA  1 
ATOM   1084 C C   . LEU C 1 30 ? -11.396 6.773   -2.887  1.00 30.39  ? 38 LEU C C   1 
ATOM   1085 O O   . LEU C 1 30 ? -10.789 5.898   -2.284  1.00 28.97  ? 38 LEU C O   1 
ATOM   1086 C CB  . LEU C 1 30 ? -10.097 8.697   -3.847  1.00 13.49  ? 38 LEU C CB  1 
ATOM   1087 C CG  . LEU C 1 30 ? -9.186  9.318   -4.917  1.00 12.43  ? 38 LEU C CG  1 
ATOM   1088 C CD1 . LEU C 1 30 ? -8.330  10.383  -4.277  1.00 24.75  ? 38 LEU C CD1 1 
ATOM   1089 C CD2 . LEU C 1 30 ? -8.268  8.252   -5.549  1.00 5.00   ? 38 LEU C CD2 1 
ATOM   1090 N N   . LEU C 1 31 ? -12.576 7.247   -2.480  1.00 34.00  ? 39 LEU C N   1 
ATOM   1091 C CA  . LEU C 1 31 ? -13.248 6.757   -1.270  1.00 33.79  ? 39 LEU C CA  1 
ATOM   1092 C C   . LEU C 1 31 ? -13.495 5.256   -1.415  1.00 36.34  ? 39 LEU C C   1 
ATOM   1093 O O   . LEU C 1 31 ? -13.357 4.484   -0.461  1.00 39.10  ? 39 LEU C O   1 
ATOM   1094 C CB  . LEU C 1 31 ? -14.600 7.451   -1.091  1.00 25.92  ? 39 LEU C CB  1 
ATOM   1095 C CG  . LEU C 1 31 ? -15.227 7.704   0.288   1.00 20.95  ? 39 LEU C CG  1 
ATOM   1096 C CD1 . LEU C 1 31 ? -16.743 7.798   0.101   1.00 15.06  ? 39 LEU C CD1 1 
ATOM   1097 C CD2 . LEU C 1 31 ? -14.891 6.587   1.290   1.00 20.81  ? 39 LEU C CD2 1 
ATOM   1098 N N   . LEU C 1 32 ? -13.892 4.856   -2.618  1.00 32.77  ? 40 LEU C N   1 
ATOM   1099 C CA  . LEU C 1 32 ? -14.162 3.458   -2.911  1.00 33.79  ? 40 LEU C CA  1 
ATOM   1100 C C   . LEU C 1 32 ? -12.863 2.687   -2.868  1.00 33.48  ? 40 LEU C C   1 
ATOM   1101 O O   . LEU C 1 32 ? -12.827 1.546   -2.412  1.00 36.16  ? 40 LEU C O   1 
ATOM   1102 C CB  . LEU C 1 32 ? -14.803 3.321   -4.293  1.00 28.60  ? 40 LEU C CB  1 
ATOM   1103 C CG  . LEU C 1 32 ? -16.250 2.835   -4.321  1.00 33.82  ? 40 LEU C CG  1 
ATOM   1104 C CD1 . LEU C 1 32 ? -17.005 3.438   -3.169  1.00 19.02  ? 40 LEU C CD1 1 
ATOM   1105 C CD2 . LEU C 1 32 ? -16.893 3.217   -5.644  1.00 35.47  ? 40 LEU C CD2 1 
ATOM   1106 N N   . GLN C 1 33 ? -11.795 3.307   -3.360  1.00 34.93  ? 41 GLN C N   1 
ATOM   1107 C CA  . GLN C 1 33 ? -10.501 2.651   -3.330  1.00 38.89  ? 41 GLN C CA  1 
ATOM   1108 C C   . GLN C 1 33 ? -10.063 2.540   -1.870  1.00 34.40  ? 41 GLN C C   1 
ATOM   1109 O O   . GLN C 1 33 ? -9.422  1.571   -1.489  1.00 33.48  ? 41 GLN C O   1 
ATOM   1110 C CB  . GLN C 1 33 ? -9.466  3.419   -4.161  1.00 44.21  ? 41 GLN C CB  1 
ATOM   1111 C CG  . GLN C 1 33 ? -9.566  3.127   -5.658  1.00 49.01  ? 41 GLN C CG  1 
ATOM   1112 C CD  . GLN C 1 33 ? -8.508  3.837   -6.493  1.00 54.56  ? 41 GLN C CD  1 
ATOM   1113 O OE1 . GLN C 1 33 ? -8.798  4.322   -7.586  1.00 60.12  ? 41 GLN C OE1 1 
ATOM   1114 N NE2 . GLN C 1 33 ? -7.276  3.889   -5.988  1.00 62.43  ? 41 GLN C NE2 1 
ATOM   1115 N N   . ALA C 1 34 ? -10.455 3.516   -1.055  1.00 27.40  ? 42 ALA C N   1 
ATOM   1116 C CA  . ALA C 1 34 ? -10.117 3.517   0.364   1.00 26.07  ? 42 ALA C CA  1 
ATOM   1117 C C   . ALA C 1 34 ? -10.899 2.464   1.177   1.00 24.31  ? 42 ALA C C   1 
ATOM   1118 O O   . ALA C 1 34 ? -10.325 1.785   2.030   1.00 20.70  ? 42 ALA C O   1 
ATOM   1119 C CB  . ALA C 1 34 ? -10.345 4.921   0.953   1.00 17.77  ? 42 ALA C CB  1 
ATOM   1120 N N   . SER C 1 35 ? -12.204 2.348   0.922   1.00 26.74  ? 43 SER C N   1 
ATOM   1121 C CA  . SER C 1 35 ? -13.060 1.384   1.626   1.00 28.05  ? 43 SER C CA  1 
ATOM   1122 C C   . SER C 1 35 ? -12.631 -0.048  1.326   1.00 28.74  ? 43 SER C C   1 
ATOM   1123 O O   . SER C 1 35 ? -12.655 -0.911  2.196   1.00 29.71  ? 43 SER C O   1 
ATOM   1124 C CB  . SER C 1 35 ? -14.515 1.583   1.216   1.00 24.61  ? 43 SER C CB  1 
ATOM   1125 O OG  . SER C 1 35 ? -14.897 2.926   1.442   1.00 30.17  ? 43 SER C OG  1 
ATOM   1126 N N   . ARG C 1 36 ? -12.258 -0.300  0.081   1.00 25.42  ? 44 ARG C N   1 
ATOM   1127 C CA  . ARG C 1 36 ? -11.782 -1.616  -0.309  1.00 27.79  ? 44 ARG C CA  1 
ATOM   1128 C C   . ARG C 1 36 ? -10.481 -1.889  0.459   1.00 26.77  ? 44 ARG C C   1 
ATOM   1129 O O   . ARG C 1 36 ? -10.306 -2.950  1.057   1.00 28.46  ? 44 ARG C O   1 
ATOM   1130 C CB  . ARG C 1 36 ? -11.525 -1.646  -1.820  1.00 24.05  ? 44 ARG C CB  1 
ATOM   1131 C CG  . ARG C 1 36 ? -10.814 -2.892  -2.339  1.00 28.30  ? 44 ARG C CG  1 
ATOM   1132 C CD  . ARG C 1 36 ? -10.621 -2.788  -3.842  1.00 35.16  ? 44 ARG C CD  1 
ATOM   1133 N NE  . ARG C 1 36 ? -11.881 -2.911  -4.565  1.00 51.39  ? 44 ARG C NE  1 
ATOM   1134 C CZ  . ARG C 1 36 ? -12.473 -4.073  -4.823  1.00 53.74  ? 44 ARG C CZ  1 
ATOM   1135 N NH1 . ARG C 1 36 ? -11.907 -5.205  -4.422  1.00 53.01  ? 44 ARG C NH1 1 
ATOM   1136 N NH2 . ARG C 1 36 ? -13.638 -4.105  -5.460  1.00 53.05  ? 44 ARG C NH2 1 
ATOM   1137 N N   . LEU C 1 37 ? -9.588  -0.908  0.458   1.00 35.28  ? 45 LEU C N   1 
ATOM   1138 C CA  . LEU C 1 37 ? -8.304  -1.032  1.140   1.00 36.77  ? 45 LEU C CA  1 
ATOM   1139 C C   . LEU C 1 37 ? -8.508  -1.237  2.648   1.00 32.61  ? 45 LEU C C   1 
ATOM   1140 O O   . LEU C 1 37 ? -7.722  -1.907  3.307   1.00 29.69  ? 45 LEU C O   1 
ATOM   1141 C CB  . LEU C 1 37 ? -7.455  0.219   0.889   1.00 32.24  ? 45 LEU C CB  1 
ATOM   1142 C CG  . LEU C 1 37 ? -5.943  0.118   1.097   1.00 41.12  ? 45 LEU C CG  1 
ATOM   1143 C CD1 . LEU C 1 37 ? -5.421  -1.197  0.537   1.00 40.83  ? 45 LEU C CD1 1 
ATOM   1144 C CD2 . LEU C 1 37 ? -5.267  1.309   0.407   1.00 36.83  ? 45 LEU C CD2 1 
ATOM   1145 N N   . LEU C 1 38 ? -9.554  -0.650  3.212   1.00 20.59  ? 46 LEU C N   1 
ATOM   1146 C CA  . LEU C 1 38 ? -9.789  -0.845  4.631   1.00 23.01  ? 46 LEU C CA  1 
ATOM   1147 C C   . LEU C 1 38 ? -10.057 -2.333  4.893   1.00 26.08  ? 46 LEU C C   1 
ATOM   1148 O O   . LEU C 1 38 ? -9.538  -2.900  5.847   1.00 23.56  ? 46 LEU C O   1 
ATOM   1149 C CB  . LEU C 1 38 ? -10.974 0.008   5.110   1.00 25.95  ? 46 LEU C CB  1 
ATOM   1150 C CG  . LEU C 1 38 ? -10.655 1.492   5.375   1.00 27.15  ? 46 LEU C CG  1 
ATOM   1151 C CD1 . LEU C 1 38 ? -11.962 2.260   5.590   1.00 27.77  ? 46 LEU C CD1 1 
ATOM   1152 C CD2 . LEU C 1 38 ? -9.720  1.630   6.606   1.00 21.46  ? 46 LEU C CD2 1 
ATOM   1153 N N   . MET C 1 39 ? -10.847 -2.972  4.029   1.00 28.26  ? 47 MET C N   1 
ATOM   1154 C CA  . MET C 1 39 ? -11.169 -4.378  4.220   1.00 30.25  ? 47 MET C CA  1 
ATOM   1155 C C   . MET C 1 39 ? -9.973  -5.290  4.002   1.00 29.33  ? 47 MET C C   1 
ATOM   1156 O O   . MET C 1 39 ? -9.844  -6.315  4.678   1.00 30.66  ? 47 MET C O   1 
ATOM   1157 C CB  . MET C 1 39 ? -12.330 -4.784  3.313   1.00 35.01  ? 47 MET C CB  1 
ATOM   1158 C CG  . MET C 1 39 ? -13.505 -3.812  3.385   1.00 37.81  ? 47 MET C CG  1 
ATOM   1159 S SD  . MET C 1 39 ? -15.108 -4.514  2.923   1.00 38.53  ? 47 MET C SD  1 
ATOM   1160 C CE  . MET C 1 39 ? -14.979 -4.522  1.144   1.00 37.32  ? 47 MET C CE  1 
ATOM   1161 N N   . MET C 1 40 ? -9.094  -4.927  3.075   1.00 29.05  ? 48 MET C N   1 
ATOM   1162 C CA  . MET C 1 40 ? -7.914  -5.752  2.821   1.00 33.46  ? 48 MET C CA  1 
ATOM   1163 C C   . MET C 1 40 ? -6.949  -5.613  4.004   1.00 30.74  ? 48 MET C C   1 
ATOM   1164 O O   . MET C 1 40 ? -6.082  -6.460  4.209   1.00 28.30  ? 48 MET C O   1 
ATOM   1165 C CB  . MET C 1 40 ? -7.191  -5.324  1.544   1.00 48.14  ? 48 MET C CB  1 
ATOM   1166 C CG  . MET C 1 40 ? -8.093  -5.043  0.374   1.00 53.27  ? 48 MET C CG  1 
ATOM   1167 S SD  . MET C 1 40 ? -7.187  -5.250  -1.159  1.00 65.36  ? 48 MET C SD  1 
ATOM   1168 C CE  . MET C 1 40 ? -6.875  -3.543  -1.647  1.00 60.26  ? 48 MET C CE  1 
ATOM   1169 N N   . LYS C 1 41 ? -7.102  -4.532  4.765   1.00 37.16  ? 49 LYS C N   1 
ATOM   1170 C CA  . LYS C 1 41 ? -6.258  -4.284  5.929   1.00 35.18  ? 49 LYS C CA  1 
ATOM   1171 C C   . LYS C 1 41 ? -6.740  -5.185  7.061   1.00 33.54  ? 49 LYS C C   1 
ATOM   1172 O O   . LYS C 1 41 ? -5.942  -5.773  7.787   1.00 32.18  ? 49 LYS C O   1 
ATOM   1173 C CB  . LYS C 1 41 ? -6.368  -2.826  6.366   1.00 25.47  ? 49 LYS C CB  1 
ATOM   1174 C CG  . LYS C 1 41 ? -5.066  -2.062  6.370   1.00 28.43  ? 49 LYS C CG  1 
ATOM   1175 C CD  . LYS C 1 41 ? -4.454  -1.888  4.978   1.00 24.37  ? 49 LYS C CD  1 
ATOM   1176 C CE  . LYS C 1 41 ? -3.624  -0.617  4.927   1.00 25.48  ? 49 LYS C CE  1 
ATOM   1177 N NZ  . LYS C 1 41 ? -2.315  -0.857  4.292   1.00 24.24  ? 49 LYS C NZ  1 
ATOM   1178 N N   . ASP C 1 42 ? -8.055  -5.286  7.212   1.00 28.96  ? 50 ASP C N   1 
ATOM   1179 C CA  . ASP C 1 42 ? -8.620  -6.132  8.246   1.00 29.72  ? 50 ASP C CA  1 
ATOM   1180 C C   . ASP C 1 42 ? -8.127  -7.561  8.044   1.00 31.89  ? 50 ASP C C   1 
ATOM   1181 O O   . ASP C 1 42 ? -7.859  -8.280  9.003   1.00 35.19  ? 50 ASP C O   1 
ATOM   1182 C CB  . ASP C 1 42 ? -10.142 -6.096  8.186   1.00 40.93  ? 50 ASP C CB  1 
ATOM   1183 C CG  . ASP C 1 42 ? -10.697 -4.743  8.543   1.00 51.49  ? 50 ASP C CG  1 
ATOM   1184 O OD1 . ASP C 1 42 ? -10.271 -4.190  9.577   1.00 56.89  ? 50 ASP C OD1 1 
ATOM   1185 O OD2 . ASP C 1 42 ? -11.559 -4.231  7.797   1.00 54.74  ? 50 ASP C OD2 1 
ATOM   1186 N N   . ASN C 1 43 ? -8.003  -7.949  6.782   1.00 23.77  ? 51 ASN C N   1 
ATOM   1187 C CA  . ASN C 1 43 ? -7.555  -9.282  6.404   1.00 25.00  ? 51 ASN C CA  1 
ATOM   1188 C C   . ASN C 1 43 ? -6.082  -9.513  6.696   1.00 23.86  ? 51 ASN C C   1 
ATOM   1189 O O   . ASN C 1 43 ? -5.690  -10.635 7.012   1.00 25.94  ? 51 ASN C O   1 
ATOM   1190 C CB  . ASN C 1 43 ? -7.812  -9.547  4.910   1.00 29.69  ? 51 ASN C CB  1 
ATOM   1191 C CG  . ASN C 1 43 ? -9.298  -9.506  4.540   1.00 31.80  ? 51 ASN C CG  1 
ATOM   1192 O OD1 . ASN C 1 43 ? -10.182 -9.427  5.400   1.00 32.65  ? 51 ASN C OD1 1 
ATOM   1193 N ND2 . ASN C 1 43 ? -9.573  -9.566  3.244   1.00 30.31  ? 51 ASN C ND2 1 
ATOM   1194 N N   . VAL C 1 44 ? -5.260  -8.475  6.571   1.00 29.81  ? 52 VAL C N   1 
ATOM   1195 C CA  . VAL C 1 44 ? -3.843  -8.644  6.865   1.00 30.70  ? 52 VAL C CA  1 
ATOM   1196 C C   . VAL C 1 44 ? -3.718  -8.823  8.384   1.00 31.25  ? 52 VAL C C   1 
ATOM   1197 O O   . VAL C 1 44 ? -2.960  -9.669  8.859   1.00 33.37  ? 52 VAL C O   1 
ATOM   1198 C CB  . VAL C 1 44 ? -2.996  -7.425  6.451   1.00 23.59  ? 52 VAL C CB  1 
ATOM   1199 C CG1 . VAL C 1 44 ? -1.530  -7.713  6.727   1.00 18.26  ? 52 VAL C CG1 1 
ATOM   1200 C CG2 . VAL C 1 44 ? -3.197  -7.106  4.977   1.00 19.55  ? 52 VAL C CG2 1 
ATOM   1201 N N   . ILE C 1 45 ? -4.481  -8.020  9.127   1.00 33.38  ? 53 ILE C N   1 
ATOM   1202 C CA  . ILE C 1 45 ? -4.493  -8.067  10.587  1.00 33.42  ? 53 ILE C CA  1 
ATOM   1203 C C   . ILE C 1 45 ? -4.987  -9.431  11.056  1.00 37.81  ? 53 ILE C C   1 
ATOM   1204 O O   . ILE C 1 45 ? -4.267  -10.149 11.747  1.00 38.25  ? 53 ILE C O   1 
ATOM   1205 C CB  . ILE C 1 45 ? -5.410  -6.959  11.188  1.00 32.56  ? 53 ILE C CB  1 
ATOM   1206 C CG1 . ILE C 1 45 ? -4.848  -5.566  10.876  1.00 26.12  ? 53 ILE C CG1 1 
ATOM   1207 C CG2 . ILE C 1 45 ? -5.524  -7.139  12.688  1.00 28.84  ? 53 ILE C CG2 1 
ATOM   1208 C CD1 . ILE C 1 45 ? -5.831  -4.413  11.076  1.00 41.87  ? 53 ILE C CD1 1 
ATOM   1209 N N   . ARG C 1 46 ? -6.210  -9.792  10.679  1.00 38.19  ? 54 ARG C N   1 
ATOM   1210 C CA  . ARG C 1 46 ? -6.755  -11.090 11.071  1.00 41.66  ? 54 ARG C CA  1 
ATOM   1211 C C   . ARG C 1 46 ? -5.719  -12.195 10.831  1.00 39.87  ? 54 ARG C C   1 
ATOM   1212 O O   . ARG C 1 46 ? -5.403  -12.967 11.729  1.00 42.16  ? 54 ARG C O   1 
ATOM   1213 C CB  . ARG C 1 46 ? -8.033  -11.410 10.280  1.00 51.04  ? 54 ARG C CB  1 
ATOM   1214 C CG  . ARG C 1 46 ? -9.197  -10.455 10.511  1.00 57.94  ? 54 ARG C CG  1 
ATOM   1215 C CD  . ARG C 1 46 ? -10.512 -11.005 9.947   1.00 55.95  ? 54 ARG C CD  1 
ATOM   1216 N NE  . ARG C 1 46 ? -11.654 -10.133 10.229  1.00 63.82  ? 54 ARG C NE  1 
ATOM   1217 C CZ  . ARG C 1 46 ? -12.197 -9.292  9.350   1.00 63.22  ? 54 ARG C CZ  1 
ATOM   1218 N NH1 . ARG C 1 46 ? -13.230 -8.536  9.702   1.00 51.70  ? 54 ARG C NH1 1 
ATOM   1219 N NH2 . ARG C 1 46 ? -11.722 -9.217  8.114   1.00 68.22  ? 54 ARG C NH2 1 
ATOM   1220 N N   . SER C 1 47 ? -5.200  -12.256 9.610   1.00 48.59  ? 55 SER C N   1 
ATOM   1221 C CA  . SER C 1 47 ? -4.206  -13.251 9.212   1.00 47.84  ? 55 SER C CA  1 
ATOM   1222 C C   . SER C 1 47 ? -2.908  -13.227 10.008  1.00 49.65  ? 55 SER C C   1 
ATOM   1223 O O   . SER C 1 47 ? -2.192  -14.229 10.075  1.00 53.55  ? 55 SER C O   1 
ATOM   1224 C CB  . SER C 1 47 ? -3.872  -13.066 7.734   1.00 33.96  ? 55 SER C CB  1 
ATOM   1225 O OG  . SER C 1 47 ? -2.578  -13.555 7.430   1.00 31.31  ? 55 SER C OG  1 
ATOM   1226 N N   . LEU C 1 48 ? -2.618  -12.076 10.599  1.00 44.27  ? 56 LEU C N   1 
ATOM   1227 C CA  . LEU C 1 48 ? -1.405  -11.844 11.370  1.00 41.61  ? 56 LEU C CA  1 
ATOM   1228 C C   . LEU C 1 48 ? -1.598  -12.272 12.823  1.00 42.57  ? 56 LEU C C   1 
ATOM   1229 O O   . LEU C 1 48 ? -0.661  -12.722 13.497  1.00 38.35  ? 56 LEU C O   1 
ATOM   1230 C CB  . LEU C 1 48 ? -1.081  -10.354 11.297  1.00 31.75  ? 56 LEU C CB  1 
ATOM   1231 C CG  . LEU C 1 48 ? 0.349   -9.849  11.151  1.00 36.48  ? 56 LEU C CG  1 
ATOM   1232 C CD1 . LEU C 1 48 ? 1.058   -10.558 10.010  1.00 34.58  ? 56 LEU C CD1 1 
ATOM   1233 C CD2 . LEU C 1 48 ? 0.286   -8.352  10.891  1.00 32.61  ? 56 LEU C CD2 1 
ATOM   1234 N N   . VAL C 1 49 ? -2.824  -12.103 13.294  1.00 34.51  ? 57 VAL C N   1 
ATOM   1235 C CA  . VAL C 1 49 ? -3.211  -12.464 14.642  1.00 37.52  ? 57 VAL C CA  1 
ATOM   1236 C C   . VAL C 1 49 ? -3.361  -13.981 14.737  1.00 40.92  ? 57 VAL C C   1 
ATOM   1237 O O   . VAL C 1 49 ? -3.047  -14.582 15.767  1.00 40.33  ? 57 VAL C O   1 
ATOM   1238 C CB  . VAL C 1 49 ? -4.530  -11.751 15.020  1.00 38.19  ? 57 VAL C CB  1 
ATOM   1239 C CG1 . VAL C 1 49 ? -5.232  -12.465 16.173  1.00 36.89  ? 57 VAL C CG1 1 
ATOM   1240 C CG2 . VAL C 1 49 ? -4.220  -10.326 15.422  1.00 32.94  ? 57 VAL C CG2 1 
ATOM   1241 N N   . LYS C 1 50 ? -3.842  -14.605 13.666  1.00 74.00  ? 58 LYS C N   1 
ATOM   1242 C CA  . LYS C 1 50 ? -3.979  -16.052 13.676  1.00 75.60  ? 58 LYS C CA  1 
ATOM   1243 C C   . LYS C 1 50 ? -2.551  -16.604 13.684  1.00 78.09  ? 58 LYS C C   1 
ATOM   1244 O O   . LYS C 1 50 ? -2.161  -17.333 14.594  1.00 77.19  ? 58 LYS C O   1 
ATOM   1245 C CB  . LYS C 1 50 ? -4.734  -16.541 12.431  1.00 56.09  ? 58 LYS C CB  1 
ATOM   1246 C CG  . LYS C 1 50 ? -6.072  -15.832 12.172  1.00 62.65  ? 58 LYS C CG  1 
ATOM   1247 C CD  . LYS C 1 50 ? -7.301  -16.722 12.369  1.00 68.80  ? 58 LYS C CD  1 
ATOM   1248 C CE  . LYS C 1 50 ? -8.036  -16.403 13.669  1.00 70.04  ? 58 LYS C CE  1 
ATOM   1249 N NZ  . LYS C 1 50 ? -9.513  -16.600 13.561  1.00 69.96  ? 58 LYS C NZ  1 
ATOM   1250 N N   . ARG C 1 51 ? -1.768  -16.213 12.681  1.00 57.32  ? 59 ARG C N   1 
ATOM   1251 C CA  . ARG C 1 51 ? -0.385  -16.664 12.539  1.00 61.49  ? 59 ARG C CA  1 
ATOM   1252 C C   . ARG C 1 51 ? 0.484   -16.458 13.779  1.00 62.10  ? 59 ARG C C   1 
ATOM   1253 O O   . ARG C 1 51 ? 1.551   -17.052 13.884  1.00 61.22  ? 59 ARG C O   1 
ATOM   1254 C CB  . ARG C 1 51 ? 0.283   -15.982 11.335  1.00 57.17  ? 59 ARG C CB  1 
ATOM   1255 C CG  . ARG C 1 51 ? 1.725   -16.423 11.091  1.00 59.37  ? 59 ARG C CG  1 
ATOM   1256 C CD  . ARG C 1 51 ? 2.285   -15.821 9.814   1.00 60.59  ? 59 ARG C CD  1 
ATOM   1257 N NE  . ARG C 1 51 ? 3.446   -16.546 9.299   1.00 69.75  ? 59 ARG C NE  1 
ATOM   1258 C CZ  . ARG C 1 51 ? 4.646   -16.574 9.876   1.00 75.56  ? 59 ARG C CZ  1 
ATOM   1259 N NH1 . ARG C 1 51 ? 4.869   -15.912 11.005  1.00 79.66  ? 59 ARG C NH1 1 
ATOM   1260 N NH2 . ARG C 1 51 ? 5.630   -17.267 9.318   1.00 75.59  ? 59 ARG C NH2 1 
ATOM   1261 N N   . ALA C 1 52 ? 0.061   -15.606 14.703  1.00 49.00  ? 60 ALA C N   1 
ATOM   1262 C CA  . ALA C 1 52 ? 0.853   -15.406 15.909  1.00 52.81  ? 60 ALA C CA  1 
ATOM   1263 C C   . ALA C 1 52 ? 0.429   -16.483 16.907  1.00 55.05  ? 60 ALA C C   1 
ATOM   1264 O O   . ALA C 1 52 ? 1.264   -17.210 17.447  1.00 56.50  ? 60 ALA C O   1 
ATOM   1265 C CB  . ALA C 1 52 ? 0.618   -14.014 16.488  1.00 33.30  ? 60 ALA C CB  1 
ATOM   1266 N N   . ALA C 1 53 ? -0.879  -16.596 17.128  1.00 85.40  ? 61 ALA C N   1 
ATOM   1267 C CA  . ALA C 1 53 ? -1.425  -17.585 18.052  1.00 86.56  ? 61 ALA C CA  1 
ATOM   1268 C C   . ALA C 1 53 ? -0.883  -18.980 17.738  1.00 90.26  ? 61 ALA C C   1 
ATOM   1269 O O   . ALA C 1 53 ? -0.278  -19.620 18.594  1.00 90.78  ? 61 ALA C O   1 
ATOM   1270 C CB  . ALA C 1 53 ? -2.949  -17.580 17.979  1.00 54.07  ? 61 ALA C CB  1 
ATOM   1271 N N   . ARG C 1 54 ? -1.099  -19.458 16.516  1.00 102.80 ? 62 ARG C N   1 
ATOM   1272 C CA  . ARG C 1 54 ? -0.598  -20.777 16.136  1.00 105.35 ? 62 ARG C CA  1 
ATOM   1273 C C   . ARG C 1 54 ? 0.839   -20.677 15.639  1.00 106.01 ? 62 ARG C C   1 
ATOM   1274 O O   . ARG C 1 54 ? 1.671   -20.117 16.386  1.00 64.44  ? 62 ARG C O   1 
ATOM   1275 C CB  . ARG C 1 54 ? -1.486  -21.416 15.057  1.00 99.69  ? 62 ARG C CB  1 
ATOM   1276 C CG  . ARG C 1 54 ? -2.795  -21.990 15.594  1.00 103.79 ? 62 ARG C CG  1 
ATOM   1277 C CD  . ARG C 1 54 ? -3.720  -22.506 14.491  1.00 101.04 ? 62 ARG C CD  1 
ATOM   1278 N NE  . ARG C 1 54 ? -3.420  -21.954 13.170  1.00 108.90 ? 62 ARG C NE  1 
ATOM   1279 C CZ  . ARG C 1 54 ? -3.376  -20.657 12.877  1.00 110.10 ? 62 ARG C CZ  1 
ATOM   1280 N NH1 . ARG C 1 54 ? -3.615  -19.747 13.811  1.00 111.94 ? 62 ARG C NH1 1 
ATOM   1281 N NH2 . ARG C 1 54 ? -3.080  -20.269 11.646  1.00 107.96 ? 62 ARG C NH2 1 
ATOM   1282 O OXT . ARG C 1 54 ? 1.121   -21.164 14.522  1.00 101.12 ? 62 ARG C OXT 1 
ATOM   1283 N N   . ASP D 1 3  ? -7.356  -9.869  -0.911  1.00 56.48  ? 11 ASP D N   1 
ATOM   1284 C CA  . ASP D 1 3  ? -8.412  -10.855 -1.274  1.00 55.47  ? 11 ASP D CA  1 
ATOM   1285 C C   . ASP D 1 3  ? -9.651  -10.723 -0.414  1.00 52.31  ? 11 ASP D C   1 
ATOM   1286 O O   . ASP D 1 3  ? -9.719  -11.261 0.689   1.00 53.53  ? 11 ASP D O   1 
ATOM   1287 C CB  . ASP D 1 3  ? -7.871  -12.279 -1.168  1.00 68.53  ? 11 ASP D CB  1 
ATOM   1288 C CG  . ASP D 1 3  ? -7.135  -12.709 -2.416  1.00 76.32  ? 11 ASP D CG  1 
ATOM   1289 O OD1 . ASP D 1 3  ? -6.931  -11.861 -3.310  1.00 76.77  ? 11 ASP D OD1 1 
ATOM   1290 O OD2 . ASP D 1 3  ? -6.757  -13.895 -2.506  1.00 81.31  ? 11 ASP D OD2 1 
ATOM   1291 N N   . LEU D 1 4  ? -10.632 -10.000 -0.937  1.00 60.38  ? 12 LEU D N   1 
ATOM   1292 C CA  . LEU D 1 4  ? -11.885 -9.794  -0.239  1.00 55.84  ? 12 LEU D CA  1 
ATOM   1293 C C   . LEU D 1 4  ? -12.651 -11.094 -0.084  1.00 53.33  ? 12 LEU D C   1 
ATOM   1294 O O   . LEU D 1 4  ? -12.801 -11.863 -1.032  1.00 53.94  ? 12 LEU D O   1 
ATOM   1295 C CB  . LEU D 1 4  ? -12.747 -8.787  -0.998  1.00 41.88  ? 12 LEU D CB  1 
ATOM   1296 C CG  . LEU D 1 4  ? -12.741 -7.365  -0.457  1.00 39.56  ? 12 LEU D CG  1 
ATOM   1297 C CD1 . LEU D 1 4  ? -11.318 -6.912  -0.170  1.00 29.50  ? 12 LEU D CD1 1 
ATOM   1298 C CD2 . LEU D 1 4  ? -13.401 -6.457  -1.468  1.00 33.51  ? 12 LEU D CD2 1 
ATOM   1299 N N   . SER D 1 5  ? -13.131 -11.336 1.126   1.00 32.27  ? 13 SER D N   1 
ATOM   1300 C CA  . SER D 1 5  ? -13.914 -12.521 1.393   1.00 30.12  ? 13 SER D CA  1 
ATOM   1301 C C   . SER D 1 5  ? -15.214 -12.312 0.623   1.00 32.95  ? 13 SER D C   1 
ATOM   1302 O O   . SER D 1 5  ? -15.368 -11.323 -0.101  1.00 33.37  ? 13 SER D O   1 
ATOM   1303 C CB  . SER D 1 5  ? -14.236 -12.621 2.878   1.00 32.86  ? 13 SER D CB  1 
ATOM   1304 O OG  . SER D 1 5  ? -15.103 -11.567 3.262   1.00 26.29  ? 13 SER D OG  1 
ATOM   1305 N N   . PHE D 1 6  ? -16.152 -13.234 0.811   1.00 60.31  ? 14 PHE D N   1 
ATOM   1306 C CA  . PHE D 1 6  ? -17.454 -13.193 0.164   1.00 59.87  ? 14 PHE D CA  1 
ATOM   1307 C C   . PHE D 1 6  ? -18.323 -12.119 0.823   1.00 57.06  ? 14 PHE D C   1 
ATOM   1308 O O   . PHE D 1 6  ? -19.115 -11.448 0.158   1.00 56.77  ? 14 PHE D O   1 
ATOM   1309 C CB  . PHE D 1 6  ? -18.091 -14.586 0.268   1.00 39.12  ? 14 PHE D CB  1 
ATOM   1310 C CG  . PHE D 1 6  ? -19.551 -14.632 -0.081  1.00 39.91  ? 14 PHE D CG  1 
ATOM   1311 C CD1 . PHE D 1 6  ? -20.517 -14.535 0.916   1.00 34.57  ? 14 PHE D CD1 1 
ATOM   1312 C CD2 . PHE D 1 6  ? -19.964 -14.810 -1.396  1.00 44.16  ? 14 PHE D CD2 1 
ATOM   1313 C CE1 . PHE D 1 6  ? -21.875 -14.617 0.612   1.00 38.98  ? 14 PHE D CE1 1 
ATOM   1314 C CE2 . PHE D 1 6  ? -21.320 -14.893 -1.710  1.00 46.09  ? 14 PHE D CE2 1 
ATOM   1315 C CZ  . PHE D 1 6  ? -22.276 -14.798 -0.702  1.00 39.93  ? 14 PHE D CZ  1 
ATOM   1316 N N   . GLU D 1 7  ? -18.163 -11.955 2.132   1.00 48.07  ? 15 GLU D N   1 
ATOM   1317 C CA  . GLU D 1 7  ? -18.918 -10.946 2.871   1.00 45.50  ? 15 GLU D CA  1 
ATOM   1318 C C   . GLU D 1 7  ? -18.417 -9.563  2.476   1.00 45.77  ? 15 GLU D C   1 
ATOM   1319 O O   . GLU D 1 7  ? -19.193 -8.615  2.338   1.00 43.46  ? 15 GLU D O   1 
ATOM   1320 C CB  . GLU D 1 7  ? -18.726 -11.119 4.378   1.00 35.96  ? 15 GLU D CB  1 
ATOM   1321 C CG  . GLU D 1 7  ? -19.663 -12.107 5.057   1.00 36.95  ? 15 GLU D CG  1 
ATOM   1322 C CD  . GLU D 1 7  ? -19.463 -13.543 4.618   1.00 39.72  ? 15 GLU D CD  1 
ATOM   1323 O OE1 . GLU D 1 7  ? -18.334 -13.909 4.227   1.00 32.81  ? 15 GLU D OE1 1 
ATOM   1324 O OE2 . GLU D 1 7  ? -20.442 -14.319 4.683   1.00 56.82  ? 15 GLU D OE2 1 
ATOM   1325 N N   . GLN D 1 8  ? -17.109 -9.461  2.294   1.00 36.37  ? 16 GLN D N   1 
ATOM   1326 C CA  . GLN D 1 8  ? -16.504 -8.191  1.942   1.00 36.65  ? 16 GLN D CA  1 
ATOM   1327 C C   . GLN D 1 8  ? -16.859 -7.727  0.540   1.00 36.50  ? 16 GLN D C   1 
ATOM   1328 O O   . GLN D 1 8  ? -17.117 -6.540  0.343   1.00 38.41  ? 16 GLN D O   1 
ATOM   1329 C CB  . GLN D 1 8  ? -14.988 -8.265  2.139   1.00 29.43  ? 16 GLN D CB  1 
ATOM   1330 C CG  . GLN D 1 8  ? -14.620 -8.354  3.612   1.00 26.85  ? 16 GLN D CG  1 
ATOM   1331 C CD  . GLN D 1 8  ? -13.142 -8.558  3.855   1.00 31.06  ? 16 GLN D CD  1 
ATOM   1332 O OE1 . GLN D 1 8  ? -12.571 -7.958  4.760   1.00 23.81  ? 16 GLN D OE1 1 
ATOM   1333 N NE2 . GLN D 1 8  ? -12.521 -9.420  3.062   1.00 29.68  ? 16 GLN D NE2 1 
ATOM   1334 N N   . GLU D 1 9  ? -16.875 -8.649  -0.425  1.00 34.08  ? 17 GLU D N   1 
ATOM   1335 C CA  . GLU D 1 9  ? -17.241 -8.294  -1.798  1.00 33.44  ? 17 GLU D CA  1 
ATOM   1336 C C   . GLU D 1 9  ? -18.629 -7.689  -1.698  1.00 31.76  ? 17 GLU D C   1 
ATOM   1337 O O   . GLU D 1 9  ? -18.921 -6.647  -2.285  1.00 27.14  ? 17 GLU D O   1 
ATOM   1338 C CB  . GLU D 1 9  ? -17.312 -9.530  -2.703  1.00 26.78  ? 17 GLU D CB  1 
ATOM   1339 C CG  . GLU D 1 9  ? -16.017 -10.337 -2.815  1.00 36.88  ? 17 GLU D CG  1 
ATOM   1340 C CD  . GLU D 1 9  ? -15.013 -9.766  -3.798  1.00 51.72  ? 17 GLU D CD  1 
ATOM   1341 O OE1 . GLU D 1 9  ? -15.012 -8.540  -4.033  1.00 55.28  ? 17 GLU D OE1 1 
ATOM   1342 O OE2 . GLU D 1 9  ? -14.206 -10.562 -4.328  1.00 54.78  ? 17 GLU D OE2 1 
ATOM   1343 N N   . PHE D 1 10 ? -19.482 -8.360  -0.938  1.00 26.06  ? 18 PHE D N   1 
ATOM   1344 C CA  . PHE D 1 10 ? -20.850 -7.903  -0.753  1.00 29.42  ? 18 PHE D CA  1 
ATOM   1345 C C   . PHE D 1 10 ? -20.920 -6.491  -0.166  1.00 29.38  ? 18 PHE D C   1 
ATOM   1346 O O   . PHE D 1 10 ? -21.693 -5.658  -0.642  1.00 32.55  ? 18 PHE D O   1 
ATOM   1347 C CB  . PHE D 1 10 ? -21.615 -8.899  0.122   1.00 28.52  ? 18 PHE D CB  1 
ATOM   1348 C CG  . PHE D 1 10 ? -22.940 -8.398  0.603   1.00 30.40  ? 18 PHE D CG  1 
ATOM   1349 C CD1 . PHE D 1 10 ? -23.050 -7.805  1.854   1.00 27.42  ? 18 PHE D CD1 1 
ATOM   1350 C CD2 . PHE D 1 10 ? -24.074 -8.491  -0.198  1.00 33.30  ? 18 PHE D CD2 1 
ATOM   1351 C CE1 . PHE D 1 10 ? -24.273 -7.331  2.310   1.00 34.09  ? 18 PHE D CE1 1 
ATOM   1352 C CE2 . PHE D 1 10 ? -25.301 -8.017  0.252   1.00 32.86  ? 18 PHE D CE2 1 
ATOM   1353 C CZ  . PHE D 1 10 ? -25.400 -7.430  1.503   1.00 28.83  ? 18 PHE D CZ  1 
ATOM   1354 N N   . GLN D 1 11 ? -20.120 -6.216  0.863   1.00 34.34  ? 19 GLN D N   1 
ATOM   1355 C CA  . GLN D 1 11 ? -20.105 -4.885  1.469   1.00 33.36  ? 19 GLN D CA  1 
ATOM   1356 C C   . GLN D 1 11 ? -19.696 -3.874  0.410   1.00 33.77  ? 19 GLN D C   1 
ATOM   1357 O O   . GLN D 1 11 ? -20.280 -2.791  0.305   1.00 30.58  ? 19 GLN D O   1 
ATOM   1358 C CB  . GLN D 1 11 ? -19.124 -4.834  2.634   1.00 47.92  ? 19 GLN D CB  1 
ATOM   1359 C CG  . GLN D 1 11 ? -19.796 -4.742  3.978   1.00 59.07  ? 19 GLN D CG  1 
ATOM   1360 C CD  . GLN D 1 11 ? -18.812 -4.862  5.114   1.00 67.65  ? 19 GLN D CD  1 
ATOM   1361 O OE1 . GLN D 1 11 ? -18.351 -5.954  5.434   1.00 72.81  ? 19 GLN D OE1 1 
ATOM   1362 N NE2 . GLN D 1 11 ? -18.470 -3.733  5.722   1.00 75.60  ? 19 GLN D NE2 1 
ATOM   1363 N N   . MET D 1 12 ? -18.684 -4.241  -0.372  1.00 28.86  ? 20 MET D N   1 
ATOM   1364 C CA  . MET D 1 12 ? -18.201 -3.384  -1.443  1.00 31.07  ? 20 MET D CA  1 
ATOM   1365 C C   . MET D 1 12 ? -19.397 -2.926  -2.274  1.00 32.26  ? 20 MET D C   1 
ATOM   1366 O O   . MET D 1 12 ? -19.591 -1.726  -2.464  1.00 30.33  ? 20 MET D O   1 
ATOM   1367 C CB  . MET D 1 12 ? -17.208 -4.139  -2.333  1.00 45.32  ? 20 MET D CB  1 
ATOM   1368 C CG  . MET D 1 12 ? -15.757 -3.668  -2.238  1.00 48.06  ? 20 MET D CG  1 
ATOM   1369 S SD  . MET D 1 12 ? -15.507 -2.174  -1.247  1.00 56.86  ? 20 MET D SD  1 
ATOM   1370 C CE  . MET D 1 12 ? -15.615 -0.882  -2.491  1.00 35.13  ? 20 MET D CE  1 
ATOM   1371 N N   . ARG D 1 13 ? -20.201 -3.880  -2.752  1.00 37.41  ? 21 ARG D N   1 
ATOM   1372 C CA  . ARG D 1 13 ? -21.381 -3.549  -3.548  1.00 37.16  ? 21 ARG D CA  1 
ATOM   1373 C C   . ARG D 1 13 ? -22.251 -2.552  -2.784  1.00 35.41  ? 21 ARG D C   1 
ATOM   1374 O O   . ARG D 1 13 ? -22.717 -1.575  -3.357  1.00 34.61  ? 21 ARG D O   1 
ATOM   1375 C CB  . ARG D 1 13 ? -22.229 -4.792  -3.861  1.00 48.82  ? 21 ARG D CB  1 
ATOM   1376 C CG  . ARG D 1 13 ? -21.467 -6.000  -4.356  1.00 53.65  ? 21 ARG D CG  1 
ATOM   1377 C CD  . ARG D 1 13 ? -20.980 -5.869  -5.785  1.00 62.11  ? 21 ARG D CD  1 
ATOM   1378 N NE  . ARG D 1 13 ? -20.170 -7.030  -6.147  1.00 63.10  ? 21 ARG D NE  1 
ATOM   1379 C CZ  . ARG D 1 13 ? -18.863 -7.124  -5.927  1.00 63.84  ? 21 ARG D CZ  1 
ATOM   1380 N NH1 . ARG D 1 13 ? -18.214 -6.121  -5.351  1.00 58.44  ? 21 ARG D NH1 1 
ATOM   1381 N NH2 . ARG D 1 13 ? -18.207 -8.222  -6.270  1.00 64.90  ? 21 ARG D NH2 1 
ATOM   1382 N N   . VAL D 1 14 ? -22.489 -2.791  -1.501  1.00 40.21  ? 22 VAL D N   1 
ATOM   1383 C CA  . VAL D 1 14 ? -23.302 -1.855  -0.739  1.00 38.50  ? 22 VAL D CA  1 
ATOM   1384 C C   . VAL D 1 14 ? -22.621 -0.493  -0.723  1.00 42.69  ? 22 VAL D C   1 
ATOM   1385 O O   . VAL D 1 14 ? -23.285 0.544   -0.801  1.00 45.95  ? 22 VAL D O   1 
ATOM   1386 C CB  . VAL D 1 14 ? -23.501 -2.326  0.707   1.00 26.10  ? 22 VAL D CB  1 
ATOM   1387 C CG1 . VAL D 1 14 ? -24.292 -1.279  1.500   1.00 24.84  ? 22 VAL D CG1 1 
ATOM   1388 C CG2 . VAL D 1 14 ? -24.244 -3.656  0.704   1.00 20.36  ? 22 VAL D CG2 1 
ATOM   1389 N N   . MET D 1 15 ? -21.292 -0.498  -0.637  1.00 30.32  ? 23 MET D N   1 
ATOM   1390 C CA  . MET D 1 15 ? -20.532 0.740   -0.620  1.00 33.54  ? 23 MET D CA  1 
ATOM   1391 C C   . MET D 1 15 ? -20.579 1.454   -1.979  1.00 30.92  ? 23 MET D C   1 
ATOM   1392 O O   . MET D 1 15 ? -20.715 2.676   -2.018  1.00 28.53  ? 23 MET D O   1 
ATOM   1393 C CB  . MET D 1 15 ? -19.084 0.475   -0.164  1.00 78.35  ? 23 MET D CB  1 
ATOM   1394 C CG  . MET D 1 15 ? -18.733 1.120   1.188   1.00 83.95  ? 23 MET D CG  1 
ATOM   1395 S SD  . MET D 1 15 ? -17.730 0.105   2.333   1.00 88.06  ? 23 MET D SD  1 
ATOM   1396 C CE  . MET D 1 15 ? -18.982 -0.361  3.567   1.00 90.96  ? 23 MET D CE  1 
ATOM   1397 N N   . GLU D 1 16 ? -20.496 0.724   -3.093  1.00 41.64  ? 24 GLU D N   1 
ATOM   1398 C CA  . GLU D 1 16 ? -20.559 1.386   -4.407  1.00 43.75  ? 24 GLU D CA  1 
ATOM   1399 C C   . GLU D 1 16 ? -21.895 2.115   -4.548  1.00 43.21  ? 24 GLU D C   1 
ATOM   1400 O O   . GLU D 1 16 ? -21.991 3.182   -5.162  1.00 43.62  ? 24 GLU D O   1 
ATOM   1401 C CB  . GLU D 1 16 ? -20.455 0.399   -5.581  1.00 39.28  ? 24 GLU D CB  1 
ATOM   1402 C CG  . GLU D 1 16 ? -20.042 -1.026  -5.253  1.00 49.45  ? 24 GLU D CG  1 
ATOM   1403 C CD  . GLU D 1 16 ? -18.903 -1.518  -6.135  1.00 57.30  ? 24 GLU D CD  1 
ATOM   1404 O OE1 . GLU D 1 16 ? -17.800 -1.746  -5.597  1.00 57.46  ? 24 GLU D OE1 1 
ATOM   1405 O OE2 . GLU D 1 16 ? -19.100 -1.665  -7.361  1.00 65.70  ? 24 GLU D OE2 1 
ATOM   1406 N N   . GLU D 1 17 ? -22.925 1.511   -3.970  1.00 38.25  ? 25 GLU D N   1 
ATOM   1407 C CA  . GLU D 1 17 ? -24.283 2.037   -4.004  1.00 37.20  ? 25 GLU D CA  1 
ATOM   1408 C C   . GLU D 1 17 ? -24.481 3.270   -3.126  1.00 35.42  ? 25 GLU D C   1 
ATOM   1409 O O   . GLU D 1 17 ? -25.322 4.114   -3.426  1.00 36.37  ? 25 GLU D O   1 
ATOM   1410 C CB  . GLU D 1 17 ? -25.240 0.927   -3.580  1.00 49.90  ? 25 GLU D CB  1 
ATOM   1411 C CG  . GLU D 1 17 ? -26.712 1.238   -3.694  1.00 57.82  ? 25 GLU D CG  1 
ATOM   1412 C CD  . GLU D 1 17 ? -27.151 1.489   -5.114  1.00 60.57  ? 25 GLU D CD  1 
ATOM   1413 O OE1 . GLU D 1 17 ? -26.656 0.791   -6.023  1.00 50.67  ? 25 GLU D OE1 1 
ATOM   1414 O OE2 . GLU D 1 17 ? -28.004 2.376   -5.317  1.00 62.95  ? 25 GLU D OE2 1 
ATOM   1415 N N   . GLN D 1 18 ? -23.716 3.376   -2.043  1.00 39.46  ? 26 GLN D N   1 
ATOM   1416 C CA  . GLN D 1 18 ? -23.834 4.532   -1.147  1.00 36.72  ? 26 GLN D CA  1 
ATOM   1417 C C   . GLN D 1 18 ? -23.045 5.722   -1.682  1.00 38.00  ? 26 GLN D C   1 
ATOM   1418 O O   . GLN D 1 18 ? -23.534 6.854   -1.706  1.00 36.11  ? 26 GLN D O   1 
ATOM   1419 C CB  . GLN D 1 18 ? -23.316 4.193   0.251   1.00 25.87  ? 26 GLN D CB  1 
ATOM   1420 C CG  . GLN D 1 18 ? -24.280 3.419   1.123   1.00 25.94  ? 26 GLN D CG  1 
ATOM   1421 C CD  . GLN D 1 18 ? -23.592 2.816   2.326   1.00 24.64  ? 26 GLN D CD  1 
ATOM   1422 O OE1 . GLN D 1 18 ? -22.653 2.034   2.186   1.00 33.17  ? 26 GLN D OE1 1 
ATOM   1423 N NE2 . GLN D 1 18 ? -24.055 3.173   3.516   1.00 22.06  ? 26 GLN D NE2 1 
ATOM   1424 N N   . VAL D 1 19 ? -21.814 5.453   -2.090  1.00 33.52  ? 27 VAL D N   1 
ATOM   1425 C CA  . VAL D 1 19 ? -20.949 6.478   -2.628  1.00 33.43  ? 27 VAL D CA  1 
ATOM   1426 C C   . VAL D 1 19 ? -21.645 7.164   -3.791  1.00 36.06  ? 27 VAL D C   1 
ATOM   1427 O O   . VAL D 1 19 ? -21.782 8.389   -3.811  1.00 37.82  ? 27 VAL D O   1 
ATOM   1428 C CB  . VAL D 1 19 ? -19.620 5.860   -3.100  1.00 27.27  ? 27 VAL D CB  1 
ATOM   1429 C CG1 . VAL D 1 19 ? -18.853 6.845   -3.959  1.00 31.75  ? 27 VAL D CG1 1 
ATOM   1430 C CG2 . VAL D 1 19 ? -18.796 5.466   -1.888  1.00 25.82  ? 27 VAL D CG2 1 
ATOM   1431 N N   . SER D 1 20 ? -22.101 6.356   -4.746  1.00 45.32  ? 28 SER D N   1 
ATOM   1432 C CA  . SER D 1 20 ? -22.781 6.845   -5.939  1.00 47.20  ? 28 SER D CA  1 
ATOM   1433 C C   . SER D 1 20 ? -23.951 7.775   -5.624  1.00 47.89  ? 28 SER D C   1 
ATOM   1434 O O   . SER D 1 20 ? -24.499 8.403   -6.524  1.00 50.71  ? 28 SER D O   1 
ATOM   1435 C CB  . SER D 1 20 ? -23.315 5.674   -6.754  1.00 49.96  ? 28 SER D CB  1 
ATOM   1436 O OG  . SER D 1 20 ? -24.564 5.254   -6.228  1.00 54.21  ? 28 SER D OG  1 
ATOM   1437 N N   . ALA D 1 21 ? -24.354 7.845   -4.360  1.00 41.01  ? 29 ALA D N   1 
ATOM   1438 C CA  . ALA D 1 21 ? -25.470 8.708   -3.965  1.00 39.30  ? 29 ALA D CA  1 
ATOM   1439 C C   . ALA D 1 21 ? -24.994 9.821   -3.055  1.00 41.02  ? 29 ALA D C   1 
ATOM   1440 O O   . ALA D 1 21 ? -25.762 10.701  -2.671  1.00 39.64  ? 29 ALA D O   1 
ATOM   1441 C CB  . ALA D 1 21 ? -26.521 7.898   -3.245  1.00 26.94  ? 29 ALA D CB  1 
ATOM   1442 N N   . MET D 1 22 ? -23.712 9.777   -2.719  1.00 44.35  ? 30 MET D N   1 
ATOM   1443 C CA  . MET D 1 22 ? -23.108 10.741  -1.815  1.00 45.86  ? 30 MET D CA  1 
ATOM   1444 C C   . MET D 1 22 ? -22.937 12.151  -2.348  1.00 44.32  ? 30 MET D C   1 
ATOM   1445 O O   . MET D 1 22 ? -22.755 12.364  -3.539  1.00 41.90  ? 30 MET D O   1 
ATOM   1446 C CB  . MET D 1 22 ? -21.750 10.208  -1.371  1.00 44.66  ? 30 MET D CB  1 
ATOM   1447 C CG  . MET D 1 22 ? -21.549 10.118  0.122   1.00 43.80  ? 30 MET D CG  1 
ATOM   1448 S SD  . MET D 1 22 ? -20.270 8.908   0.476   1.00 48.72  ? 30 MET D SD  1 
ATOM   1449 C CE  . MET D 1 22 ? -21.289 7.557   1.105   1.00 43.79  ? 30 MET D CE  1 
ATOM   1450 N N   . SER D 1 23 ? -23.020 13.123  -1.452  1.00 35.63  ? 31 SER D N   1 
ATOM   1451 C CA  . SER D 1 23 ? -22.820 14.504  -1.854  1.00 37.40  ? 31 SER D CA  1 
ATOM   1452 C C   . SER D 1 23 ? -21.307 14.718  -1.872  1.00 38.10  ? 31 SER D C   1 
ATOM   1453 O O   . SER D 1 23 ? -20.560 13.962  -1.243  1.00 41.47  ? 31 SER D O   1 
ATOM   1454 C CB  . SER D 1 23 ? -23.473 15.456  -0.849  1.00 38.15  ? 31 SER D CB  1 
ATOM   1455 O OG  . SER D 1 23 ? -22.711 15.549  0.344   1.00 39.66  ? 31 SER D OG  1 
ATOM   1456 N N   . LEU D 1 24 ? -20.850 15.730  -2.596  1.00 34.94  ? 32 LEU D N   1 
ATOM   1457 C CA  . LEU D 1 24 ? -19.423 16.033  -2.654  1.00 35.50  ? 32 LEU D CA  1 
ATOM   1458 C C   . LEU D 1 24 ? -18.913 16.299  -1.225  1.00 35.52  ? 32 LEU D C   1 
ATOM   1459 O O   . LEU D 1 24 ? -17.751 16.054  -0.911  1.00 33.63  ? 32 LEU D O   1 
ATOM   1460 C CB  . LEU D 1 24 ? -19.180 17.275  -3.517  1.00 35.36  ? 32 LEU D CB  1 
ATOM   1461 C CG  . LEU D 1 24 ? -17.768 17.858  -3.407  1.00 41.89  ? 32 LEU D CG  1 
ATOM   1462 C CD1 . LEU D 1 24 ? -16.758 16.802  -3.839  1.00 41.58  ? 32 LEU D CD1 1 
ATOM   1463 C CD2 . LEU D 1 24 ? -17.646 19.109  -4.268  1.00 36.15  ? 32 LEU D CD2 1 
ATOM   1464 N N   . GLN D 1 25 ? -19.807 16.811  -0.378  1.00 47.75  ? 33 GLN D N   1 
ATOM   1465 C CA  . GLN D 1 25 ? -19.502 17.140  1.016   1.00 49.22  ? 33 GLN D CA  1 
ATOM   1466 C C   . GLN D 1 25 ? -19.214 15.898  1.857   1.00 49.11  ? 33 GLN D C   1 
ATOM   1467 O O   . GLN D 1 25 ? -18.160 15.792  2.484   1.00 50.01  ? 33 GLN D O   1 
ATOM   1468 C CB  . GLN D 1 25 ? -20.674 17.921  1.623   1.00 60.93  ? 33 GLN D CB  1 
ATOM   1469 C CG  . GLN D 1 25 ? -20.510 18.387  3.072   1.00 63.64  ? 33 GLN D CG  1 
ATOM   1470 C CD  . GLN D 1 25 ? -19.073 18.398  3.568   1.00 78.31  ? 33 GLN D CD  1 
ATOM   1471 O OE1 . GLN D 1 25 ? -18.136 18.596  2.801   1.00 79.28  ? 33 GLN D OE1 1 
ATOM   1472 N NE2 . GLN D 1 25 ? -18.899 18.201  4.870   1.00 83.23  ? 33 GLN D NE2 1 
ATOM   1473 N N   . GLU D 1 26 ? -20.147 14.956  1.863   1.00 51.59  ? 34 GLU D N   1 
ATOM   1474 C CA  . GLU D 1 26 ? -19.966 13.738  2.633   1.00 50.73  ? 34 GLU D CA  1 
ATOM   1475 C C   . GLU D 1 26 ? -18.831 12.900  2.035   1.00 47.14  ? 34 GLU D C   1 
ATOM   1476 O O   . GLU D 1 26 ? -18.000 12.359  2.766   1.00 47.76  ? 34 GLU D O   1 
ATOM   1477 C CB  . GLU D 1 26 ? -21.272 12.941  2.670   1.00 59.68  ? 34 GLU D CB  1 
ATOM   1478 C CG  . GLU D 1 26 ? -21.346 11.941  3.811   1.00 60.60  ? 34 GLU D CG  1 
ATOM   1479 C CD  . GLU D 1 26 ? -22.615 11.114  3.801   1.00 64.21  ? 34 GLU D CD  1 
ATOM   1480 O OE1 . GLU D 1 26 ? -23.152 10.848  2.706   1.00 64.80  ? 34 GLU D OE1 1 
ATOM   1481 O OE2 . GLU D 1 26 ? -23.063 10.706  4.891   1.00 77.77  ? 34 GLU D OE2 1 
ATOM   1482 N N   . ALA D 1 27 ? -18.783 12.815  0.708   1.00 33.01  ? 35 ALA D N   1 
ATOM   1483 C CA  . ALA D 1 27 ? -17.737 12.050  0.049   1.00 29.02  ? 35 ALA D CA  1 
ATOM   1484 C C   . ALA D 1 27 ? -16.356 12.507  0.513   1.00 29.30  ? 35 ALA D C   1 
ATOM   1485 O O   . ALA D 1 27 ? -15.426 11.704  0.556   1.00 28.19  ? 35 ALA D O   1 
ATOM   1486 C CB  . ALA D 1 27 ? -17.849 12.183  -1.459  1.00 25.50  ? 35 ALA D CB  1 
ATOM   1487 N N   . ARG D 1 28 ? -16.218 13.787  0.855   1.00 35.97  ? 36 ARG D N   1 
ATOM   1488 C CA  . ARG D 1 28 ? -14.934 14.301  1.331   1.00 37.41  ? 36 ARG D CA  1 
ATOM   1489 C C   . ARG D 1 28 ? -14.695 13.975  2.810   1.00 35.48  ? 36 ARG D C   1 
ATOM   1490 O O   . ARG D 1 28 ? -13.636 13.451  3.169   1.00 36.15  ? 36 ARG D O   1 
ATOM   1491 C CB  . ARG D 1 28 ? -14.856 15.810  1.134   1.00 44.06  ? 36 ARG D CB  1 
ATOM   1492 C CG  . ARG D 1 28 ? -14.512 16.244  -0.268  1.00 44.09  ? 36 ARG D CG  1 
ATOM   1493 C CD  . ARG D 1 28 ? -14.827 17.713  -0.429  1.00 42.73  ? 36 ARG D CD  1 
ATOM   1494 N NE  . ARG D 1 28 ? -14.318 18.277  -1.671  1.00 54.63  ? 36 ARG D NE  1 
ATOM   1495 C CZ  . ARG D 1 28 ? -14.646 19.483  -2.118  1.00 60.50  ? 36 ARG D CZ  1 
ATOM   1496 N NH1 . ARG D 1 28 ? -14.139 19.929  -3.256  1.00 55.58  ? 36 ARG D NH1 1 
ATOM   1497 N NH2 . ARG D 1 28 ? -15.496 20.238  -1.432  1.00 60.10  ? 36 ARG D NH2 1 
ATOM   1498 N N   . GLU D 1 29 ? -15.674 14.288  3.658   1.00 33.73  ? 37 GLU D N   1 
ATOM   1499 C CA  . GLU D 1 29 ? -15.552 14.028  5.087   1.00 35.89  ? 37 GLU D CA  1 
ATOM   1500 C C   . GLU D 1 29 ? -15.120 12.579  5.266   1.00 36.17  ? 37 GLU D C   1 
ATOM   1501 O O   . GLU D 1 29 ? -14.111 12.297  5.909   1.00 34.25  ? 37 GLU D O   1 
ATOM   1502 C CB  . GLU D 1 29 ? -16.896 14.282  5.794   1.00 32.44  ? 37 GLU D CB  1 
ATOM   1503 N N   . LEU D 1 30 ? -15.883 11.677  4.657   1.00 38.80  ? 38 LEU D N   1 
ATOM   1504 C CA  . LEU D 1 30 ? -15.636 10.246  4.709   1.00 37.20  ? 38 LEU D CA  1 
ATOM   1505 C C   . LEU D 1 30 ? -14.331 9.766   4.073   1.00 34.70  ? 38 LEU D C   1 
ATOM   1506 O O   . LEU D 1 30 ? -13.788 8.740   4.485   1.00 36.82  ? 38 LEU D O   1 
ATOM   1507 C CB  . LEU D 1 30 ? -16.817 9.514   4.080   1.00 34.52  ? 38 LEU D CB  1 
ATOM   1508 C CG  . LEU D 1 30 ? -17.803 8.789   5.003   1.00 34.98  ? 38 LEU D CG  1 
ATOM   1509 C CD1 . LEU D 1 30 ? -18.077 9.584   6.275   1.00 29.04  ? 38 LEU D CD1 1 
ATOM   1510 C CD2 . LEU D 1 30 ? -19.092 8.542   4.223   1.00 25.34  ? 38 LEU D CD2 1 
ATOM   1511 N N   . LEU D 1 31 ? -13.826 10.481  3.074   1.00 31.55  ? 39 LEU D N   1 
ATOM   1512 C CA  . LEU D 1 31 ? -12.570 10.079  2.431   1.00 32.32  ? 39 LEU D CA  1 
ATOM   1513 C C   . LEU D 1 31 ? -11.468 10.322  3.455   1.00 34.08  ? 39 LEU D C   1 
ATOM   1514 O O   . LEU D 1 31 ? -10.475 9.596   3.497   1.00 32.97  ? 39 LEU D O   1 
ATOM   1515 C CB  . LEU D 1 31 ? -12.263 10.940  1.201   1.00 24.96  ? 39 LEU D CB  1 
ATOM   1516 C CG  . LEU D 1 31 ? -11.525 10.386  -0.026  1.00 24.57  ? 39 LEU D CG  1 
ATOM   1517 C CD1 . LEU D 1 31 ? -10.833 11.566  -0.711  1.00 18.19  ? 39 LEU D CD1 1 
ATOM   1518 C CD2 . LEU D 1 31 ? -10.491 9.332   0.338   1.00 25.10  ? 39 LEU D CD2 1 
ATOM   1519 N N   . LEU D 1 32 ? -11.641 11.376  4.253   1.00 31.13  ? 40 LEU D N   1 
ATOM   1520 C CA  . LEU D 1 32 ? -10.664 11.726  5.281   1.00 35.07  ? 40 LEU D CA  1 
ATOM   1521 C C   . LEU D 1 32 ? -10.690 10.704  6.372   1.00 33.69  ? 40 LEU D C   1 
ATOM   1522 O O   . LEU D 1 32 ? -9.651  10.161  6.739   1.00 35.02  ? 40 LEU D O   1 
ATOM   1523 C CB  . LEU D 1 32 ? -10.947 13.097  5.890   1.00 30.82  ? 40 LEU D CB  1 
ATOM   1524 C CG  . LEU D 1 32 ? -10.460 14.248  5.020   1.00 36.18  ? 40 LEU D CG  1 
ATOM   1525 C CD1 . LEU D 1 32 ? -10.351 15.522  5.844   1.00 41.99  ? 40 LEU D CD1 1 
ATOM   1526 C CD2 . LEU D 1 32 ? -9.116  13.869  4.425   1.00 26.80  ? 40 LEU D CD2 1 
ATOM   1527 N N   . GLN D 1 33 ? -11.886 10.447  6.885   1.00 35.03  ? 41 GLN D N   1 
ATOM   1528 C CA  . GLN D 1 33 ? -12.032 9.469   7.935   1.00 37.03  ? 41 GLN D CA  1 
ATOM   1529 C C   . GLN D 1 33 ? -11.375 8.159   7.541   1.00 33.99  ? 41 GLN D C   1 
ATOM   1530 O O   . GLN D 1 33 ? -10.647 7.575   8.337   1.00 36.14  ? 41 GLN D O   1 
ATOM   1531 C CB  . GLN D 1 33 ? -13.501 9.226   8.255   1.00 33.52  ? 41 GLN D CB  1 
ATOM   1532 C CG  . GLN D 1 33 ? -13.680 8.090   9.233   1.00 41.41  ? 41 GLN D CG  1 
ATOM   1533 C CD  . GLN D 1 33 ? -15.089 7.971   9.737   1.00 50.20  ? 41 GLN D CD  1 
ATOM   1534 O OE1 . GLN D 1 33 ? -15.661 8.941   10.225  1.00 49.28  ? 41 GLN D OE1 1 
ATOM   1535 N NE2 . GLN D 1 33 ? -15.661 6.773   9.634   1.00 52.01  ? 41 GLN D NE2 1 
ATOM   1536 N N   . ALA D 1 34 ? -11.632 7.701   6.320   1.00 38.02  ? 42 ALA D N   1 
ATOM   1537 C CA  . ALA D 1 34 ? -11.062 6.443   5.855   1.00 37.35  ? 42 ALA D CA  1 
ATOM   1538 C C   . ALA D 1 34 ? -9.553  6.514   5.776   1.00 36.52  ? 42 ALA D C   1 
ATOM   1539 O O   . ALA D 1 34 ? -8.872  5.501   5.907   1.00 37.95  ? 42 ALA D O   1 
ATOM   1540 C CB  . ALA D 1 34 ? -11.642 6.052   4.494   1.00 11.23  ? 42 ALA D CB  1 
ATOM   1541 N N   . SER D 1 35 ? -9.032  7.709   5.555   1.00 20.91  ? 43 SER D N   1 
ATOM   1542 C CA  . SER D 1 35 ? -7.589  7.884   5.481   1.00 20.98  ? 43 SER D CA  1 
ATOM   1543 C C   . SER D 1 35 ? -6.977  7.783   6.880   1.00 19.02  ? 43 SER D C   1 
ATOM   1544 O O   . SER D 1 35 ? -5.893  7.214   7.049   1.00 15.07  ? 43 SER D O   1 
ATOM   1545 C CB  . SER D 1 35 ? -7.256  9.238   4.857   1.00 60.57  ? 43 SER D CB  1 
ATOM   1546 O OG  . SER D 1 35 ? -7.671  9.282   3.503   1.00 69.28  ? 43 SER D OG  1 
ATOM   1547 N N   . ARG D 1 36 ? -7.674  8.344   7.863   1.00 20.57  ? 44 ARG D N   1 
ATOM   1548 C CA  . ARG D 1 36 ? -7.231  8.290   9.245   1.00 25.02  ? 44 ARG D CA  1 
ATOM   1549 C C   . ARG D 1 36 ? -7.176  6.793   9.586   1.00 26.69  ? 44 ARG D C   1 
ATOM   1550 O O   . ARG D 1 36 ? -6.115  6.262   9.942   1.00 31.20  ? 44 ARG D O   1 
ATOM   1551 C CB  . ARG D 1 36 ? -8.227  9.043   10.151  1.00 25.54  ? 44 ARG D CB  1 
ATOM   1552 C CG  . ARG D 1 36 ? -7.997  8.902   11.658  1.00 27.62  ? 44 ARG D CG  1 
ATOM   1553 C CD  . ARG D 1 36 ? -8.967  9.766   12.452  1.00 29.19  ? 44 ARG D CD  1 
ATOM   1554 N NE  . ARG D 1 36 ? -8.764  11.181  12.176  1.00 36.83  ? 44 ARG D NE  1 
ATOM   1555 C CZ  . ARG D 1 36 ? -7.733  11.891  12.623  1.00 39.49  ? 44 ARG D CZ  1 
ATOM   1556 N NH1 . ARG D 1 36 ? -6.816  11.312  13.379  1.00 32.03  ? 44 ARG D NH1 1 
ATOM   1557 N NH2 . ARG D 1 36 ? -7.606  13.171  12.293  1.00 38.81  ? 44 ARG D NH2 1 
ATOM   1558 N N   . LEU D 1 37 ? -8.312  6.117   9.426   1.00 52.79  ? 45 LEU D N   1 
ATOM   1559 C CA  . LEU D 1 37 ? -8.426  4.683   9.693   1.00 52.20  ? 45 LEU D CA  1 
ATOM   1560 C C   . LEU D 1 37 ? -7.349  3.812   9.044   1.00 52.31  ? 45 LEU D C   1 
ATOM   1561 O O   . LEU D 1 37 ? -6.862  2.868   9.656   1.00 51.49  ? 45 LEU D O   1 
ATOM   1562 C CB  . LEU D 1 37 ? -9.799  4.178   9.249   1.00 55.79  ? 45 LEU D CB  1 
ATOM   1563 C CG  . LEU D 1 37 ? -10.887 4.362   10.300  1.00 61.69  ? 45 LEU D CG  1 
ATOM   1564 C CD1 . LEU D 1 37 ? -12.214 3.857   9.772   1.00 64.19  ? 45 LEU D CD1 1 
ATOM   1565 C CD2 . LEU D 1 37 ? -10.481 3.606   11.563  1.00 62.19  ? 45 LEU D CD2 1 
ATOM   1566 N N   . LEU D 1 38 ? -7.005  4.095   7.795   1.00 33.08  ? 46 LEU D N   1 
ATOM   1567 C CA  . LEU D 1 38 ? -5.984  3.308   7.124   1.00 33.88  ? 46 LEU D CA  1 
ATOM   1568 C C   . LEU D 1 38 ? -4.669  3.458   7.858   1.00 34.65  ? 46 LEU D C   1 
ATOM   1569 O O   . LEU D 1 38 ? -3.867  2.532   7.924   1.00 36.38  ? 46 LEU D O   1 
ATOM   1570 C CB  . LEU D 1 38 ? -5.807  3.768   5.683   1.00 32.79  ? 46 LEU D CB  1 
ATOM   1571 C CG  . LEU D 1 38 ? -7.020  3.547   4.785   1.00 31.34  ? 46 LEU D CG  1 
ATOM   1572 C CD1 . LEU D 1 38 ? -6.743  4.183   3.430   1.00 25.42  ? 46 LEU D CD1 1 
ATOM   1573 C CD2 . LEU D 1 38 ? -7.305  2.043   4.640   1.00 31.78  ? 46 LEU D CD2 1 
ATOM   1574 N N   . MET D 1 39 ? -4.438  4.637   8.413   1.00 28.61  ? 47 MET D N   1 
ATOM   1575 C CA  . MET D 1 39 ? -3.194  4.840   9.117   1.00 27.90  ? 47 MET D CA  1 
ATOM   1576 C C   . MET D 1 39 ? -3.255  4.150   10.469  1.00 27.73  ? 47 MET D C   1 
ATOM   1577 O O   . MET D 1 39 ? -2.284  3.535   10.891  1.00 27.36  ? 47 MET D O   1 
ATOM   1578 C CB  . MET D 1 39 ? -2.875  6.334   9.215   1.00 29.64  ? 47 MET D CB  1 
ATOM   1579 C CG  . MET D 1 39 ? -2.398  6.865   7.868   1.00 34.20  ? 47 MET D CG  1 
ATOM   1580 S SD  . MET D 1 39 ? -1.715  8.531   7.834   1.00 33.67  ? 47 MET D SD  1 
ATOM   1581 C CE  . MET D 1 39 ? -3.115  9.464   8.410   1.00 15.93  ? 47 MET D CE  1 
ATOM   1582 N N   . MET D 1 40 ? -4.402  4.216   11.127  1.00 24.67  ? 48 MET D N   1 
ATOM   1583 C CA  . MET D 1 40 ? -4.548  3.537   12.397  1.00 23.15  ? 48 MET D CA  1 
ATOM   1584 C C   . MET D 1 40 ? -4.297  2.030   12.161  1.00 26.21  ? 48 MET D C   1 
ATOM   1585 O O   . MET D 1 40 ? -3.531  1.399   12.895  1.00 28.84  ? 48 MET D O   1 
ATOM   1586 C CB  . MET D 1 40 ? -5.951  3.792   12.962  1.00 24.35  ? 48 MET D CB  1 
ATOM   1587 C CG  . MET D 1 40 ? -6.163  5.244   13.378  1.00 13.49  ? 48 MET D CG  1 
ATOM   1588 S SD  . MET D 1 40 ? -7.867  5.666   13.786  1.00 29.63  ? 48 MET D SD  1 
ATOM   1589 C CE  . MET D 1 40 ? -8.222  4.454   15.026  1.00 25.10  ? 48 MET D CE  1 
ATOM   1590 N N   . LYS D 1 41 ? -4.918  1.456   11.127  1.00 26.23  ? 49 LYS D N   1 
ATOM   1591 C CA  . LYS D 1 41 ? -4.730  0.034   10.822  1.00 24.96  ? 49 LYS D CA  1 
ATOM   1592 C C   . LYS D 1 41 ? -3.307  -0.271  10.443  1.00 25.92  ? 49 LYS D C   1 
ATOM   1593 O O   . LYS D 1 41 ? -2.825  -1.363  10.708  1.00 27.77  ? 49 LYS D O   1 
ATOM   1594 C CB  . LYS D 1 41 ? -5.658  -0.428  9.699   1.00 29.77  ? 49 LYS D CB  1 
ATOM   1595 C CG  . LYS D 1 41 ? -7.074  -0.563  10.165  1.00 30.12  ? 49 LYS D CG  1 
ATOM   1596 C CD  . LYS D 1 41 ? -8.012  -0.970  9.071   1.00 27.63  ? 49 LYS D CD  1 
ATOM   1597 C CE  . LYS D 1 41 ? -9.425  -0.789  9.561   1.00 30.86  ? 49 LYS D CE  1 
ATOM   1598 N NZ  . LYS D 1 41 ? -10.391 -1.466  8.680   1.00 36.68  ? 49 LYS D NZ  1 
ATOM   1599 N N   . ASP D 1 42 ? -2.636  0.678   9.805   1.00 39.26  ? 50 ASP D N   1 
ATOM   1600 C CA  . ASP D 1 42 ? -1.248  0.453   9.447   1.00 40.17  ? 50 ASP D CA  1 
ATOM   1601 C C   . ASP D 1 42 ? -0.431  0.403   10.737  1.00 38.17  ? 50 ASP D C   1 
ATOM   1602 O O   . ASP D 1 42 ? 0.546   -0.338  10.828  1.00 37.89  ? 50 ASP D O   1 
ATOM   1603 C CB  . ASP D 1 42 ? -0.720  1.565   8.536   1.00 30.44  ? 50 ASP D CB  1 
ATOM   1604 C CG  . ASP D 1 42 ? -0.938  1.259   7.077   1.00 38.60  ? 50 ASP D CG  1 
ATOM   1605 O OD1 . ASP D 1 42 ? -1.048  0.062   6.747   1.00 44.84  ? 50 ASP D OD1 1 
ATOM   1606 O OD2 . ASP D 1 42 ? -0.984  2.202   6.259   1.00 47.48  ? 50 ASP D OD2 1 
ATOM   1607 N N   . ASN D 1 43 ? -0.833  1.191   11.733  1.00 37.24  ? 51 ASN D N   1 
ATOM   1608 C CA  . ASN D 1 43 ? -0.123  1.195   13.003  1.00 37.48  ? 51 ASN D CA  1 
ATOM   1609 C C   . ASN D 1 43 ? -0.324  -0.164  13.674  1.00 39.88  ? 51 ASN D C   1 
ATOM   1610 O O   . ASN D 1 43 ? 0.603   -0.723  14.257  1.00 41.75  ? 51 ASN D O   1 
ATOM   1611 C CB  . ASN D 1 43 ? -0.642  2.307   13.921  1.00 19.51  ? 51 ASN D CB  1 
ATOM   1612 C CG  . ASN D 1 43 ? -0.274  3.679   13.446  1.00 22.09  ? 51 ASN D CG  1 
ATOM   1613 O OD1 . ASN D 1 43 ? 0.679   3.858   12.672  1.00 14.79  ? 51 ASN D OD1 1 
ATOM   1614 N ND2 . ASN D 1 43 ? -1.014  4.675   13.917  1.00 16.90  ? 51 ASN D ND2 1 
ATOM   1615 N N   . VAL D 1 44 ? -1.547  -0.685  13.611  1.00 34.13  ? 52 VAL D N   1 
ATOM   1616 C CA  . VAL D 1 44 ? -1.828  -1.974  14.211  1.00 33.52  ? 52 VAL D CA  1 
ATOM   1617 C C   . VAL D 1 44 ? -0.997  -3.053  13.542  1.00 34.32  ? 52 VAL D C   1 
ATOM   1618 O O   . VAL D 1 44 ? -0.457  -3.927  14.212  1.00 38.23  ? 52 VAL D O   1 
ATOM   1619 C CB  . VAL D 1 44 ? -3.308  -2.356  14.079  1.00 22.03  ? 52 VAL D CB  1 
ATOM   1620 C CG1 . VAL D 1 44 ? -3.539  -3.810  14.581  1.00 15.17  ? 52 VAL D CG1 1 
ATOM   1621 C CG2 . VAL D 1 44 ? -4.151  -1.386  14.853  1.00 21.94  ? 52 VAL D CG2 1 
ATOM   1622 N N   . ILE D 1 45 ? -0.905  -2.990  12.221  1.00 35.22  ? 53 ILE D N   1 
ATOM   1623 C CA  . ILE D 1 45 ? -0.155  -3.984  11.467  1.00 33.35  ? 53 ILE D CA  1 
ATOM   1624 C C   . ILE D 1 45 ? 1.317   -3.953  11.808  1.00 37.79  ? 53 ILE D C   1 
ATOM   1625 O O   . ILE D 1 45 ? 1.972   -4.997  11.880  1.00 41.17  ? 53 ILE D O   1 
ATOM   1626 C CB  . ILE D 1 45 ? -0.330  -3.776  9.941   1.00 15.13  ? 53 ILE D CB  1 
ATOM   1627 C CG1 . ILE D 1 45 ? -1.720  -4.252  9.525   1.00 16.28  ? 53 ILE D CG1 1 
ATOM   1628 C CG2 . ILE D 1 45 ? 0.724   -4.545  9.168   1.00 2.24   ? 53 ILE D CG2 1 
ATOM   1629 C CD1 . ILE D 1 45 ? -1.976  -5.786  9.570   1.00 41.87  ? 53 ILE D CD1 1 
ATOM   1630 N N   . ARG D 1 46 ? 1.823   -2.740  11.996  1.00 27.87  ? 54 ARG D N   1 
ATOM   1631 C CA  . ARG D 1 46 ? 3.219   -2.484  12.324  1.00 32.62  ? 54 ARG D CA  1 
ATOM   1632 C C   . ARG D 1 46 ? 3.514   -3.076  13.708  1.00 32.57  ? 54 ARG D C   1 
ATOM   1633 O O   . ARG D 1 46 ? 4.576   -3.660  13.926  1.00 34.37  ? 54 ARG D O   1 
ATOM   1634 C CB  . ARG D 1 46 ? 3.456   -0.964  12.272  1.00 39.10  ? 54 ARG D CB  1 
ATOM   1635 C CG  . ARG D 1 46 ? 4.876   -0.470  12.483  1.00 45.30  ? 54 ARG D CG  1 
ATOM   1636 C CD  . ARG D 1 46 ? 4.994   1.024   12.131  1.00 49.07  ? 54 ARG D CD  1 
ATOM   1637 N NE  . ARG D 1 46 ? 4.638   1.281   10.734  1.00 59.67  ? 54 ARG D NE  1 
ATOM   1638 C CZ  . ARG D 1 46 ? 3.558   1.952   10.333  1.00 62.27  ? 54 ARG D CZ  1 
ATOM   1639 N NH1 . ARG D 1 46 ? 3.326   2.126   9.035   1.00 60.64  ? 54 ARG D NH1 1 
ATOM   1640 N NH2 . ARG D 1 46 ? 2.712   2.467   11.218  1.00 62.11  ? 54 ARG D NH2 1 
ATOM   1641 N N   . SER D 1 47 ? 2.562   -2.930  14.627  1.00 36.16  ? 55 SER D N   1 
ATOM   1642 C CA  . SER D 1 47 ? 2.689   -3.488  15.969  1.00 36.42  ? 55 SER D CA  1 
ATOM   1643 C C   . SER D 1 47 ? 2.895   -4.992  15.858  1.00 35.98  ? 55 SER D C   1 
ATOM   1644 O O   . SER D 1 47 ? 3.962   -5.522  16.184  1.00 39.38  ? 55 SER D O   1 
ATOM   1645 C CB  . SER D 1 47 ? 1.416   -3.252  16.779  1.00 34.15  ? 55 SER D CB  1 
ATOM   1646 O OG  . SER D 1 47 ? 1.424   -2.004  17.436  1.00 36.40  ? 55 SER D OG  1 
ATOM   1647 N N   . LEU D 1 48 ? 1.845   -5.669  15.411  1.00 41.45  ? 56 LEU D N   1 
ATOM   1648 C CA  . LEU D 1 48 ? 1.864   -7.109  15.246  1.00 40.31  ? 56 LEU D CA  1 
ATOM   1649 C C   . LEU D 1 48 ? 3.070   -7.603  14.477  1.00 40.40  ? 56 LEU D C   1 
ATOM   1650 O O   . LEU D 1 48 ? 3.517   -8.732  14.682  1.00 43.59  ? 56 LEU D O   1 
ATOM   1651 C CB  . LEU D 1 48 ? 0.587   -7.578  14.556  1.00 28.35  ? 56 LEU D CB  1 
ATOM   1652 C CG  . LEU D 1 48 ? -0.685  -7.689  15.406  1.00 28.92  ? 56 LEU D CG  1 
ATOM   1653 C CD1 . LEU D 1 48 ? -0.627  -6.819  16.648  1.00 37.45  ? 56 LEU D CD1 1 
ATOM   1654 C CD2 . LEU D 1 48 ? -1.867  -7.317  14.533  1.00 31.76  ? 56 LEU D CD2 1 
ATOM   1655 N N   . VAL D 1 49 ? 3.612   -6.786  13.589  1.00 27.94  ? 57 VAL D N   1 
ATOM   1656 C CA  . VAL D 1 49 ? 4.786   -7.255  12.877  1.00 27.79  ? 57 VAL D CA  1 
ATOM   1657 C C   . VAL D 1 49 ? 5.985   -7.098  13.803  1.00 31.69  ? 57 VAL D C   1 
ATOM   1658 O O   . VAL D 1 49 ? 6.933   -7.888  13.737  1.00 32.75  ? 57 VAL D O   1 
ATOM   1659 C CB  . VAL D 1 49 ? 5.025   -6.490  11.542  1.00 20.74  ? 57 VAL D CB  1 
ATOM   1660 C CG1 . VAL D 1 49 ? 6.456   -6.710  11.040  1.00 14.49  ? 57 VAL D CG1 1 
ATOM   1661 C CG2 . VAL D 1 49 ? 4.050   -7.002  10.480  1.00 12.14  ? 57 VAL D CG2 1 
ATOM   1662 N N   . LYS D 1 50 ? 5.938   -6.104  14.690  1.00 38.74  ? 58 LYS D N   1 
ATOM   1663 C CA  . LYS D 1 50 ? 7.064   -5.898  15.590  1.00 42.38  ? 58 LYS D CA  1 
ATOM   1664 C C   . LYS D 1 50 ? 7.279   -7.063  16.561  1.00 41.70  ? 58 LYS D C   1 
ATOM   1665 O O   . LYS D 1 50 ? 8.409   -7.289  16.983  1.00 46.24  ? 58 LYS D O   1 
ATOM   1666 C CB  . LYS D 1 50 ? 6.959   -4.567  16.340  1.00 48.96  ? 58 LYS D CB  1 
ATOM   1667 C CG  . LYS D 1 50 ? 8.275   -4.155  16.998  1.00 55.27  ? 58 LYS D CG  1 
ATOM   1668 C CD  . LYS D 1 50 ? 8.463   -2.641  17.005  1.00 57.16  ? 58 LYS D CD  1 
ATOM   1669 C CE  . LYS D 1 50 ? 9.370   -2.169  18.138  1.00 59.43  ? 58 LYS D CE  1 
ATOM   1670 N NZ  . LYS D 1 50 ? 8.571   -1.514  19.213  1.00 64.52  ? 58 LYS D NZ  1 
ATOM   1671 N N   . ARG D 1 51 ? 6.229   -7.794  16.950  1.00 29.42  ? 59 ARG D N   1 
ATOM   1672 C CA  . ARG D 1 51 ? 6.481   -8.980  17.774  1.00 29.20  ? 59 ARG D CA  1 
ATOM   1673 C C   . ARG D 1 51 ? 7.134   -9.892  16.736  1.00 28.77  ? 59 ARG D C   1 
ATOM   1674 O O   . ARG D 1 51 ? 6.582   -10.935 16.373  1.00 26.62  ? 59 ARG D O   1 
ATOM   1675 C CB  . ARG D 1 51 ? 5.207   -9.629  18.271  1.00 6.35   ? 59 ARG D CB  1 
ATOM   1676 N N   . ALA D 1 52 ? 8.274   -9.406  16.232  1.00 45.04  ? 60 ALA D N   1 
ATOM   1677 C CA  . ALA D 1 52 ? 9.160   -10.041 15.260  1.00 44.11  ? 60 ALA D CA  1 
ATOM   1678 C C   . ALA D 1 52 ? 10.395  -10.131 16.144  1.00 48.31  ? 60 ALA D C   1 
ATOM   1679 O O   . ALA D 1 52 ? 11.520  -10.408 15.711  1.00 46.73  ? 60 ALA D O   1 
ATOM   1680 C CB  . ALA D 1 52 ? 9.419   -9.131  14.080  1.00 34.48  ? 60 ALA D CB  1 
ATOM   1681 N N   . ALA D 1 53 ? 10.136  -9.839  17.413  1.00 46.28  ? 61 ALA D N   1 
ATOM   1682 C CA  . ALA D 1 53 ? 11.133  -9.860  18.456  1.00 49.56  ? 61 ALA D CA  1 
ATOM   1683 C C   . ALA D 1 53 ? 11.344  -11.322 18.850  1.00 49.83  ? 61 ALA D C   1 
ATOM   1684 O O   . ALA D 1 53 ? 10.952  -11.748 19.939  1.00 49.48  ? 61 ALA D O   1 
ATOM   1685 C CB  . ALA D 1 53 ? 10.640  -9.029  19.649  1.00 43.68  ? 61 ALA D CB  1 
ATOM   1686 N N   . ARG D 1 54 ? 11.923  -12.066 17.907  1.00 62.32  ? 62 ARG D N   1 
ATOM   1687 C CA  . ARG D 1 54 ? 12.266  -13.487 18.008  1.00 61.30  ? 62 ARG D CA  1 
ATOM   1688 C C   . ARG D 1 54 ? 12.828  -13.859 16.638  1.00 61.70  ? 62 ARG D C   1 
ATOM   1689 O O   . ARG D 1 54 ? 14.063  -13.860 16.473  1.00 49.11  ? 62 ARG D O   1 
ATOM   1690 C CB  . ARG D 1 54 ? 11.039  -14.370 18.239  1.00 43.81  ? 62 ARG D CB  1 
ATOM   1691 C CG  . ARG D 1 54 ? 10.238  -14.112 19.481  1.00 49.49  ? 62 ARG D CG  1 
ATOM   1692 C CD  . ARG D 1 54 ? 8.818   -13.695 19.131  1.00 46.04  ? 62 ARG D CD  1 
ATOM   1693 N NE  . ARG D 1 54 ? 7.849   -14.754 19.396  1.00 60.19  ? 62 ARG D NE  1 
ATOM   1694 C CZ  . ARG D 1 54 ? 7.626   -15.799 18.604  1.00 68.40  ? 62 ARG D CZ  1 
ATOM   1695 N NH1 . ARG D 1 54 ? 6.722   -16.706 18.951  1.00 68.92  ? 62 ARG D NH1 1 
ATOM   1696 N NH2 . ARG D 1 54 ? 8.282   -15.935 17.459  1.00 69.76  ? 62 ARG D NH2 1 
ATOM   1697 O OXT . ARG D 1 54 ? 12.006  -14.118 15.727  1.00 43.03  ? 62 ARG D OXT 1 
HETATM 1698 O O   . HOH E 2 .  ? 9.986   -1.605  -11.746 1.00 31.14  ? 63 HOH A O   1 
HETATM 1699 O O   . HOH E 2 .  ? 5.577   12.204  -9.590  1.00 36.73  ? 64 HOH A O   1 
HETATM 1700 O O   . HOH E 2 .  ? 2.101   -18.947 -1.552  1.00 54.69  ? 65 HOH A O   1 
HETATM 1701 O O   . HOH E 2 .  ? 5.262   19.064  -4.786  1.00 54.24  ? 66 HOH A O   1 
HETATM 1702 O O   . HOH E 2 .  ? 10.348  -17.191 9.625   1.00 38.13  ? 67 HOH A O   1 
HETATM 1703 O O   . HOH F 2 .  ? 7.233   19.304  7.213   1.00 30.29  ? 63 HOH B O   1 
HETATM 1704 O O   . HOH F 2 .  ? 12.564  15.604  6.444   1.00 24.96  ? 64 HOH B O   1 
HETATM 1705 O O   . HOH F 2 .  ? 12.132  -1.226  -18.048 1.00 55.84  ? 65 HOH B O   1 
HETATM 1706 O O   . HOH F 2 .  ? 13.266  -13.082 -18.950 1.00 36.89  ? 66 HOH B O   1 
HETATM 1707 O O   . HOH F 2 .  ? 12.739  0.614   -9.047  1.00 31.31  ? 67 HOH B O   1 
HETATM 1708 O O   . HOH F 2 .  ? 10.925  5.038   -16.455 1.00 34.74  ? 68 HOH B O   1 
HETATM 1709 O O   . HOH G 2 .  ? -14.339 -0.298  3.787   1.00 33.39  ? 63 HOH C O   1 
HETATM 1710 O O   . HOH G 2 .  ? 5.419   10.992  16.889  1.00 47.57  ? 64 HOH C O   1 
HETATM 1711 O O   . HOH H 2 .  ? 3.994   -7.688  18.998  1.00 30.88  ? 63 HOH D O   1 
HETATM 1712 O O   . HOH H 2 .  ? 8.305   -12.049 15.341  1.00 13.21  ? 64 HOH D O   1 
HETATM 1713 O O   . HOH H 2 .  ? -19.127 -17.706 3.290   1.00 42.58  ? 65 HOH D O   1 
HETATM 1714 O O   . HOH H 2 .  ? 5.826   -11.418 14.453  1.00 21.60  ? 66 HOH D O   1 
HETATM 1715 O O   . HOH H 2 .  ? -13.494 -0.243  8.579   1.00 31.32  ? 67 HOH D O   1 
# 
loop_
_pdbx_poly_seq_scheme.asym_id 
_pdbx_poly_seq_scheme.entity_id 
_pdbx_poly_seq_scheme.seq_id 
_pdbx_poly_seq_scheme.mon_id 
_pdbx_poly_seq_scheme.ndb_seq_num 
_pdbx_poly_seq_scheme.pdb_seq_num 
_pdbx_poly_seq_scheme.auth_seq_num 
_pdbx_poly_seq_scheme.pdb_mon_id 
_pdbx_poly_seq_scheme.auth_mon_id 
_pdbx_poly_seq_scheme.pdb_strand_id 
_pdbx_poly_seq_scheme.pdb_ins_code 
_pdbx_poly_seq_scheme.hetero 
A 1 1  LEU 1  9  ?  ?   ?   A . n 
A 1 2  VAL 2  10 10 VAL VAL A . n 
A 1 3  ASP 3  11 11 ASP ASP A . n 
A 1 4  LEU 4  12 12 LEU LEU A . n 
A 1 5  SER 5  13 13 SER SER A . n 
A 1 6  PHE 6  14 14 PHE PHE A . n 
A 1 7  GLU 7  15 15 GLU GLU A . n 
A 1 8  GLN 8  16 16 GLN GLN A . n 
A 1 9  GLU 9  17 17 GLU GLU A . n 
A 1 10 PHE 10 18 18 PHE PHE A . n 
A 1 11 GLN 11 19 19 GLN GLN A . n 
A 1 12 MET 12 20 20 MET MET A . n 
A 1 13 ARG 13 21 21 ARG ARG A . n 
A 1 14 VAL 14 22 22 VAL VAL A . n 
A 1 15 MET 15 23 23 MET MET A . n 
A 1 16 GLU 16 24 24 GLU GLU A . n 
A 1 17 GLU 17 25 25 GLU GLU A . n 
A 1 18 GLN 18 26 26 GLN GLN A . n 
A 1 19 VAL 19 27 27 VAL VAL A . n 
A 1 20 SER 20 28 28 SER SER A . n 
A 1 21 ALA 21 29 29 ALA ALA A . n 
A 1 22 MET 22 30 30 MET MET A . n 
A 1 23 SER 23 31 31 SER SER A . n 
A 1 24 LEU 24 32 32 LEU LEU A . n 
A 1 25 GLN 25 33 33 GLN GLN A . n 
A 1 26 GLU 26 34 34 GLU GLU A . n 
A 1 27 ALA 27 35 35 ALA ALA A . n 
A 1 28 ARG 28 36 36 ARG ARG A . n 
A 1 29 GLU 29 37 37 GLU GLU A . n 
A 1 30 LEU 30 38 38 LEU LEU A . n 
A 1 31 LEU 31 39 39 LEU LEU A . n 
A 1 32 LEU 32 40 40 LEU LEU A . n 
A 1 33 GLN 33 41 41 GLN GLN A . n 
A 1 34 ALA 34 42 42 ALA ALA A . n 
A 1 35 SER 35 43 43 SER SER A . n 
A 1 36 ARG 36 44 44 ARG ARG A . n 
A 1 37 LEU 37 45 45 LEU LEU A . n 
A 1 38 LEU 38 46 46 LEU LEU A . n 
A 1 39 MET 39 47 47 MET MET A . n 
A 1 40 MET 40 48 48 MET MET A . n 
A 1 41 LYS 41 49 49 LYS LYS A . n 
A 1 42 ASP 42 50 50 ASP ASP A . n 
A 1 43 ASN 43 51 51 ASN ASN A . n 
A 1 44 VAL 44 52 52 VAL VAL A . n 
A 1 45 ILE 45 53 53 ILE ILE A . n 
A 1 46 ARG 46 54 54 ARG ARG A . n 
A 1 47 SER 47 55 55 SER SER A . n 
A 1 48 LEU 48 56 56 LEU LEU A . n 
A 1 49 VAL 49 57 57 VAL VAL A . n 
A 1 50 LYS 50 58 58 LYS LYS A . n 
A 1 51 ARG 51 59 59 ARG ARG A . n 
A 1 52 ALA 52 60 60 ALA ALA A . n 
A 1 53 ALA 53 61 61 ALA ALA A . n 
A 1 54 ARG 54 62 62 ARG ARG A . n 
B 1 1  LEU 1  9  ?  ?   ?   B . n 
B 1 2  VAL 2  10 ?  ?   ?   B . n 
B 1 3  ASP 3  11 11 ASP ASP B . n 
B 1 4  LEU 4  12 12 LEU LEU B . n 
B 1 5  SER 5  13 13 SER SER B . n 
B 1 6  PHE 6  14 14 PHE PHE B . n 
B 1 7  GLU 7  15 15 GLU GLU B . n 
B 1 8  GLN 8  16 16 GLN GLN B . n 
B 1 9  GLU 9  17 17 GLU GLU B . n 
B 1 10 PHE 10 18 18 PHE PHE B . n 
B 1 11 GLN 11 19 19 GLN GLN B . n 
B 1 12 MET 12 20 20 MET MET B . n 
B 1 13 ARG 13 21 21 ARG ARG B . n 
B 1 14 VAL 14 22 22 VAL VAL B . n 
B 1 15 MET 15 23 23 MET MET B . n 
B 1 16 GLU 16 24 24 GLU GLU B . n 
B 1 17 GLU 17 25 25 GLU GLU B . n 
B 1 18 GLN 18 26 26 GLN GLN B . n 
B 1 19 VAL 19 27 27 VAL VAL B . n 
B 1 20 SER 20 28 28 SER SER B . n 
B 1 21 ALA 21 29 29 ALA ALA B . n 
B 1 22 MET 22 30 30 MET MET B . n 
B 1 23 SER 23 31 31 SER SER B . n 
B 1 24 LEU 24 32 32 LEU LEU B . n 
B 1 25 GLN 25 33 33 GLN GLN B . n 
B 1 26 GLU 26 34 34 GLU GLU B . n 
B 1 27 ALA 27 35 35 ALA ALA B . n 
B 1 28 ARG 28 36 36 ARG ARG B . n 
B 1 29 GLU 29 37 37 GLU GLU B . n 
B 1 30 LEU 30 38 38 LEU LEU B . n 
B 1 31 LEU 31 39 39 LEU LEU B . n 
B 1 32 LEU 32 40 40 LEU LEU B . n 
B 1 33 GLN 33 41 41 GLN GLN B . n 
B 1 34 ALA 34 42 42 ALA ALA B . n 
B 1 35 SER 35 43 43 SER SER B . n 
B 1 36 ARG 36 44 44 ARG ARG B . n 
B 1 37 LEU 37 45 45 LEU LEU B . n 
B 1 38 LEU 38 46 46 LEU LEU B . n 
B 1 39 MET 39 47 47 MET MET B . n 
B 1 40 MET 40 48 48 MET MET B . n 
B 1 41 LYS 41 49 49 LYS LYS B . n 
B 1 42 ASP 42 50 50 ASP ASP B . n 
B 1 43 ASN 43 51 51 ASN ASN B . n 
B 1 44 VAL 44 52 52 VAL VAL B . n 
B 1 45 ILE 45 53 53 ILE ILE B . n 
B 1 46 ARG 46 54 54 ARG ARG B . n 
B 1 47 SER 47 55 55 SER SER B . n 
B 1 48 LEU 48 56 56 LEU LEU B . n 
B 1 49 VAL 49 57 57 VAL VAL B . n 
B 1 50 LYS 50 58 58 LYS LYS B . n 
B 1 51 ARG 51 59 59 ARG ARG B . n 
B 1 52 ALA 52 60 60 ALA ALA B . n 
B 1 53 ALA 53 61 61 ALA ALA B . n 
B 1 54 ARG 54 62 62 ARG ARG B . n 
C 1 1  LEU 1  9  9  LEU LEU C . n 
C 1 2  VAL 2  10 10 VAL VAL C . n 
C 1 3  ASP 3  11 11 ASP ASP C . n 
C 1 4  LEU 4  12 12 LEU LEU C . n 
C 1 5  SER 5  13 13 SER SER C . n 
C 1 6  PHE 6  14 14 PHE PHE C . n 
C 1 7  GLU 7  15 15 GLU GLU C . n 
C 1 8  GLN 8  16 16 GLN GLN C . n 
C 1 9  GLU 9  17 17 GLU GLU C . n 
C 1 10 PHE 10 18 18 PHE PHE C . n 
C 1 11 GLN 11 19 19 GLN GLN C . n 
C 1 12 MET 12 20 20 MET MET C . n 
C 1 13 ARG 13 21 21 ARG ARG C . n 
C 1 14 VAL 14 22 22 VAL VAL C . n 
C 1 15 MET 15 23 23 MET MET C . n 
C 1 16 GLU 16 24 24 GLU GLU C . n 
C 1 17 GLU 17 25 25 GLU GLU C . n 
C 1 18 GLN 18 26 26 GLN GLN C . n 
C 1 19 VAL 19 27 27 VAL VAL C . n 
C 1 20 SER 20 28 28 SER SER C . n 
C 1 21 ALA 21 29 29 ALA ALA C . n 
C 1 22 MET 22 30 30 MET MET C . n 
C 1 23 SER 23 31 31 SER SER C . n 
C 1 24 LEU 24 32 32 LEU LEU C . n 
C 1 25 GLN 25 33 33 GLN GLN C . n 
C 1 26 GLU 26 34 34 GLU GLU C . n 
C 1 27 ALA 27 35 35 ALA ALA C . n 
C 1 28 ARG 28 36 36 ARG ARG C . n 
C 1 29 GLU 29 37 37 GLU GLU C . n 
C 1 30 LEU 30 38 38 LEU LEU C . n 
C 1 31 LEU 31 39 39 LEU LEU C . n 
C 1 32 LEU 32 40 40 LEU LEU C . n 
C 1 33 GLN 33 41 41 GLN GLN C . n 
C 1 34 ALA 34 42 42 ALA ALA C . n 
C 1 35 SER 35 43 43 SER SER C . n 
C 1 36 ARG 36 44 44 ARG ARG C . n 
C 1 37 LEU 37 45 45 LEU LEU C . n 
C 1 38 LEU 38 46 46 LEU LEU C . n 
C 1 39 MET 39 47 47 MET MET C . n 
C 1 40 MET 40 48 48 MET MET C . n 
C 1 41 LYS 41 49 49 LYS LYS C . n 
C 1 42 ASP 42 50 50 ASP ASP C . n 
C 1 43 ASN 43 51 51 ASN ASN C . n 
C 1 44 VAL 44 52 52 VAL VAL C . n 
C 1 45 ILE 45 53 53 ILE ILE C . n 
C 1 46 ARG 46 54 54 ARG ARG C . n 
C 1 47 SER 47 55 55 SER SER C . n 
C 1 48 LEU 48 56 56 LEU LEU C . n 
C 1 49 VAL 49 57 57 VAL VAL C . n 
C 1 50 LYS 50 58 58 LYS LYS C . n 
C 1 51 ARG 51 59 59 ARG ARG C . n 
C 1 52 ALA 52 60 60 ALA ALA C . n 
C 1 53 ALA 53 61 61 ALA ALA C . n 
C 1 54 ARG 54 62 62 ARG ARG C . n 
D 1 1  LEU 1  9  ?  ?   ?   D . n 
D 1 2  VAL 2  10 ?  ?   ?   D . n 
D 1 3  ASP 3  11 11 ASP ASP D . n 
D 1 4  LEU 4  12 12 LEU LEU D . n 
D 1 5  SER 5  13 13 SER SER D . n 
D 1 6  PHE 6  14 14 PHE PHE D . n 
D 1 7  GLU 7  15 15 GLU GLU D . n 
D 1 8  GLN 8  16 16 GLN GLN D . n 
D 1 9  GLU 9  17 17 GLU GLU D . n 
D 1 10 PHE 10 18 18 PHE PHE D . n 
D 1 11 GLN 11 19 19 GLN GLN D . n 
D 1 12 MET 12 20 20 MET MET D . n 
D 1 13 ARG 13 21 21 ARG ARG D . n 
D 1 14 VAL 14 22 22 VAL VAL D . n 
D 1 15 MET 15 23 23 MET MET D . n 
D 1 16 GLU 16 24 24 GLU GLU D . n 
D 1 17 GLU 17 25 25 GLU GLU D . n 
D 1 18 GLN 18 26 26 GLN GLN D . n 
D 1 19 VAL 19 27 27 VAL VAL D . n 
D 1 20 SER 20 28 28 SER SER D . n 
D 1 21 ALA 21 29 29 ALA ALA D . n 
D 1 22 MET 22 30 30 MET MET D . n 
D 1 23 SER 23 31 31 SER SER D . n 
D 1 24 LEU 24 32 32 LEU LEU D . n 
D 1 25 GLN 25 33 33 GLN GLN D . n 
D 1 26 GLU 26 34 34 GLU GLU D . n 
D 1 27 ALA 27 35 35 ALA ALA D . n 
D 1 28 ARG 28 36 36 ARG ARG D . n 
D 1 29 GLU 29 37 37 GLU GLU D . n 
D 1 30 LEU 30 38 38 LEU LEU D . n 
D 1 31 LEU 31 39 39 LEU LEU D . n 
D 1 32 LEU 32 40 40 LEU LEU D . n 
D 1 33 GLN 33 41 41 GLN GLN D . n 
D 1 34 ALA 34 42 42 ALA ALA D . n 
D 1 35 SER 35 43 43 SER SER D . n 
D 1 36 ARG 36 44 44 ARG ARG D . n 
D 1 37 LEU 37 45 45 LEU LEU D . n 
D 1 38 LEU 38 46 46 LEU LEU D . n 
D 1 39 MET 39 47 47 MET MET D . n 
D 1 40 MET 40 48 48 MET MET D . n 
D 1 41 LYS 41 49 49 LYS LYS D . n 
D 1 42 ASP 42 50 50 ASP ASP D . n 
D 1 43 ASN 43 51 51 ASN ASN D . n 
D 1 44 VAL 44 52 52 VAL VAL D . n 
D 1 45 ILE 45 53 53 ILE ILE D . n 
D 1 46 ARG 46 54 54 ARG ARG D . n 
D 1 47 SER 47 55 55 SER SER D . n 
D 1 48 LEU 48 56 56 LEU LEU D . n 
D 1 49 VAL 49 57 57 VAL VAL D . n 
D 1 50 LYS 50 58 58 LYS LYS D . n 
D 1 51 ARG 51 59 59 ARG ARG D . n 
D 1 52 ALA 52 60 60 ALA ALA D . n 
D 1 53 ALA 53 61 61 ALA ALA D . n 
D 1 54 ARG 54 62 62 ARG ARG D . n 
# 
loop_
_pdbx_nonpoly_scheme.asym_id 
_pdbx_nonpoly_scheme.entity_id 
_pdbx_nonpoly_scheme.mon_id 
_pdbx_nonpoly_scheme.ndb_seq_num 
_pdbx_nonpoly_scheme.pdb_seq_num 
_pdbx_nonpoly_scheme.auth_seq_num 
_pdbx_nonpoly_scheme.pdb_mon_id 
_pdbx_nonpoly_scheme.auth_mon_id 
_pdbx_nonpoly_scheme.pdb_strand_id 
_pdbx_nonpoly_scheme.pdb_ins_code 
E 2 HOH 1 63 13 HOH HOH A . 
E 2 HOH 2 64 16 HOH HOH A . 
E 2 HOH 3 65 20 HOH HOH A . 
E 2 HOH 4 66 25 HOH HOH A . 
E 2 HOH 5 67 27 HOH HOH A . 
F 2 HOH 1 63 4  HOH HOH B . 
F 2 HOH 2 64 7  HOH HOH B . 
F 2 HOH 3 65 10 HOH HOH B . 
F 2 HOH 4 66 11 HOH HOH B . 
F 2 HOH 5 67 21 HOH HOH B . 
F 2 HOH 6 68 29 HOH HOH B . 
G 2 HOH 1 63 5  HOH HOH C . 
G 2 HOH 2 64 9  HOH HOH C . 
H 2 HOH 1 63 2  HOH HOH D . 
H 2 HOH 2 64 3  HOH HOH D . 
H 2 HOH 3 65 18 HOH HOH D . 
H 2 HOH 4 66 19 HOH HOH D . 
H 2 HOH 5 67 30 HOH HOH D . 
# 
loop_
_pdbx_struct_assembly.id 
_pdbx_struct_assembly.details 
_pdbx_struct_assembly.method_details 
_pdbx_struct_assembly.oligomeric_details 
_pdbx_struct_assembly.oligomeric_count 
1 author_and_software_defined_assembly PISA dimeric 2 
2 author_and_software_defined_assembly PISA dimeric 2 
# 
loop_
_pdbx_struct_assembly_gen.assembly_id 
_pdbx_struct_assembly_gen.oper_expression 
_pdbx_struct_assembly_gen.asym_id_list 
1 1 C,D,G,H 
2 1 A,B,E,F 
# 
loop_
_pdbx_struct_assembly_prop.biol_id 
_pdbx_struct_assembly_prop.type 
_pdbx_struct_assembly_prop.value 
_pdbx_struct_assembly_prop.details 
1 'ABSA (A^2)' 3310 ? 
1 MORE         -30  ? 
1 'SSA (A^2)'  7490 ? 
2 'ABSA (A^2)' 3240 ? 
2 MORE         -30  ? 
2 'SSA (A^2)'  7350 ? 
# 
_pdbx_struct_oper_list.id                   1 
_pdbx_struct_oper_list.type                 'identity operation' 
_pdbx_struct_oper_list.name                 1_555 
_pdbx_struct_oper_list.symmetry_operation   x,y,z 
_pdbx_struct_oper_list.matrix[1][1]         1.0000000000 
_pdbx_struct_oper_list.matrix[1][2]         0.0000000000 
_pdbx_struct_oper_list.matrix[1][3]         0.0000000000 
_pdbx_struct_oper_list.vector[1]            0.0000000000 
_pdbx_struct_oper_list.matrix[2][1]         0.0000000000 
_pdbx_struct_oper_list.matrix[2][2]         1.0000000000 
_pdbx_struct_oper_list.matrix[2][3]         0.0000000000 
_pdbx_struct_oper_list.vector[2]            0.0000000000 
_pdbx_struct_oper_list.matrix[3][1]         0.0000000000 
_pdbx_struct_oper_list.matrix[3][2]         0.0000000000 
_pdbx_struct_oper_list.matrix[3][3]         1.0000000000 
_pdbx_struct_oper_list.vector[3]            0.0000000000 
# 
loop_
_pdbx_audit_revision_history.ordinal 
_pdbx_audit_revision_history.data_content_type 
_pdbx_audit_revision_history.major_revision 
_pdbx_audit_revision_history.minor_revision 
_pdbx_audit_revision_history.revision_date 
1 'Structure model' 1 0 2008-07-01 
2 'Structure model' 1 1 2011-07-13 
3 'Structure model' 1 2 2017-10-18 
4 'Structure model' 1 3 2023-08-30 
# 
_pdbx_audit_revision_details.ordinal             1 
_pdbx_audit_revision_details.revision_ordinal    1 
_pdbx_audit_revision_details.data_content_type   'Structure model' 
_pdbx_audit_revision_details.provider            repository 
_pdbx_audit_revision_details.type                'Initial release' 
_pdbx_audit_revision_details.description         ? 
_pdbx_audit_revision_details.details             ? 
# 
loop_
_pdbx_audit_revision_group.ordinal 
_pdbx_audit_revision_group.revision_ordinal 
_pdbx_audit_revision_group.data_content_type 
_pdbx_audit_revision_group.group 
1 2 'Structure model' 'Version format compliance' 
2 3 'Structure model' 'Refinement description'    
3 4 'Structure model' 'Data collection'           
4 4 'Structure model' 'Database references'       
5 4 'Structure model' 'Refinement description'    
# 
loop_
_pdbx_audit_revision_category.ordinal 
_pdbx_audit_revision_category.revision_ordinal 
_pdbx_audit_revision_category.data_content_type 
_pdbx_audit_revision_category.category 
1 3 'Structure model' software                      
2 4 'Structure model' chem_comp_atom                
3 4 'Structure model' chem_comp_bond                
4 4 'Structure model' database_2                    
5 4 'Structure model' pdbx_initial_refinement_model 
# 
loop_
_pdbx_audit_revision_item.ordinal 
_pdbx_audit_revision_item.revision_ordinal 
_pdbx_audit_revision_item.data_content_type 
_pdbx_audit_revision_item.item 
1 4 'Structure model' '_database_2.pdbx_DOI'                
2 4 'Structure model' '_database_2.pdbx_database_accession' 
# 
loop_
_software.name 
_software.classification 
_software.version 
_software.citation_id 
_software.pdbx_ordinal 
DNA    'data collection' .   ? 1 
PHASER phasing           .   ? 2 
CNS    refinement        1.1 ? 3 
MOSFLM 'data reduction'  .   ? 4 
SCALA  'data scaling'    .   ? 5 
# 
loop_
_pdbx_validate_close_contact.id 
_pdbx_validate_close_contact.PDB_model_num 
_pdbx_validate_close_contact.auth_atom_id_1 
_pdbx_validate_close_contact.auth_asym_id_1 
_pdbx_validate_close_contact.auth_comp_id_1 
_pdbx_validate_close_contact.auth_seq_id_1 
_pdbx_validate_close_contact.PDB_ins_code_1 
_pdbx_validate_close_contact.label_alt_id_1 
_pdbx_validate_close_contact.auth_atom_id_2 
_pdbx_validate_close_contact.auth_asym_id_2 
_pdbx_validate_close_contact.auth_comp_id_2 
_pdbx_validate_close_contact.auth_seq_id_2 
_pdbx_validate_close_contact.PDB_ins_code_2 
_pdbx_validate_close_contact.label_alt_id_2 
_pdbx_validate_close_contact.dist 
1 1 O  D ARG 59 ? ? O D HOH 66 ? ? 2.12 
2 1 CA D ALA 60 ? ? O D HOH 64 ? ? 2.18 
# 
_pdbx_validate_rmsd_angle.id                         1 
_pdbx_validate_rmsd_angle.PDB_model_num              1 
_pdbx_validate_rmsd_angle.auth_atom_id_1             N 
_pdbx_validate_rmsd_angle.auth_asym_id_1             B 
_pdbx_validate_rmsd_angle.auth_comp_id_1             ALA 
_pdbx_validate_rmsd_angle.auth_seq_id_1              60 
_pdbx_validate_rmsd_angle.PDB_ins_code_1             ? 
_pdbx_validate_rmsd_angle.label_alt_id_1             ? 
_pdbx_validate_rmsd_angle.auth_atom_id_2             CA 
_pdbx_validate_rmsd_angle.auth_asym_id_2             B 
_pdbx_validate_rmsd_angle.auth_comp_id_2             ALA 
_pdbx_validate_rmsd_angle.auth_seq_id_2              60 
_pdbx_validate_rmsd_angle.PDB_ins_code_2             ? 
_pdbx_validate_rmsd_angle.label_alt_id_2             ? 
_pdbx_validate_rmsd_angle.auth_atom_id_3             C 
_pdbx_validate_rmsd_angle.auth_asym_id_3             B 
_pdbx_validate_rmsd_angle.auth_comp_id_3             ALA 
_pdbx_validate_rmsd_angle.auth_seq_id_3              60 
_pdbx_validate_rmsd_angle.PDB_ins_code_3             ? 
_pdbx_validate_rmsd_angle.label_alt_id_3             ? 
_pdbx_validate_rmsd_angle.angle_value                91.93 
_pdbx_validate_rmsd_angle.angle_target_value         111.00 
_pdbx_validate_rmsd_angle.angle_deviation            -19.07 
_pdbx_validate_rmsd_angle.angle_standard_deviation   2.70 
_pdbx_validate_rmsd_angle.linker_flag                N 
# 
loop_
_pdbx_validate_torsion.id 
_pdbx_validate_torsion.PDB_model_num 
_pdbx_validate_torsion.auth_comp_id 
_pdbx_validate_torsion.auth_asym_id 
_pdbx_validate_torsion.auth_seq_id 
_pdbx_validate_torsion.PDB_ins_code 
_pdbx_validate_torsion.label_alt_id 
_pdbx_validate_torsion.phi 
_pdbx_validate_torsion.psi 
1 1 ASP A 11 ? ? -169.64 -4.72   
2 1 LEU A 12 ? ? 125.28  129.92  
3 1 SER B 55 ? ? -65.16  -73.67  
4 1 SER D 13 ? ? -68.02  -174.42 
# 
loop_
_pdbx_unobs_or_zero_occ_atoms.id 
_pdbx_unobs_or_zero_occ_atoms.PDB_model_num 
_pdbx_unobs_or_zero_occ_atoms.polymer_flag 
_pdbx_unobs_or_zero_occ_atoms.occupancy_flag 
_pdbx_unobs_or_zero_occ_atoms.auth_asym_id 
_pdbx_unobs_or_zero_occ_atoms.auth_comp_id 
_pdbx_unobs_or_zero_occ_atoms.auth_seq_id 
_pdbx_unobs_or_zero_occ_atoms.PDB_ins_code 
_pdbx_unobs_or_zero_occ_atoms.auth_atom_id 
_pdbx_unobs_or_zero_occ_atoms.label_alt_id 
_pdbx_unobs_or_zero_occ_atoms.label_asym_id 
_pdbx_unobs_or_zero_occ_atoms.label_comp_id 
_pdbx_unobs_or_zero_occ_atoms.label_seq_id 
_pdbx_unobs_or_zero_occ_atoms.label_atom_id 
1  1 Y 1 A VAL 10 ? CG1 ? A VAL 2  CG1 
2  1 Y 1 A VAL 10 ? CG2 ? A VAL 2  CG2 
3  1 Y 1 B GLU 37 ? CG  ? B GLU 29 CG  
4  1 Y 1 B GLU 37 ? CD  ? B GLU 29 CD  
5  1 Y 1 B GLU 37 ? OE1 ? B GLU 29 OE1 
6  1 Y 1 B GLU 37 ? OE2 ? B GLU 29 OE2 
7  1 Y 1 B ARG 59 ? CG  ? B ARG 51 CG  
8  1 Y 1 B ARG 59 ? CD  ? B ARG 51 CD  
9  1 Y 1 B ARG 59 ? NE  ? B ARG 51 NE  
10 1 Y 1 B ARG 59 ? CZ  ? B ARG 51 CZ  
11 1 Y 1 B ARG 59 ? NH1 ? B ARG 51 NH1 
12 1 Y 1 B ARG 59 ? NH2 ? B ARG 51 NH2 
13 1 Y 1 C LEU 9  ? CG  ? C LEU 1  CG  
14 1 Y 1 C LEU 9  ? CD1 ? C LEU 1  CD1 
15 1 Y 1 C LEU 9  ? CD2 ? C LEU 1  CD2 
16 1 Y 1 D GLU 37 ? CG  ? D GLU 29 CG  
17 1 Y 1 D GLU 37 ? CD  ? D GLU 29 CD  
18 1 Y 1 D GLU 37 ? OE1 ? D GLU 29 OE1 
19 1 Y 1 D GLU 37 ? OE2 ? D GLU 29 OE2 
20 1 Y 1 D ARG 59 ? CG  ? D ARG 51 CG  
21 1 Y 1 D ARG 59 ? CD  ? D ARG 51 CD  
22 1 Y 1 D ARG 59 ? NE  ? D ARG 51 NE  
23 1 Y 1 D ARG 59 ? CZ  ? D ARG 51 CZ  
24 1 Y 1 D ARG 59 ? NH1 ? D ARG 51 NH1 
25 1 Y 1 D ARG 59 ? NH2 ? D ARG 51 NH2 
# 
loop_
_pdbx_unobs_or_zero_occ_residues.id 
_pdbx_unobs_or_zero_occ_residues.PDB_model_num 
_pdbx_unobs_or_zero_occ_residues.polymer_flag 
_pdbx_unobs_or_zero_occ_residues.occupancy_flag 
_pdbx_unobs_or_zero_occ_residues.auth_asym_id 
_pdbx_unobs_or_zero_occ_residues.auth_comp_id 
_pdbx_unobs_or_zero_occ_residues.auth_seq_id 
_pdbx_unobs_or_zero_occ_residues.PDB_ins_code 
_pdbx_unobs_or_zero_occ_residues.label_asym_id 
_pdbx_unobs_or_zero_occ_residues.label_comp_id 
_pdbx_unobs_or_zero_occ_residues.label_seq_id 
1 1 Y 1 A LEU 9  ? A LEU 1 
2 1 Y 1 B LEU 9  ? B LEU 1 
3 1 Y 1 B VAL 10 ? B VAL 2 
4 1 Y 1 D LEU 9  ? D LEU 1 
5 1 Y 1 D VAL 10 ? D VAL 2 
# 
loop_
_chem_comp_atom.comp_id 
_chem_comp_atom.atom_id 
_chem_comp_atom.type_symbol 
_chem_comp_atom.pdbx_aromatic_flag 
_chem_comp_atom.pdbx_stereo_config 
_chem_comp_atom.pdbx_ordinal 
ALA N    N N N 1   
ALA CA   C N S 2   
ALA C    C N N 3   
ALA O    O N N 4   
ALA CB   C N N 5   
ALA OXT  O N N 6   
ALA H    H N N 7   
ALA H2   H N N 8   
ALA HA   H N N 9   
ALA HB1  H N N 10  
ALA HB2  H N N 11  
ALA HB3  H N N 12  
ALA HXT  H N N 13  
ARG N    N N N 14  
ARG CA   C N S 15  
ARG C    C N N 16  
ARG O    O N N 17  
ARG CB   C N N 18  
ARG CG   C N N 19  
ARG CD   C N N 20  
ARG NE   N N N 21  
ARG CZ   C N N 22  
ARG NH1  N N N 23  
ARG NH2  N N N 24  
ARG OXT  O N N 25  
ARG H    H N N 26  
ARG H2   H N N 27  
ARG HA   H N N 28  
ARG HB2  H N N 29  
ARG HB3  H N N 30  
ARG HG2  H N N 31  
ARG HG3  H N N 32  
ARG HD2  H N N 33  
ARG HD3  H N N 34  
ARG HE   H N N 35  
ARG HH11 H N N 36  
ARG HH12 H N N 37  
ARG HH21 H N N 38  
ARG HH22 H N N 39  
ARG HXT  H N N 40  
ASN N    N N N 41  
ASN CA   C N S 42  
ASN C    C N N 43  
ASN O    O N N 44  
ASN CB   C N N 45  
ASN CG   C N N 46  
ASN OD1  O N N 47  
ASN ND2  N N N 48  
ASN OXT  O N N 49  
ASN H    H N N 50  
ASN H2   H N N 51  
ASN HA   H N N 52  
ASN HB2  H N N 53  
ASN HB3  H N N 54  
ASN HD21 H N N 55  
ASN HD22 H N N 56  
ASN HXT  H N N 57  
ASP N    N N N 58  
ASP CA   C N S 59  
ASP C    C N N 60  
ASP O    O N N 61  
ASP CB   C N N 62  
ASP CG   C N N 63  
ASP OD1  O N N 64  
ASP OD2  O N N 65  
ASP OXT  O N N 66  
ASP H    H N N 67  
ASP H2   H N N 68  
ASP HA   H N N 69  
ASP HB2  H N N 70  
ASP HB3  H N N 71  
ASP HD2  H N N 72  
ASP HXT  H N N 73  
GLN N    N N N 74  
GLN CA   C N S 75  
GLN C    C N N 76  
GLN O    O N N 77  
GLN CB   C N N 78  
GLN CG   C N N 79  
GLN CD   C N N 80  
GLN OE1  O N N 81  
GLN NE2  N N N 82  
GLN OXT  O N N 83  
GLN H    H N N 84  
GLN H2   H N N 85  
GLN HA   H N N 86  
GLN HB2  H N N 87  
GLN HB3  H N N 88  
GLN HG2  H N N 89  
GLN HG3  H N N 90  
GLN HE21 H N N 91  
GLN HE22 H N N 92  
GLN HXT  H N N 93  
GLU N    N N N 94  
GLU CA   C N S 95  
GLU C    C N N 96  
GLU O    O N N 97  
GLU CB   C N N 98  
GLU CG   C N N 99  
GLU CD   C N N 100 
GLU OE1  O N N 101 
GLU OE2  O N N 102 
GLU OXT  O N N 103 
GLU H    H N N 104 
GLU H2   H N N 105 
GLU HA   H N N 106 
GLU HB2  H N N 107 
GLU HB3  H N N 108 
GLU HG2  H N N 109 
GLU HG3  H N N 110 
GLU HE2  H N N 111 
GLU HXT  H N N 112 
HOH O    O N N 113 
HOH H1   H N N 114 
HOH H2   H N N 115 
ILE N    N N N 116 
ILE CA   C N S 117 
ILE C    C N N 118 
ILE O    O N N 119 
ILE CB   C N S 120 
ILE CG1  C N N 121 
ILE CG2  C N N 122 
ILE CD1  C N N 123 
ILE OXT  O N N 124 
ILE H    H N N 125 
ILE H2   H N N 126 
ILE HA   H N N 127 
ILE HB   H N N 128 
ILE HG12 H N N 129 
ILE HG13 H N N 130 
ILE HG21 H N N 131 
ILE HG22 H N N 132 
ILE HG23 H N N 133 
ILE HD11 H N N 134 
ILE HD12 H N N 135 
ILE HD13 H N N 136 
ILE HXT  H N N 137 
LEU N    N N N 138 
LEU CA   C N S 139 
LEU C    C N N 140 
LEU O    O N N 141 
LEU CB   C N N 142 
LEU CG   C N N 143 
LEU CD1  C N N 144 
LEU CD2  C N N 145 
LEU OXT  O N N 146 
LEU H    H N N 147 
LEU H2   H N N 148 
LEU HA   H N N 149 
LEU HB2  H N N 150 
LEU HB3  H N N 151 
LEU HG   H N N 152 
LEU HD11 H N N 153 
LEU HD12 H N N 154 
LEU HD13 H N N 155 
LEU HD21 H N N 156 
LEU HD22 H N N 157 
LEU HD23 H N N 158 
LEU HXT  H N N 159 
LYS N    N N N 160 
LYS CA   C N S 161 
LYS C    C N N 162 
LYS O    O N N 163 
LYS CB   C N N 164 
LYS CG   C N N 165 
LYS CD   C N N 166 
LYS CE   C N N 167 
LYS NZ   N N N 168 
LYS OXT  O N N 169 
LYS H    H N N 170 
LYS H2   H N N 171 
LYS HA   H N N 172 
LYS HB2  H N N 173 
LYS HB3  H N N 174 
LYS HG2  H N N 175 
LYS HG3  H N N 176 
LYS HD2  H N N 177 
LYS HD3  H N N 178 
LYS HE2  H N N 179 
LYS HE3  H N N 180 
LYS HZ1  H N N 181 
LYS HZ2  H N N 182 
LYS HZ3  H N N 183 
LYS HXT  H N N 184 
MET N    N N N 185 
MET CA   C N S 186 
MET C    C N N 187 
MET O    O N N 188 
MET CB   C N N 189 
MET CG   C N N 190 
MET SD   S N N 191 
MET CE   C N N 192 
MET OXT  O N N 193 
MET H    H N N 194 
MET H2   H N N 195 
MET HA   H N N 196 
MET HB2  H N N 197 
MET HB3  H N N 198 
MET HG2  H N N 199 
MET HG3  H N N 200 
MET HE1  H N N 201 
MET HE2  H N N 202 
MET HE3  H N N 203 
MET HXT  H N N 204 
PHE N    N N N 205 
PHE CA   C N S 206 
PHE C    C N N 207 
PHE O    O N N 208 
PHE CB   C N N 209 
PHE CG   C Y N 210 
PHE CD1  C Y N 211 
PHE CD2  C Y N 212 
PHE CE1  C Y N 213 
PHE CE2  C Y N 214 
PHE CZ   C Y N 215 
PHE OXT  O N N 216 
PHE H    H N N 217 
PHE H2   H N N 218 
PHE HA   H N N 219 
PHE HB2  H N N 220 
PHE HB3  H N N 221 
PHE HD1  H N N 222 
PHE HD2  H N N 223 
PHE HE1  H N N 224 
PHE HE2  H N N 225 
PHE HZ   H N N 226 
PHE HXT  H N N 227 
SER N    N N N 228 
SER CA   C N S 229 
SER C    C N N 230 
SER O    O N N 231 
SER CB   C N N 232 
SER OG   O N N 233 
SER OXT  O N N 234 
SER H    H N N 235 
SER H2   H N N 236 
SER HA   H N N 237 
SER HB2  H N N 238 
SER HB3  H N N 239 
SER HG   H N N 240 
SER HXT  H N N 241 
VAL N    N N N 242 
VAL CA   C N S 243 
VAL C    C N N 244 
VAL O    O N N 245 
VAL CB   C N N 246 
VAL CG1  C N N 247 
VAL CG2  C N N 248 
VAL OXT  O N N 249 
VAL H    H N N 250 
VAL H2   H N N 251 
VAL HA   H N N 252 
VAL HB   H N N 253 
VAL HG11 H N N 254 
VAL HG12 H N N 255 
VAL HG13 H N N 256 
VAL HG21 H N N 257 
VAL HG22 H N N 258 
VAL HG23 H N N 259 
VAL HXT  H N N 260 
# 
loop_
_chem_comp_bond.comp_id 
_chem_comp_bond.atom_id_1 
_chem_comp_bond.atom_id_2 
_chem_comp_bond.value_order 
_chem_comp_bond.pdbx_aromatic_flag 
_chem_comp_bond.pdbx_stereo_config 
_chem_comp_bond.pdbx_ordinal 
ALA N   CA   sing N N 1   
ALA N   H    sing N N 2   
ALA N   H2   sing N N 3   
ALA CA  C    sing N N 4   
ALA CA  CB   sing N N 5   
ALA CA  HA   sing N N 6   
ALA C   O    doub N N 7   
ALA C   OXT  sing N N 8   
ALA CB  HB1  sing N N 9   
ALA CB  HB2  sing N N 10  
ALA CB  HB3  sing N N 11  
ALA OXT HXT  sing N N 12  
ARG N   CA   sing N N 13  
ARG N   H    sing N N 14  
ARG N   H2   sing N N 15  
ARG CA  C    sing N N 16  
ARG CA  CB   sing N N 17  
ARG CA  HA   sing N N 18  
ARG C   O    doub N N 19  
ARG C   OXT  sing N N 20  
ARG CB  CG   sing N N 21  
ARG CB  HB2  sing N N 22  
ARG CB  HB3  sing N N 23  
ARG CG  CD   sing N N 24  
ARG CG  HG2  sing N N 25  
ARG CG  HG3  sing N N 26  
ARG CD  NE   sing N N 27  
ARG CD  HD2  sing N N 28  
ARG CD  HD3  sing N N 29  
ARG NE  CZ   sing N N 30  
ARG NE  HE   sing N N 31  
ARG CZ  NH1  sing N N 32  
ARG CZ  NH2  doub N N 33  
ARG NH1 HH11 sing N N 34  
ARG NH1 HH12 sing N N 35  
ARG NH2 HH21 sing N N 36  
ARG NH2 HH22 sing N N 37  
ARG OXT HXT  sing N N 38  
ASN N   CA   sing N N 39  
ASN N   H    sing N N 40  
ASN N   H2   sing N N 41  
ASN CA  C    sing N N 42  
ASN CA  CB   sing N N 43  
ASN CA  HA   sing N N 44  
ASN C   O    doub N N 45  
ASN C   OXT  sing N N 46  
ASN CB  CG   sing N N 47  
ASN CB  HB2  sing N N 48  
ASN CB  HB3  sing N N 49  
ASN CG  OD1  doub N N 50  
ASN CG  ND2  sing N N 51  
ASN ND2 HD21 sing N N 52  
ASN ND2 HD22 sing N N 53  
ASN OXT HXT  sing N N 54  
ASP N   CA   sing N N 55  
ASP N   H    sing N N 56  
ASP N   H2   sing N N 57  
ASP CA  C    sing N N 58  
ASP CA  CB   sing N N 59  
ASP CA  HA   sing N N 60  
ASP C   O    doub N N 61  
ASP C   OXT  sing N N 62  
ASP CB  CG   sing N N 63  
ASP CB  HB2  sing N N 64  
ASP CB  HB3  sing N N 65  
ASP CG  OD1  doub N N 66  
ASP CG  OD2  sing N N 67  
ASP OD2 HD2  sing N N 68  
ASP OXT HXT  sing N N 69  
GLN N   CA   sing N N 70  
GLN N   H    sing N N 71  
GLN N   H2   sing N N 72  
GLN CA  C    sing N N 73  
GLN CA  CB   sing N N 74  
GLN CA  HA   sing N N 75  
GLN C   O    doub N N 76  
GLN C   OXT  sing N N 77  
GLN CB  CG   sing N N 78  
GLN CB  HB2  sing N N 79  
GLN CB  HB3  sing N N 80  
GLN CG  CD   sing N N 81  
GLN CG  HG2  sing N N 82  
GLN CG  HG3  sing N N 83  
GLN CD  OE1  doub N N 84  
GLN CD  NE2  sing N N 85  
GLN NE2 HE21 sing N N 86  
GLN NE2 HE22 sing N N 87  
GLN OXT HXT  sing N N 88  
GLU N   CA   sing N N 89  
GLU N   H    sing N N 90  
GLU N   H2   sing N N 91  
GLU CA  C    sing N N 92  
GLU CA  CB   sing N N 93  
GLU CA  HA   sing N N 94  
GLU C   O    doub N N 95  
GLU C   OXT  sing N N 96  
GLU CB  CG   sing N N 97  
GLU CB  HB2  sing N N 98  
GLU CB  HB3  sing N N 99  
GLU CG  CD   sing N N 100 
GLU CG  HG2  sing N N 101 
GLU CG  HG3  sing N N 102 
GLU CD  OE1  doub N N 103 
GLU CD  OE2  sing N N 104 
GLU OE2 HE2  sing N N 105 
GLU OXT HXT  sing N N 106 
HOH O   H1   sing N N 107 
HOH O   H2   sing N N 108 
ILE N   CA   sing N N 109 
ILE N   H    sing N N 110 
ILE N   H2   sing N N 111 
ILE CA  C    sing N N 112 
ILE CA  CB   sing N N 113 
ILE CA  HA   sing N N 114 
ILE C   O    doub N N 115 
ILE C   OXT  sing N N 116 
ILE CB  CG1  sing N N 117 
ILE CB  CG2  sing N N 118 
ILE CB  HB   sing N N 119 
ILE CG1 CD1  sing N N 120 
ILE CG1 HG12 sing N N 121 
ILE CG1 HG13 sing N N 122 
ILE CG2 HG21 sing N N 123 
ILE CG2 HG22 sing N N 124 
ILE CG2 HG23 sing N N 125 
ILE CD1 HD11 sing N N 126 
ILE CD1 HD12 sing N N 127 
ILE CD1 HD13 sing N N 128 
ILE OXT HXT  sing N N 129 
LEU N   CA   sing N N 130 
LEU N   H    sing N N 131 
LEU N   H2   sing N N 132 
LEU CA  C    sing N N 133 
LEU CA  CB   sing N N 134 
LEU CA  HA   sing N N 135 
LEU C   O    doub N N 136 
LEU C   OXT  sing N N 137 
LEU CB  CG   sing N N 138 
LEU CB  HB2  sing N N 139 
LEU CB  HB3  sing N N 140 
LEU CG  CD1  sing N N 141 
LEU CG  CD2  sing N N 142 
LEU CG  HG   sing N N 143 
LEU CD1 HD11 sing N N 144 
LEU CD1 HD12 sing N N 145 
LEU CD1 HD13 sing N N 146 
LEU CD2 HD21 sing N N 147 
LEU CD2 HD22 sing N N 148 
LEU CD2 HD23 sing N N 149 
LEU OXT HXT  sing N N 150 
LYS N   CA   sing N N 151 
LYS N   H    sing N N 152 
LYS N   H2   sing N N 153 
LYS CA  C    sing N N 154 
LYS CA  CB   sing N N 155 
LYS CA  HA   sing N N 156 
LYS C   O    doub N N 157 
LYS C   OXT  sing N N 158 
LYS CB  CG   sing N N 159 
LYS CB  HB2  sing N N 160 
LYS CB  HB3  sing N N 161 
LYS CG  CD   sing N N 162 
LYS CG  HG2  sing N N 163 
LYS CG  HG3  sing N N 164 
LYS CD  CE   sing N N 165 
LYS CD  HD2  sing N N 166 
LYS CD  HD3  sing N N 167 
LYS CE  NZ   sing N N 168 
LYS CE  HE2  sing N N 169 
LYS CE  HE3  sing N N 170 
LYS NZ  HZ1  sing N N 171 
LYS NZ  HZ2  sing N N 172 
LYS NZ  HZ3  sing N N 173 
LYS OXT HXT  sing N N 174 
MET N   CA   sing N N 175 
MET N   H    sing N N 176 
MET N   H2   sing N N 177 
MET CA  C    sing N N 178 
MET CA  CB   sing N N 179 
MET CA  HA   sing N N 180 
MET C   O    doub N N 181 
MET C   OXT  sing N N 182 
MET CB  CG   sing N N 183 
MET CB  HB2  sing N N 184 
MET CB  HB3  sing N N 185 
MET CG  SD   sing N N 186 
MET CG  HG2  sing N N 187 
MET CG  HG3  sing N N 188 
MET SD  CE   sing N N 189 
MET CE  HE1  sing N N 190 
MET CE  HE2  sing N N 191 
MET CE  HE3  sing N N 192 
MET OXT HXT  sing N N 193 
PHE N   CA   sing N N 194 
PHE N   H    sing N N 195 
PHE N   H2   sing N N 196 
PHE CA  C    sing N N 197 
PHE CA  CB   sing N N 198 
PHE CA  HA   sing N N 199 
PHE C   O    doub N N 200 
PHE C   OXT  sing N N 201 
PHE CB  CG   sing N N 202 
PHE CB  HB2  sing N N 203 
PHE CB  HB3  sing N N 204 
PHE CG  CD1  doub Y N 205 
PHE CG  CD2  sing Y N 206 
PHE CD1 CE1  sing Y N 207 
PHE CD1 HD1  sing N N 208 
PHE CD2 CE2  doub Y N 209 
PHE CD2 HD2  sing N N 210 
PHE CE1 CZ   doub Y N 211 
PHE CE1 HE1  sing N N 212 
PHE CE2 CZ   sing Y N 213 
PHE CE2 HE2  sing N N 214 
PHE CZ  HZ   sing N N 215 
PHE OXT HXT  sing N N 216 
SER N   CA   sing N N 217 
SER N   H    sing N N 218 
SER N   H2   sing N N 219 
SER CA  C    sing N N 220 
SER CA  CB   sing N N 221 
SER CA  HA   sing N N 222 
SER C   O    doub N N 223 
SER C   OXT  sing N N 224 
SER CB  OG   sing N N 225 
SER CB  HB2  sing N N 226 
SER CB  HB3  sing N N 227 
SER OG  HG   sing N N 228 
SER OXT HXT  sing N N 229 
VAL N   CA   sing N N 230 
VAL N   H    sing N N 231 
VAL N   H2   sing N N 232 
VAL CA  C    sing N N 233 
VAL CA  CB   sing N N 234 
VAL CA  HA   sing N N 235 
VAL C   O    doub N N 236 
VAL C   OXT  sing N N 237 
VAL CB  CG1  sing N N 238 
VAL CB  CG2  sing N N 239 
VAL CB  HB   sing N N 240 
VAL CG1 HG11 sing N N 241 
VAL CG1 HG12 sing N N 242 
VAL CG1 HG13 sing N N 243 
VAL CG2 HG21 sing N N 244 
VAL CG2 HG22 sing N N 245 
VAL CG2 HG23 sing N N 246 
VAL OXT HXT  sing N N 247 
# 
_pdbx_entity_nonpoly.entity_id   2 
_pdbx_entity_nonpoly.name        water 
_pdbx_entity_nonpoly.comp_id     HOH 
# 
_pdbx_initial_refinement_model.id               1 
_pdbx_initial_refinement_model.entity_id_list   ? 
_pdbx_initial_refinement_model.type             'experimental model' 
_pdbx_initial_refinement_model.source_name      PDB 
_pdbx_initial_refinement_model.accession_code   2Q8V 
_pdbx_initial_refinement_model.details          ? 
# 
